data_4LXD
# 
_entry.id   4LXD 
# 
_audit_conform.dict_name       mmcif_pdbx.dic 
_audit_conform.dict_version    5.387 
_audit_conform.dict_location   http://mmcif.pdb.org/dictionaries/ascii/mmcif_pdbx.dic 
# 
loop_
_database_2.database_id 
_database_2.database_code 
_database_2.pdbx_database_accession 
_database_2.pdbx_DOI 
PDB   4LXD         pdb_00004lxd 10.2210/pdb4lxd/pdb 
RCSB  RCSB081204   ?            ?                   
WWPDB D_1000081204 ?            ?                   
# 
loop_
_pdbx_audit_revision_history.ordinal 
_pdbx_audit_revision_history.data_content_type 
_pdbx_audit_revision_history.major_revision 
_pdbx_audit_revision_history.minor_revision 
_pdbx_audit_revision_history.revision_date 
1 'Structure model' 1 0 2013-08-14 
2 'Structure model' 1 1 2017-08-02 
3 'Structure model' 1 2 2024-02-28 
# 
_pdbx_audit_revision_details.ordinal             1 
_pdbx_audit_revision_details.revision_ordinal    1 
_pdbx_audit_revision_details.data_content_type   'Structure model' 
_pdbx_audit_revision_details.provider            repository 
_pdbx_audit_revision_details.type                'Initial release' 
_pdbx_audit_revision_details.description         ? 
_pdbx_audit_revision_details.details             ? 
# 
loop_
_pdbx_audit_revision_group.ordinal 
_pdbx_audit_revision_group.revision_ordinal 
_pdbx_audit_revision_group.data_content_type 
_pdbx_audit_revision_group.group 
1 2 'Structure model' 'Refinement description' 
2 2 'Structure model' 'Source and taxonomy'    
3 3 'Structure model' 'Data collection'        
4 3 'Structure model' 'Database references'    
5 3 'Structure model' 'Derived calculations'   
# 
loop_
_pdbx_audit_revision_category.ordinal 
_pdbx_audit_revision_category.revision_ordinal 
_pdbx_audit_revision_category.data_content_type 
_pdbx_audit_revision_category.category 
1 2 'Structure model' entity_src_gen     
2 2 'Structure model' software           
3 3 'Structure model' chem_comp_atom     
4 3 'Structure model' chem_comp_bond     
5 3 'Structure model' database_2         
6 3 'Structure model' struct_ref_seq_dif 
7 3 'Structure model' struct_site        
# 
loop_
_pdbx_audit_revision_item.ordinal 
_pdbx_audit_revision_item.revision_ordinal 
_pdbx_audit_revision_item.data_content_type 
_pdbx_audit_revision_item.item 
1 3 'Structure model' '_database_2.pdbx_DOI'                
2 3 'Structure model' '_database_2.pdbx_database_accession' 
3 3 'Structure model' '_struct_ref_seq_dif.details'         
4 3 'Structure model' '_struct_site.pdbx_auth_asym_id'      
5 3 'Structure model' '_struct_site.pdbx_auth_comp_id'      
6 3 'Structure model' '_struct_site.pdbx_auth_seq_id'       
# 
_pdbx_database_status.status_code                     REL 
_pdbx_database_status.entry_id                        4LXD 
_pdbx_database_status.recvd_initial_deposition_date   2013-07-29 
_pdbx_database_status.deposit_site                    RCSB 
_pdbx_database_status.process_site                    RCSB 
_pdbx_database_status.status_code_sf                  REL 
_pdbx_database_status.status_code_mr                  ? 
_pdbx_database_status.SG_entry                        ? 
_pdbx_database_status.status_code_cs                  ? 
_pdbx_database_status.methods_development_category    ? 
_pdbx_database_status.pdb_format_compatible           Y 
_pdbx_database_status.status_code_nmr_data            ? 
# 
loop_
_pdbx_database_related.db_name 
_pdbx_database_related.db_id 
_pdbx_database_related.details 
_pdbx_database_related.content_type 
PDB 4LVT . unspecified 
PDB 4LXE . unspecified 
# 
_audit_author.name           'Park, C.H.' 
_audit_author.pdbx_ordinal   1 
# 
_citation.id                        primary 
_citation.title                     
'ABT-199, a potent and selective BCL-2 inhibitor, achieves antitumor activity while sparing platelets.' 
_citation.journal_abbrev            'NAT.MED. (N.Y.)' 
_citation.journal_volume            19 
_citation.page_first                202 
_citation.page_last                 208 
_citation.year                      2013 
_citation.journal_id_ASTM           NAMEFI 
_citation.country                   US 
_citation.journal_id_ISSN           1078-8956 
_citation.journal_id_CSD            2148 
_citation.book_publisher            ? 
_citation.pdbx_database_id_PubMed   23291630 
_citation.pdbx_database_id_DOI      10.1038/nm.3048 
# 
loop_
_citation_author.citation_id 
_citation_author.name 
_citation_author.ordinal 
_citation_author.identifier_ORCID 
primary 'Souers, A.J.'        1  ? 
primary 'Leverson, J.D.'      2  ? 
primary 'Boghaert, E.R.'      3  ? 
primary 'Ackler, S.L.'        4  ? 
primary 'Catron, N.D.'        5  ? 
primary 'Chen, J.'            6  ? 
primary 'Dayton, B.D.'        7  ? 
primary 'Ding, H.'            8  ? 
primary 'Enschede, S.H.'      9  ? 
primary 'Fairbrother, W.J.'   10 ? 
primary 'Huang, D.C.'         11 ? 
primary 'Hymowitz, S.G.'      12 ? 
primary 'Jin, S.'             13 ? 
primary 'Khaw, S.L.'          14 ? 
primary 'Kovar, P.J.'         15 ? 
primary 'Lam, L.T.'           16 ? 
primary 'Lee, J.'             17 ? 
primary 'Maecker, H.L.'       18 ? 
primary 'Marsh, K.C.'         19 ? 
primary 'Mason, K.D.'         20 ? 
primary 'Mitten, M.J.'        21 ? 
primary 'Nimmer, P.M.'        22 ? 
primary 'Oleksijew, A.'       23 ? 
primary 'Park, C.H.'          24 ? 
primary 'Park, C.M.'          25 ? 
primary 'Phillips, D.C.'      26 ? 
primary 'Roberts, A.W.'       27 ? 
primary 'Sampath, D.'         28 ? 
primary 'Seymour, J.F.'       29 ? 
primary 'Smith, M.L.'         30 ? 
primary 'Sullivan, G.M.'      31 ? 
primary 'Tahir, S.K.'         32 ? 
primary 'Tse, C.'             33 ? 
primary 'Wendt, M.D.'         34 ? 
primary 'Xiao, Y.'            35 ? 
primary 'Xue, J.C.'           36 ? 
primary 'Zhang, H.'           37 ? 
primary 'Humerickhouse, R.A.' 38 ? 
primary 'Rosenberg, S.H.'     39 ? 
primary 'Elmore, S.W.'        40 ? 
# 
loop_
_entity.id 
_entity.type 
_entity.src_method 
_entity.pdbx_description 
_entity.formula_weight 
_entity.pdbx_number_of_molecules 
_entity.pdbx_ec 
_entity.pdbx_mutation 
_entity.pdbx_fragment 
_entity.details 
1 polymer     man 'Apoptosis regulator Bcl-2' 19383.594 1   ? A2P 'UNP RESIDUES 1-34, 92-207' ? 
2 non-polymer syn 
;4-(4-{[4-(4-chlorophenyl)-5,6-dihydro-2H-pyran-3-yl]methyl}piperazin-1-yl)-N-{[3-nitro-4-(tetrahydro-2H-pyran-4-ylamino)phenyl]sulfonyl}benzamide
;
696.213   1   ? ?   ?                           ? 
3 water       nat water 18.015    231 ? ?   ?                           ? 
# 
_entity_poly.entity_id                      1 
_entity_poly.type                           'polypeptide(L)' 
_entity_poly.nstd_linkage                   no 
_entity_poly.nstd_monomer                   no 
_entity_poly.pdbx_seq_one_letter_code       
;MAHPGRTGYDNREIVMKYIHYKLSQRGYEWDAGDDVEENRTEAPEGTESEVVHLTLRQAGDDFSRRYRRDFAEMSSQLHL
TPFTARGRFATVVEELFRDGVNWGRIVAFFEFGGVMCVESVNREMSPLVDNIALWMTEYLNRHLHTWIQDNGGWDAFVEL
YGPSMR
;
_entity_poly.pdbx_seq_one_letter_code_can   
;MAHPGRTGYDNREIVMKYIHYKLSQRGYEWDAGDDVEENRTEAPEGTESEVVHLTLRQAGDDFSRRYRRDFAEMSSQLHL
TPFTARGRFATVVEELFRDGVNWGRIVAFFEFGGVMCVESVNREMSPLVDNIALWMTEYLNRHLHTWIQDNGGWDAFVEL
YGPSMR
;
_entity_poly.pdbx_strand_id                 A 
_entity_poly.pdbx_target_identifier         ? 
# 
loop_
_pdbx_entity_nonpoly.entity_id 
_pdbx_entity_nonpoly.name 
_pdbx_entity_nonpoly.comp_id 
2 
;4-(4-{[4-(4-chlorophenyl)-5,6-dihydro-2H-pyran-3-yl]methyl}piperazin-1-yl)-N-{[3-nitro-4-(tetrahydro-2H-pyran-4-ylamino)phenyl]sulfonyl}benzamide
;
1XV 
3 water HOH 
# 
loop_
_entity_poly_seq.entity_id 
_entity_poly_seq.num 
_entity_poly_seq.mon_id 
_entity_poly_seq.hetero 
1 1   MET n 
1 2   ALA n 
1 3   HIS n 
1 4   PRO n 
1 5   GLY n 
1 6   ARG n 
1 7   THR n 
1 8   GLY n 
1 9   TYR n 
1 10  ASP n 
1 11  ASN n 
1 12  ARG n 
1 13  GLU n 
1 14  ILE n 
1 15  VAL n 
1 16  MET n 
1 17  LYS n 
1 18  TYR n 
1 19  ILE n 
1 20  HIS n 
1 21  TYR n 
1 22  LYS n 
1 23  LEU n 
1 24  SER n 
1 25  GLN n 
1 26  ARG n 
1 27  GLY n 
1 28  TYR n 
1 29  GLU n 
1 30  TRP n 
1 31  ASP n 
1 32  ALA n 
1 33  GLY n 
1 34  ASP n 
1 35  ASP n 
1 36  VAL n 
1 37  GLU n 
1 38  GLU n 
1 39  ASN n 
1 40  ARG n 
1 41  THR n 
1 42  GLU n 
1 43  ALA n 
1 44  PRO n 
1 45  GLU n 
1 46  GLY n 
1 47  THR n 
1 48  GLU n 
1 49  SER n 
1 50  GLU n 
1 51  VAL n 
1 52  VAL n 
1 53  HIS n 
1 54  LEU n 
1 55  THR n 
1 56  LEU n 
1 57  ARG n 
1 58  GLN n 
1 59  ALA n 
1 60  GLY n 
1 61  ASP n 
1 62  ASP n 
1 63  PHE n 
1 64  SER n 
1 65  ARG n 
1 66  ARG n 
1 67  TYR n 
1 68  ARG n 
1 69  ARG n 
1 70  ASP n 
1 71  PHE n 
1 72  ALA n 
1 73  GLU n 
1 74  MET n 
1 75  SER n 
1 76  SER n 
1 77  GLN n 
1 78  LEU n 
1 79  HIS n 
1 80  LEU n 
1 81  THR n 
1 82  PRO n 
1 83  PHE n 
1 84  THR n 
1 85  ALA n 
1 86  ARG n 
1 87  GLY n 
1 88  ARG n 
1 89  PHE n 
1 90  ALA n 
1 91  THR n 
1 92  VAL n 
1 93  VAL n 
1 94  GLU n 
1 95  GLU n 
1 96  LEU n 
1 97  PHE n 
1 98  ARG n 
1 99  ASP n 
1 100 GLY n 
1 101 VAL n 
1 102 ASN n 
1 103 TRP n 
1 104 GLY n 
1 105 ARG n 
1 106 ILE n 
1 107 VAL n 
1 108 ALA n 
1 109 PHE n 
1 110 PHE n 
1 111 GLU n 
1 112 PHE n 
1 113 GLY n 
1 114 GLY n 
1 115 VAL n 
1 116 MET n 
1 117 CYS n 
1 118 VAL n 
1 119 GLU n 
1 120 SER n 
1 121 VAL n 
1 122 ASN n 
1 123 ARG n 
1 124 GLU n 
1 125 MET n 
1 126 SER n 
1 127 PRO n 
1 128 LEU n 
1 129 VAL n 
1 130 ASP n 
1 131 ASN n 
1 132 ILE n 
1 133 ALA n 
1 134 LEU n 
1 135 TRP n 
1 136 MET n 
1 137 THR n 
1 138 GLU n 
1 139 TYR n 
1 140 LEU n 
1 141 ASN n 
1 142 ARG n 
1 143 HIS n 
1 144 LEU n 
1 145 HIS n 
1 146 THR n 
1 147 TRP n 
1 148 ILE n 
1 149 GLN n 
1 150 ASP n 
1 151 ASN n 
1 152 GLY n 
1 153 GLY n 
1 154 TRP n 
1 155 ASP n 
1 156 ALA n 
1 157 PHE n 
1 158 VAL n 
1 159 GLU n 
1 160 LEU n 
1 161 TYR n 
1 162 GLY n 
1 163 PRO n 
1 164 SER n 
1 165 MET n 
1 166 ARG n 
# 
loop_
_entity_src_gen.entity_id 
_entity_src_gen.pdbx_src_id 
_entity_src_gen.pdbx_alt_source_flag 
_entity_src_gen.pdbx_seq_type 
_entity_src_gen.pdbx_beg_seq_num 
_entity_src_gen.pdbx_end_seq_num 
_entity_src_gen.gene_src_common_name 
_entity_src_gen.gene_src_genus 
_entity_src_gen.pdbx_gene_src_gene 
_entity_src_gen.gene_src_species 
_entity_src_gen.gene_src_strain 
_entity_src_gen.gene_src_tissue 
_entity_src_gen.gene_src_tissue_fraction 
_entity_src_gen.gene_src_details 
_entity_src_gen.pdbx_gene_src_fragment 
_entity_src_gen.pdbx_gene_src_scientific_name 
_entity_src_gen.pdbx_gene_src_ncbi_taxonomy_id 
_entity_src_gen.pdbx_gene_src_variant 
_entity_src_gen.pdbx_gene_src_cell_line 
_entity_src_gen.pdbx_gene_src_atcc 
_entity_src_gen.pdbx_gene_src_organ 
_entity_src_gen.pdbx_gene_src_organelle 
_entity_src_gen.pdbx_gene_src_cell 
_entity_src_gen.pdbx_gene_src_cellular_location 
_entity_src_gen.host_org_common_name 
_entity_src_gen.pdbx_host_org_scientific_name 
_entity_src_gen.pdbx_host_org_ncbi_taxonomy_id 
_entity_src_gen.host_org_genus 
_entity_src_gen.pdbx_host_org_gene 
_entity_src_gen.pdbx_host_org_organ 
_entity_src_gen.host_org_species 
_entity_src_gen.pdbx_host_org_tissue 
_entity_src_gen.pdbx_host_org_tissue_fraction 
_entity_src_gen.pdbx_host_org_strain 
_entity_src_gen.pdbx_host_org_variant 
_entity_src_gen.pdbx_host_org_cell_line 
_entity_src_gen.pdbx_host_org_atcc 
_entity_src_gen.pdbx_host_org_culture_collection 
_entity_src_gen.pdbx_host_org_cell 
_entity_src_gen.pdbx_host_org_organelle 
_entity_src_gen.pdbx_host_org_cellular_location 
_entity_src_gen.pdbx_host_org_vector_type 
_entity_src_gen.pdbx_host_org_vector 
_entity_src_gen.host_org_details 
_entity_src_gen.expression_system_id 
_entity_src_gen.plasmid_name 
_entity_src_gen.plasmid_details 
_entity_src_gen.pdbx_description 
1 1 sample ? 1  34  human ? BCL2 ? ? ? ? ? ? 'Homo sapiens' 9606 ? ? ? ? ? ? ? ? 'Escherichia coli' 562 ? ? ? ? ? ? ? ? ? ? ? ? ? 
? ? ? ? ? ? ? ? 
1 2 sample ? 51 166 human ? BCL2 ? ? ? ? ? ? 'Homo sapiens' 9606 ? ? ? ? ? ? ? ? 'Escherichia coli' 562 ? ? ? ? ? ? ? ? ? ? ? ? ? 
? ? ? ? ? ? ? ? 
# 
loop_
_chem_comp.id 
_chem_comp.type 
_chem_comp.mon_nstd_flag 
_chem_comp.name 
_chem_comp.pdbx_synonyms 
_chem_comp.formula 
_chem_comp.formula_weight 
1XV non-polymer         . 
;4-(4-{[4-(4-chlorophenyl)-5,6-dihydro-2H-pyran-3-yl]methyl}piperazin-1-yl)-N-{[3-nitro-4-(tetrahydro-2H-pyran-4-ylamino)phenyl]sulfonyl}benzamide
;
? 'C34 H38 Cl N5 O7 S' 696.213 
ALA 'L-peptide linking' y ALANINE ? 'C3 H7 N O2'         89.093  
ARG 'L-peptide linking' y ARGININE ? 'C6 H15 N4 O2 1'     175.209 
ASN 'L-peptide linking' y ASPARAGINE ? 'C4 H8 N2 O3'        132.118 
ASP 'L-peptide linking' y 'ASPARTIC ACID' ? 'C4 H7 N O4'         133.103 
CYS 'L-peptide linking' y CYSTEINE ? 'C3 H7 N O2 S'       121.158 
GLN 'L-peptide linking' y GLUTAMINE ? 'C5 H10 N2 O3'       146.144 
GLU 'L-peptide linking' y 'GLUTAMIC ACID' ? 'C5 H9 N O4'         147.129 
GLY 'peptide linking'   y GLYCINE ? 'C2 H5 N O2'         75.067  
HIS 'L-peptide linking' y HISTIDINE ? 'C6 H10 N3 O2 1'     156.162 
HOH non-polymer         . WATER ? 'H2 O'               18.015  
ILE 'L-peptide linking' y ISOLEUCINE ? 'C6 H13 N O2'        131.173 
LEU 'L-peptide linking' y LEUCINE ? 'C6 H13 N O2'        131.173 
LYS 'L-peptide linking' y LYSINE ? 'C6 H15 N2 O2 1'     147.195 
MET 'L-peptide linking' y METHIONINE ? 'C5 H11 N O2 S'      149.211 
PHE 'L-peptide linking' y PHENYLALANINE ? 'C9 H11 N O2'        165.189 
PRO 'L-peptide linking' y PROLINE ? 'C5 H9 N O2'         115.130 
SER 'L-peptide linking' y SERINE ? 'C3 H7 N O3'         105.093 
THR 'L-peptide linking' y THREONINE ? 'C4 H9 N O3'         119.119 
TRP 'L-peptide linking' y TRYPTOPHAN ? 'C11 H12 N2 O2'      204.225 
TYR 'L-peptide linking' y TYROSINE ? 'C9 H11 N O3'        181.189 
VAL 'L-peptide linking' y VALINE ? 'C5 H11 N O2'        117.146 
# 
loop_
_pdbx_poly_seq_scheme.asym_id 
_pdbx_poly_seq_scheme.entity_id 
_pdbx_poly_seq_scheme.seq_id 
_pdbx_poly_seq_scheme.mon_id 
_pdbx_poly_seq_scheme.ndb_seq_num 
_pdbx_poly_seq_scheme.pdb_seq_num 
_pdbx_poly_seq_scheme.auth_seq_num 
_pdbx_poly_seq_scheme.pdb_mon_id 
_pdbx_poly_seq_scheme.auth_mon_id 
_pdbx_poly_seq_scheme.pdb_strand_id 
_pdbx_poly_seq_scheme.pdb_ins_code 
_pdbx_poly_seq_scheme.hetero 
A 1 1   MET 1   -1  ?   ?   ?   A . n 
A 1 2   ALA 2   0   ?   ?   ?   A . n 
A 1 3   HIS 3   1   ?   ?   ?   A . n 
A 1 4   PRO 4   2   ?   ?   ?   A . n 
A 1 5   GLY 5   3   ?   ?   ?   A . n 
A 1 6   ARG 6   4   4   ARG ARG A . n 
A 1 7   THR 7   5   5   THR THR A . n 
A 1 8   GLY 8   6   6   GLY GLY A . n 
A 1 9   TYR 9   7   7   TYR TYR A . n 
A 1 10  ASP 10  8   8   ASP ASP A . n 
A 1 11  ASN 11  9   9   ASN ASN A . n 
A 1 12  ARG 12  10  10  ARG ARG A . n 
A 1 13  GLU 13  11  11  GLU GLU A . n 
A 1 14  ILE 14  12  12  ILE ILE A . n 
A 1 15  VAL 15  13  13  VAL VAL A . n 
A 1 16  MET 16  14  14  MET MET A . n 
A 1 17  LYS 17  15  15  LYS LYS A . n 
A 1 18  TYR 18  16  16  TYR TYR A . n 
A 1 19  ILE 19  17  17  ILE ILE A . n 
A 1 20  HIS 20  18  18  HIS HIS A . n 
A 1 21  TYR 21  19  19  TYR TYR A . n 
A 1 22  LYS 22  20  20  LYS LYS A . n 
A 1 23  LEU 23  21  21  LEU LEU A . n 
A 1 24  SER 24  22  22  SER SER A . n 
A 1 25  GLN 25  23  23  GLN GLN A . n 
A 1 26  ARG 26  24  24  ARG ARG A . n 
A 1 27  GLY 27  25  25  GLY GLY A . n 
A 1 28  TYR 28  26  26  TYR TYR A . n 
A 1 29  GLU 29  27  27  GLU GLU A . n 
A 1 30  TRP 30  28  28  TRP TRP A . n 
A 1 31  ASP 31  29  29  ASP ASP A . n 
A 1 32  ALA 32  30  30  ALA ALA A . n 
A 1 33  GLY 33  31  31  GLY GLY A . n 
A 1 34  ASP 34  32  ?   ?   ?   A . n 
A 1 35  ASP 35  73  ?   ?   ?   A . n 
A 1 36  VAL 36  74  ?   ?   ?   A . n 
A 1 37  GLU 37  75  ?   ?   ?   A . n 
A 1 38  GLU 38  76  ?   ?   ?   A . n 
A 1 39  ASN 39  77  ?   ?   ?   A . n 
A 1 40  ARG 40  78  ?   ?   ?   A . n 
A 1 41  THR 41  79  ?   ?   ?   A . n 
A 1 42  GLU 42  80  ?   ?   ?   A . n 
A 1 43  ALA 43  81  ?   ?   ?   A . n 
A 1 44  PRO 44  82  ?   ?   ?   A . n 
A 1 45  GLU 45  83  ?   ?   ?   A . n 
A 1 46  GLY 46  84  ?   ?   ?   A . n 
A 1 47  THR 47  85  ?   ?   ?   A . n 
A 1 48  GLU 48  86  ?   ?   ?   A . n 
A 1 49  SER 49  87  87  SER SER A . n 
A 1 50  GLU 50  88  88  GLU GLU A . n 
A 1 51  VAL 51  89  89  VAL VAL A . n 
A 1 52  VAL 52  90  90  VAL VAL A . n 
A 1 53  HIS 53  91  91  HIS HIS A . n 
A 1 54  LEU 54  92  92  LEU LEU A . n 
A 1 55  THR 55  93  93  THR THR A . n 
A 1 56  LEU 56  94  94  LEU LEU A . n 
A 1 57  ARG 57  95  95  ARG ARG A . n 
A 1 58  GLN 58  96  96  GLN GLN A . n 
A 1 59  ALA 59  97  97  ALA ALA A . n 
A 1 60  GLY 60  98  98  GLY GLY A . n 
A 1 61  ASP 61  99  99  ASP ASP A . n 
A 1 62  ASP 62  100 100 ASP ASP A . n 
A 1 63  PHE 63  101 101 PHE PHE A . n 
A 1 64  SER 64  102 102 SER SER A . n 
A 1 65  ARG 65  103 103 ARG ARG A . n 
A 1 66  ARG 66  104 104 ARG ARG A . n 
A 1 67  TYR 67  105 105 TYR TYR A . n 
A 1 68  ARG 68  106 106 ARG ARG A . n 
A 1 69  ARG 69  107 107 ARG ARG A . n 
A 1 70  ASP 70  108 108 ASP ASP A . n 
A 1 71  PHE 71  109 109 PHE PHE A . n 
A 1 72  ALA 72  110 110 ALA ALA A . n 
A 1 73  GLU 73  111 111 GLU GLU A . n 
A 1 74  MET 74  112 112 MET MET A . n 
A 1 75  SER 75  113 113 SER SER A . n 
A 1 76  SER 76  114 114 SER SER A . n 
A 1 77  GLN 77  115 115 GLN GLN A . n 
A 1 78  LEU 78  116 116 LEU LEU A . n 
A 1 79  HIS 79  117 117 HIS HIS A . n 
A 1 80  LEU 80  118 118 LEU LEU A . n 
A 1 81  THR 81  119 119 THR THR A . n 
A 1 82  PRO 82  120 120 PRO PRO A . n 
A 1 83  PHE 83  121 121 PHE PHE A . n 
A 1 84  THR 84  122 122 THR THR A . n 
A 1 85  ALA 85  123 123 ALA ALA A . n 
A 1 86  ARG 86  124 124 ARG ARG A . n 
A 1 87  GLY 87  125 125 GLY GLY A . n 
A 1 88  ARG 88  126 126 ARG ARG A . n 
A 1 89  PHE 89  127 127 PHE PHE A . n 
A 1 90  ALA 90  128 128 ALA ALA A . n 
A 1 91  THR 91  129 129 THR THR A . n 
A 1 92  VAL 92  130 130 VAL VAL A . n 
A 1 93  VAL 93  131 131 VAL VAL A . n 
A 1 94  GLU 94  132 132 GLU GLU A . n 
A 1 95  GLU 95  133 133 GLU GLU A . n 
A 1 96  LEU 96  134 134 LEU LEU A . n 
A 1 97  PHE 97  135 135 PHE PHE A . n 
A 1 98  ARG 98  136 136 ARG ARG A . n 
A 1 99  ASP 99  137 137 ASP ASP A . n 
A 1 100 GLY 100 138 138 GLY GLY A . n 
A 1 101 VAL 101 139 139 VAL VAL A . n 
A 1 102 ASN 102 140 140 ASN ASN A . n 
A 1 103 TRP 103 141 141 TRP TRP A . n 
A 1 104 GLY 104 142 142 GLY GLY A . n 
A 1 105 ARG 105 143 143 ARG ARG A . n 
A 1 106 ILE 106 144 144 ILE ILE A . n 
A 1 107 VAL 107 145 145 VAL VAL A . n 
A 1 108 ALA 108 146 146 ALA ALA A . n 
A 1 109 PHE 109 147 147 PHE PHE A . n 
A 1 110 PHE 110 148 148 PHE PHE A . n 
A 1 111 GLU 111 149 149 GLU GLU A . n 
A 1 112 PHE 112 150 150 PHE PHE A . n 
A 1 113 GLY 113 151 151 GLY GLY A . n 
A 1 114 GLY 114 152 152 GLY GLY A . n 
A 1 115 VAL 115 153 153 VAL VAL A . n 
A 1 116 MET 116 154 154 MET MET A . n 
A 1 117 CYS 117 155 155 CYS CYS A . n 
A 1 118 VAL 118 156 156 VAL VAL A . n 
A 1 119 GLU 119 157 157 GLU GLU A . n 
A 1 120 SER 120 158 158 SER SER A . n 
A 1 121 VAL 121 159 159 VAL VAL A . n 
A 1 122 ASN 122 160 160 ASN ASN A . n 
A 1 123 ARG 123 161 161 ARG ARG A . n 
A 1 124 GLU 124 162 162 GLU GLU A . n 
A 1 125 MET 125 163 163 MET MET A . n 
A 1 126 SER 126 164 164 SER SER A . n 
A 1 127 PRO 127 165 165 PRO PRO A . n 
A 1 128 LEU 128 166 166 LEU LEU A . n 
A 1 129 VAL 129 167 167 VAL VAL A . n 
A 1 130 ASP 130 168 168 ASP ASP A . n 
A 1 131 ASN 131 169 169 ASN ASN A . n 
A 1 132 ILE 132 170 170 ILE ILE A . n 
A 1 133 ALA 133 171 171 ALA ALA A . n 
A 1 134 LEU 134 172 172 LEU LEU A . n 
A 1 135 TRP 135 173 173 TRP TRP A . n 
A 1 136 MET 136 174 174 MET MET A . n 
A 1 137 THR 137 175 175 THR THR A . n 
A 1 138 GLU 138 176 176 GLU GLU A . n 
A 1 139 TYR 139 177 177 TYR TYR A . n 
A 1 140 LEU 140 178 178 LEU LEU A . n 
A 1 141 ASN 141 179 179 ASN ASN A . n 
A 1 142 ARG 142 180 180 ARG ARG A . n 
A 1 143 HIS 143 181 181 HIS HIS A . n 
A 1 144 LEU 144 182 182 LEU LEU A . n 
A 1 145 HIS 145 183 183 HIS HIS A . n 
A 1 146 THR 146 184 184 THR THR A . n 
A 1 147 TRP 147 185 185 TRP TRP A . n 
A 1 148 ILE 148 186 186 ILE ILE A . n 
A 1 149 GLN 149 187 187 GLN GLN A . n 
A 1 150 ASP 150 188 188 ASP ASP A . n 
A 1 151 ASN 151 189 189 ASN ASN A . n 
A 1 152 GLY 152 190 190 GLY GLY A . n 
A 1 153 GLY 153 191 191 GLY GLY A . n 
A 1 154 TRP 154 192 192 TRP TRP A . n 
A 1 155 ASP 155 193 193 ASP ASP A . n 
A 1 156 ALA 156 194 194 ALA ALA A . n 
A 1 157 PHE 157 195 195 PHE PHE A . n 
A 1 158 VAL 158 196 196 VAL VAL A . n 
A 1 159 GLU 159 197 197 GLU GLU A . n 
A 1 160 LEU 160 198 198 LEU LEU A . n 
A 1 161 TYR 161 199 199 TYR TYR A . n 
A 1 162 GLY 162 200 200 GLY GLY A . n 
A 1 163 PRO 163 201 201 PRO PRO A . n 
A 1 164 SER 164 202 ?   ?   ?   A . n 
A 1 165 MET 165 203 ?   ?   ?   A . n 
A 1 166 ARG 166 204 ?   ?   ?   A . n 
# 
loop_
_pdbx_nonpoly_scheme.asym_id 
_pdbx_nonpoly_scheme.entity_id 
_pdbx_nonpoly_scheme.mon_id 
_pdbx_nonpoly_scheme.ndb_seq_num 
_pdbx_nonpoly_scheme.pdb_seq_num 
_pdbx_nonpoly_scheme.auth_seq_num 
_pdbx_nonpoly_scheme.pdb_mon_id 
_pdbx_nonpoly_scheme.auth_mon_id 
_pdbx_nonpoly_scheme.pdb_strand_id 
_pdbx_nonpoly_scheme.pdb_ins_code 
B 2 1XV 1   301 1   1XV LIG A . 
C 3 HOH 1   401 1   HOH HOH A . 
C 3 HOH 2   402 2   HOH HOH A . 
C 3 HOH 3   403 3   HOH HOH A . 
C 3 HOH 4   404 4   HOH HOH A . 
C 3 HOH 5   405 5   HOH HOH A . 
C 3 HOH 6   406 6   HOH HOH A . 
C 3 HOH 7   407 7   HOH HOH A . 
C 3 HOH 8   408 8   HOH HOH A . 
C 3 HOH 9   409 9   HOH HOH A . 
C 3 HOH 10  410 10  HOH HOH A . 
C 3 HOH 11  411 11  HOH HOH A . 
C 3 HOH 12  412 12  HOH HOH A . 
C 3 HOH 13  413 13  HOH HOH A . 
C 3 HOH 14  414 14  HOH HOH A . 
C 3 HOH 15  415 15  HOH HOH A . 
C 3 HOH 16  416 16  HOH HOH A . 
C 3 HOH 17  417 17  HOH HOH A . 
C 3 HOH 18  418 18  HOH HOH A . 
C 3 HOH 19  419 19  HOH HOH A . 
C 3 HOH 20  420 20  HOH HOH A . 
C 3 HOH 21  421 21  HOH HOH A . 
C 3 HOH 22  422 22  HOH HOH A . 
C 3 HOH 23  423 23  HOH HOH A . 
C 3 HOH 24  424 24  HOH HOH A . 
C 3 HOH 25  425 25  HOH HOH A . 
C 3 HOH 26  426 26  HOH HOH A . 
C 3 HOH 27  427 27  HOH HOH A . 
C 3 HOH 28  428 28  HOH HOH A . 
C 3 HOH 29  429 29  HOH HOH A . 
C 3 HOH 30  430 30  HOH HOH A . 
C 3 HOH 31  431 31  HOH HOH A . 
C 3 HOH 32  432 32  HOH HOH A . 
C 3 HOH 33  433 33  HOH HOH A . 
C 3 HOH 34  434 34  HOH HOH A . 
C 3 HOH 35  435 35  HOH HOH A . 
C 3 HOH 36  436 36  HOH HOH A . 
C 3 HOH 37  437 37  HOH HOH A . 
C 3 HOH 38  438 38  HOH HOH A . 
C 3 HOH 39  439 39  HOH HOH A . 
C 3 HOH 40  440 40  HOH HOH A . 
C 3 HOH 41  441 41  HOH HOH A . 
C 3 HOH 42  442 42  HOH HOH A . 
C 3 HOH 43  443 43  HOH HOH A . 
C 3 HOH 44  444 44  HOH HOH A . 
C 3 HOH 45  445 45  HOH HOH A . 
C 3 HOH 46  446 46  HOH HOH A . 
C 3 HOH 47  447 47  HOH HOH A . 
C 3 HOH 48  448 48  HOH HOH A . 
C 3 HOH 49  449 49  HOH HOH A . 
C 3 HOH 50  450 50  HOH HOH A . 
C 3 HOH 51  451 51  HOH HOH A . 
C 3 HOH 52  452 52  HOH HOH A . 
C 3 HOH 53  453 53  HOH HOH A . 
C 3 HOH 54  454 54  HOH HOH A . 
C 3 HOH 55  455 55  HOH HOH A . 
C 3 HOH 56  456 56  HOH HOH A . 
C 3 HOH 57  457 57  HOH HOH A . 
C 3 HOH 58  458 58  HOH HOH A . 
C 3 HOH 59  459 59  HOH HOH A . 
C 3 HOH 60  460 60  HOH HOH A . 
C 3 HOH 61  461 61  HOH HOH A . 
C 3 HOH 62  462 62  HOH HOH A . 
C 3 HOH 63  463 63  HOH HOH A . 
C 3 HOH 64  464 64  HOH HOH A . 
C 3 HOH 65  465 65  HOH HOH A . 
C 3 HOH 66  466 66  HOH HOH A . 
C 3 HOH 67  467 67  HOH HOH A . 
C 3 HOH 68  468 68  HOH HOH A . 
C 3 HOH 69  469 69  HOH HOH A . 
C 3 HOH 70  470 70  HOH HOH A . 
C 3 HOH 71  471 71  HOH HOH A . 
C 3 HOH 72  472 72  HOH HOH A . 
C 3 HOH 73  473 73  HOH HOH A . 
C 3 HOH 74  474 74  HOH HOH A . 
C 3 HOH 75  475 75  HOH HOH A . 
C 3 HOH 76  476 76  HOH HOH A . 
C 3 HOH 77  477 77  HOH HOH A . 
C 3 HOH 78  478 78  HOH HOH A . 
C 3 HOH 79  479 79  HOH HOH A . 
C 3 HOH 80  480 80  HOH HOH A . 
C 3 HOH 81  481 81  HOH HOH A . 
C 3 HOH 82  482 82  HOH HOH A . 
C 3 HOH 83  483 83  HOH HOH A . 
C 3 HOH 84  484 84  HOH HOH A . 
C 3 HOH 85  485 85  HOH HOH A . 
C 3 HOH 86  486 86  HOH HOH A . 
C 3 HOH 87  487 87  HOH HOH A . 
C 3 HOH 88  488 88  HOH HOH A . 
C 3 HOH 89  489 89  HOH HOH A . 
C 3 HOH 90  490 90  HOH HOH A . 
C 3 HOH 91  491 91  HOH HOH A . 
C 3 HOH 92  492 92  HOH HOH A . 
C 3 HOH 93  493 93  HOH HOH A . 
C 3 HOH 94  494 94  HOH HOH A . 
C 3 HOH 95  495 95  HOH HOH A . 
C 3 HOH 96  496 96  HOH HOH A . 
C 3 HOH 97  497 97  HOH HOH A . 
C 3 HOH 98  498 98  HOH HOH A . 
C 3 HOH 99  499 99  HOH HOH A . 
C 3 HOH 100 500 100 HOH HOH A . 
C 3 HOH 101 501 101 HOH HOH A . 
C 3 HOH 102 502 102 HOH HOH A . 
C 3 HOH 103 503 103 HOH HOH A . 
C 3 HOH 104 504 104 HOH HOH A . 
C 3 HOH 105 505 105 HOH HOH A . 
C 3 HOH 106 506 106 HOH HOH A . 
C 3 HOH 107 507 107 HOH HOH A . 
C 3 HOH 108 508 108 HOH HOH A . 
C 3 HOH 109 509 109 HOH HOH A . 
C 3 HOH 110 510 110 HOH HOH A . 
C 3 HOH 111 511 111 HOH HOH A . 
C 3 HOH 112 512 112 HOH HOH A . 
C 3 HOH 113 513 113 HOH HOH A . 
C 3 HOH 114 514 114 HOH HOH A . 
C 3 HOH 115 515 115 HOH HOH A . 
C 3 HOH 116 516 116 HOH HOH A . 
C 3 HOH 117 517 117 HOH HOH A . 
C 3 HOH 118 518 118 HOH HOH A . 
C 3 HOH 119 519 119 HOH HOH A . 
C 3 HOH 120 520 120 HOH HOH A . 
C 3 HOH 121 521 121 HOH HOH A . 
C 3 HOH 122 522 122 HOH HOH A . 
C 3 HOH 123 523 123 HOH HOH A . 
C 3 HOH 124 524 124 HOH HOH A . 
C 3 HOH 125 525 125 HOH HOH A . 
C 3 HOH 126 526 126 HOH HOH A . 
C 3 HOH 127 527 127 HOH HOH A . 
C 3 HOH 128 528 128 HOH HOH A . 
C 3 HOH 129 529 129 HOH HOH A . 
C 3 HOH 130 530 130 HOH HOH A . 
C 3 HOH 131 531 131 HOH HOH A . 
C 3 HOH 132 532 132 HOH HOH A . 
C 3 HOH 133 533 133 HOH HOH A . 
C 3 HOH 134 534 134 HOH HOH A . 
C 3 HOH 135 535 135 HOH HOH A . 
C 3 HOH 136 536 136 HOH HOH A . 
C 3 HOH 137 537 137 HOH HOH A . 
C 3 HOH 138 538 138 HOH HOH A . 
C 3 HOH 139 539 139 HOH HOH A . 
C 3 HOH 140 540 140 HOH HOH A . 
C 3 HOH 141 541 141 HOH HOH A . 
C 3 HOH 142 542 142 HOH HOH A . 
C 3 HOH 143 543 143 HOH HOH A . 
C 3 HOH 144 544 144 HOH HOH A . 
C 3 HOH 145 545 145 HOH HOH A . 
C 3 HOH 146 546 146 HOH HOH A . 
C 3 HOH 147 547 147 HOH HOH A . 
C 3 HOH 148 548 148 HOH HOH A . 
C 3 HOH 149 549 149 HOH HOH A . 
C 3 HOH 150 550 150 HOH HOH A . 
C 3 HOH 151 551 151 HOH HOH A . 
C 3 HOH 152 552 152 HOH HOH A . 
C 3 HOH 153 553 153 HOH HOH A . 
C 3 HOH 154 554 154 HOH HOH A . 
C 3 HOH 155 555 155 HOH HOH A . 
C 3 HOH 156 556 156 HOH HOH A . 
C 3 HOH 157 557 157 HOH HOH A . 
C 3 HOH 158 558 158 HOH HOH A . 
C 3 HOH 159 559 159 HOH HOH A . 
C 3 HOH 160 560 160 HOH HOH A . 
C 3 HOH 161 561 161 HOH HOH A . 
C 3 HOH 162 562 162 HOH HOH A . 
C 3 HOH 163 563 163 HOH HOH A . 
C 3 HOH 164 564 164 HOH HOH A . 
C 3 HOH 165 565 165 HOH HOH A . 
C 3 HOH 166 566 166 HOH HOH A . 
C 3 HOH 167 567 167 HOH HOH A . 
C 3 HOH 168 568 168 HOH HOH A . 
C 3 HOH 169 569 169 HOH HOH A . 
C 3 HOH 170 570 170 HOH HOH A . 
C 3 HOH 171 571 171 HOH HOH A . 
C 3 HOH 172 572 172 HOH HOH A . 
C 3 HOH 173 573 173 HOH HOH A . 
C 3 HOH 174 574 174 HOH HOH A . 
C 3 HOH 175 575 175 HOH HOH A . 
C 3 HOH 176 576 176 HOH HOH A . 
C 3 HOH 177 577 177 HOH HOH A . 
C 3 HOH 178 578 178 HOH HOH A . 
C 3 HOH 179 579 179 HOH HOH A . 
C 3 HOH 180 580 180 HOH HOH A . 
C 3 HOH 181 581 181 HOH HOH A . 
C 3 HOH 182 582 182 HOH HOH A . 
C 3 HOH 183 583 183 HOH HOH A . 
C 3 HOH 184 584 184 HOH HOH A . 
C 3 HOH 185 585 185 HOH HOH A . 
C 3 HOH 186 586 186 HOH HOH A . 
C 3 HOH 187 587 187 HOH HOH A . 
C 3 HOH 188 588 188 HOH HOH A . 
C 3 HOH 189 589 189 HOH HOH A . 
C 3 HOH 190 590 190 HOH HOH A . 
C 3 HOH 191 591 191 HOH HOH A . 
C 3 HOH 192 592 192 HOH HOH A . 
C 3 HOH 193 593 193 HOH HOH A . 
C 3 HOH 194 594 194 HOH HOH A . 
C 3 HOH 195 595 195 HOH HOH A . 
C 3 HOH 196 596 196 HOH HOH A . 
C 3 HOH 197 597 197 HOH HOH A . 
C 3 HOH 198 598 198 HOH HOH A . 
C 3 HOH 199 599 199 HOH HOH A . 
C 3 HOH 200 600 200 HOH HOH A . 
C 3 HOH 201 601 201 HOH HOH A . 
C 3 HOH 202 602 202 HOH HOH A . 
C 3 HOH 203 603 203 HOH HOH A . 
C 3 HOH 204 604 204 HOH HOH A . 
C 3 HOH 205 605 205 HOH HOH A . 
C 3 HOH 206 606 206 HOH HOH A . 
C 3 HOH 207 607 207 HOH HOH A . 
C 3 HOH 208 608 208 HOH HOH A . 
C 3 HOH 209 609 209 HOH HOH A . 
C 3 HOH 210 610 210 HOH HOH A . 
C 3 HOH 211 611 211 HOH HOH A . 
C 3 HOH 212 612 212 HOH HOH A . 
C 3 HOH 213 613 213 HOH HOH A . 
C 3 HOH 214 614 214 HOH HOH A . 
C 3 HOH 215 615 215 HOH HOH A . 
C 3 HOH 216 616 216 HOH HOH A . 
C 3 HOH 217 617 217 HOH HOH A . 
C 3 HOH 218 618 218 HOH HOH A . 
C 3 HOH 219 619 219 HOH HOH A . 
C 3 HOH 220 620 220 HOH HOH A . 
C 3 HOH 221 621 221 HOH HOH A . 
C 3 HOH 222 622 222 HOH HOH A . 
C 3 HOH 223 623 223 HOH HOH A . 
C 3 HOH 224 624 224 HOH HOH A . 
C 3 HOH 225 625 225 HOH HOH A . 
C 3 HOH 226 626 226 HOH HOH A . 
C 3 HOH 227 627 227 HOH HOH A . 
C 3 HOH 228 628 228 HOH HOH A . 
C 3 HOH 229 629 229 HOH HOH A . 
C 3 HOH 230 630 230 HOH HOH A . 
C 3 HOH 231 631 231 HOH HOH A . 
# 
loop_
_software.name 
_software.classification 
_software.version 
_software.citation_id 
_software.pdbx_ordinal 
ADSC     'data collection' Quantum ? 1 
AMoRE    phasing           .       ? 2 
BUSTER   refinement        2.11.2  ? 3 
DENZO    'data reduction'  .       ? 4 
HKL-2000 'data scaling'    .       ? 5 
# 
_cell.entry_id           4LXD 
_cell.length_a           86.515 
_cell.length_b           86.515 
_cell.length_c           62.425 
_cell.angle_alpha        90.00 
_cell.angle_beta         90.00 
_cell.angle_gamma        120.00 
_cell.Z_PDB              6 
_cell.pdbx_unique_axis   ? 
_cell.length_a_esd       ? 
_cell.length_b_esd       ? 
_cell.length_c_esd       ? 
_cell.angle_alpha_esd    ? 
_cell.angle_beta_esd     ? 
_cell.angle_gamma_esd    ? 
# 
_symmetry.entry_id                         4LXD 
_symmetry.space_group_name_H-M             'P 61' 
_symmetry.pdbx_full_space_group_name_H-M   ? 
_symmetry.cell_setting                     ? 
_symmetry.Int_Tables_number                169 
_symmetry.space_group_name_Hall            ? 
# 
_exptl.entry_id          4LXD 
_exptl.method            'X-RAY DIFFRACTION' 
_exptl.crystals_number   1 
# 
_exptl_crystal.id                    1 
_exptl_crystal.density_meas          ? 
_exptl_crystal.density_Matthews      3.48 
_exptl_crystal.density_percent_sol   64.65 
_exptl_crystal.description           ? 
_exptl_crystal.F_000                 ? 
_exptl_crystal.preparation           ? 
# 
_exptl_crystal_grow.crystal_id      1 
_exptl_crystal_grow.method          'VAPOR DIFFUSION' 
_exptl_crystal_grow.temp            296 
_exptl_crystal_grow.temp_details    ? 
_exptl_crystal_grow.pH              6.5 
_exptl_crystal_grow.pdbx_details    '1.5 M (NH4)2SO4, 0.1 M MES, 8%(V/V) PEG400, pH 6.5, VAPOR DIFFUSION, temperature 296K' 
_exptl_crystal_grow.pdbx_pH_range   ? 
# 
_diffrn.id                     1 
_diffrn.ambient_temp           110 
_diffrn.ambient_temp_details   ? 
_diffrn.crystal_id             1 
# 
_diffrn_detector.diffrn_id              1 
_diffrn_detector.detector               CCD 
_diffrn_detector.type                   'ADSC QUANTUM 210' 
_diffrn_detector.pdbx_collection_date   2007-08-06 
_diffrn_detector.details                ? 
# 
_diffrn_radiation.diffrn_id                        1 
_diffrn_radiation.wavelength_id                    1 
_diffrn_radiation.pdbx_monochromatic_or_laue_m_l   M 
_diffrn_radiation.monochromator                    mirrors 
_diffrn_radiation.pdbx_diffrn_protocol             'SINGLE WAVELENGTH' 
_diffrn_radiation.pdbx_scattering_type             x-ray 
# 
_diffrn_radiation_wavelength.id           1 
_diffrn_radiation_wavelength.wavelength   1.0 
_diffrn_radiation_wavelength.wt           1.0 
# 
_diffrn_source.diffrn_id                   1 
_diffrn_source.source                      SYNCHROTRON 
_diffrn_source.type                        'APS BEAMLINE 17-ID' 
_diffrn_source.pdbx_synchrotron_site       APS 
_diffrn_source.pdbx_synchrotron_beamline   17-ID 
_diffrn_source.pdbx_wavelength             ? 
_diffrn_source.pdbx_wavelength_list        1.0 
# 
_reflns.entry_id                     4LXD 
_reflns.observed_criterion_sigma_I   0.0 
_reflns.observed_criterion_sigma_F   0.0 
_reflns.d_resolution_low             37.46 
_reflns.d_resolution_high            1.9 
_reflns.number_obs                   20997 
_reflns.number_all                   21056 
_reflns.percent_possible_obs         99.72 
_reflns.pdbx_Rmerge_I_obs            ? 
_reflns.pdbx_Rsym_value              ? 
_reflns.pdbx_netI_over_sigmaI        ? 
_reflns.B_iso_Wilson_estimate        24.93 
_reflns.pdbx_redundancy              ? 
_reflns.R_free_details               ? 
_reflns.limit_h_max                  ? 
_reflns.limit_h_min                  ? 
_reflns.limit_k_max                  ? 
_reflns.limit_k_min                  ? 
_reflns.limit_l_max                  ? 
_reflns.limit_l_min                  ? 
_reflns.observed_criterion_F_max     ? 
_reflns.observed_criterion_F_min     ? 
_reflns.pdbx_chi_squared             ? 
_reflns.pdbx_scaling_rejects         ? 
_reflns.pdbx_ordinal                 1 
_reflns.pdbx_diffrn_id               1 
# 
_reflns_shell.d_res_high             1.90 
_reflns_shell.d_res_low              1.99 
_reflns_shell.percent_possible_all   99.72 
_reflns_shell.Rmerge_I_obs           ? 
_reflns_shell.pdbx_Rsym_value        ? 
_reflns_shell.meanI_over_sigI_obs    ? 
_reflns_shell.pdbx_redundancy        ? 
_reflns_shell.percent_possible_obs   ? 
_reflns_shell.number_unique_all      2705 
_reflns_shell.number_measured_all    ? 
_reflns_shell.number_measured_obs    ? 
_reflns_shell.number_unique_obs      ? 
_reflns_shell.pdbx_chi_squared       ? 
_reflns_shell.pdbx_ordinal           1 
_reflns_shell.pdbx_diffrn_id         1 
# 
_refine.entry_id                                 4LXD 
_refine.ls_number_reflns_obs                     20997 
_refine.ls_number_reflns_all                     21056 
_refine.pdbx_ls_sigma_I                          0.0 
_refine.pdbx_ls_sigma_F                          0.0 
_refine.pdbx_data_cutoff_high_absF               ? 
_refine.pdbx_data_cutoff_low_absF                ? 
_refine.pdbx_data_cutoff_high_rms_absF           ? 
_refine.ls_d_res_low                             37.46 
_refine.ls_d_res_high                            1.90 
_refine.ls_percent_reflns_obs                    99.72 
_refine.ls_R_factor_obs                          0.1816 
_refine.ls_R_factor_all                          ? 
_refine.ls_R_factor_R_work                       0.1800 
_refine.ls_R_factor_R_free                       0.2124 
_refine.ls_R_factor_R_free_error                 ? 
_refine.ls_R_factor_R_free_error_details         ? 
_refine.ls_percent_reflns_R_free                 5.13 
_refine.ls_number_reflns_R_free                  1077 
_refine.ls_number_parameters                     ? 
_refine.ls_number_restraints                     ? 
_refine.occupancy_min                            ? 
_refine.occupancy_max                            ? 
_refine.correlation_coeff_Fo_to_Fc               0.9434 
_refine.correlation_coeff_Fo_to_Fc_free          0.9354 
_refine.B_iso_mean                               28.37 
_refine.aniso_B[1][1]                            -1.2359 
_refine.aniso_B[2][2]                            -1.2359 
_refine.aniso_B[3][3]                            2.4719 
_refine.aniso_B[1][2]                            0.0000 
_refine.aniso_B[1][3]                            0.0000 
_refine.aniso_B[2][3]                            0.0000 
_refine.solvent_model_details                    ? 
_refine.solvent_model_param_ksol                 ? 
_refine.solvent_model_param_bsol                 ? 
_refine.pdbx_solvent_vdw_probe_radii             ? 
_refine.pdbx_solvent_ion_probe_radii             ? 
_refine.pdbx_solvent_shrinkage_radii             ? 
_refine.pdbx_ls_cross_valid_method               THROUGHOUT 
_refine.details                                  ? 
_refine.pdbx_starting_model                      ? 
_refine.pdbx_method_to_determine_struct          'MOLECULAR REPLACEMENT' 
_refine.pdbx_isotropic_thermal_model             ? 
_refine.pdbx_stereochemistry_target_values       'Engh & Huber' 
_refine.pdbx_stereochem_target_val_spec_case     ? 
_refine.pdbx_R_Free_selection_details            RANDOM 
_refine.pdbx_overall_ESU_R                       ? 
_refine.pdbx_overall_ESU_R_Free                  ? 
_refine.overall_SU_ML                            ? 
_refine.pdbx_overall_phase_error                 ? 
_refine.overall_SU_B                             ? 
_refine.overall_SU_R_Cruickshank_DPI             0.106 
_refine.ls_redundancy_reflns_obs                 ? 
_refine.B_iso_min                                ? 
_refine.B_iso_max                                ? 
_refine.overall_SU_R_free                        ? 
_refine.ls_wR_factor_R_free                      ? 
_refine.ls_wR_factor_R_work                      ? 
_refine.overall_FOM_free_R_set                   ? 
_refine.overall_FOM_work_R_set                   ? 
_refine.pdbx_diffrn_id                           1 
_refine.pdbx_refine_id                           'X-RAY DIFFRACTION' 
_refine.pdbx_TLS_residual_ADP_flag               ? 
_refine.pdbx_overall_SU_R_free_Cruickshank_DPI   ? 
_refine.pdbx_overall_SU_R_Blow_DPI               ? 
_refine.pdbx_overall_SU_R_free_Blow_DPI          ? 
# 
_refine_analyze.entry_id                        4LXD 
_refine_analyze.Luzzati_coordinate_error_obs    0.185 
_refine_analyze.Luzzati_sigma_a_obs             ? 
_refine_analyze.Luzzati_d_res_low_obs           ? 
_refine_analyze.Luzzati_coordinate_error_free   ? 
_refine_analyze.Luzzati_sigma_a_free            ? 
_refine_analyze.Luzzati_d_res_low_free          ? 
_refine_analyze.number_disordered_residues      ? 
_refine_analyze.occupancy_sum_hydrogen          ? 
_refine_analyze.occupancy_sum_non_hydrogen      ? 
_refine_analyze.pdbx_Luzzati_d_res_high_obs     ? 
_refine_analyze.pdbx_refine_id                  'X-RAY DIFFRACTION' 
# 
_refine_hist.pdbx_refine_id                   'X-RAY DIFFRACTION' 
_refine_hist.cycle_id                         LAST 
_refine_hist.pdbx_number_atoms_protein        1188 
_refine_hist.pdbx_number_atoms_nucleic_acid   0 
_refine_hist.pdbx_number_atoms_ligand         48 
_refine_hist.number_atoms_solvent             231 
_refine_hist.number_atoms_total               1467 
_refine_hist.d_res_high                       1.90 
_refine_hist.d_res_low                        37.46 
# 
loop_
_refine_ls_restr.type 
_refine_ls_restr.dev_ideal 
_refine_ls_restr.dev_ideal_target 
_refine_ls_restr.weight 
_refine_ls_restr.number 
_refine_ls_restr.pdbx_restraint_function 
_refine_ls_restr.pdbx_refine_id 
o_bond_d           0.010 ? 2.00 1275 HARMONIC   'X-RAY DIFFRACTION' 
o_angle_deg        0.93  ? 2.00 1726 HARMONIC   'X-RAY DIFFRACTION' 
o_improper_angle_d 2.97  ? 2.00 433  SINUSOIDAL 'X-RAY DIFFRACTION' 
o_dihedral_angle_d 18.20 ? 2.00 30   HARMONIC   'X-RAY DIFFRACTION' 
# 
_refine_ls_shell.pdbx_total_number_of_bins_used   11 
_refine_ls_shell.d_res_high                       1.90 
_refine_ls_shell.d_res_low                        1.99 
_refine_ls_shell.number_reflns_R_work             2551 
_refine_ls_shell.R_factor_R_work                  0.1970 
_refine_ls_shell.percent_reflns_obs               99.72 
_refine_ls_shell.R_factor_R_free                  0.2344 
_refine_ls_shell.R_factor_R_free_error            ? 
_refine_ls_shell.percent_reflns_R_free            5.69 
_refine_ls_shell.number_reflns_R_free             154 
_refine_ls_shell.number_reflns_all                2705 
_refine_ls_shell.R_factor_all                     0.1991 
_refine_ls_shell.number_reflns_obs                ? 
_refine_ls_shell.redundancy_reflns_obs            ? 
_refine_ls_shell.pdbx_refine_id                   'X-RAY DIFFRACTION' 
# 
_struct.entry_id                  4LXD 
_struct.title                     'Bcl_2-Navitoclax Analog (without Thiophenyl) Complex' 
_struct.pdbx_model_details        ? 
_struct.pdbx_CASP_flag            ? 
_struct.pdbx_model_type_details   ? 
# 
_struct_keywords.entry_id        4LXD 
_struct_keywords.pdbx_keywords   'APOPTOSIS REGULATOR/INHIBITOR' 
_struct_keywords.text            '8 helices, APOPTOSIS REGULATOR-INHIBITOR complex' 
# 
loop_
_struct_asym.id 
_struct_asym.pdbx_blank_PDB_chainid_flag 
_struct_asym.pdbx_modified 
_struct_asym.entity_id 
_struct_asym.details 
A N N 1 ? 
B N N 2 ? 
C N N 3 ? 
# 
loop_
_struct_ref.id 
_struct_ref.db_name 
_struct_ref.db_code 
_struct_ref.pdbx_db_accession 
_struct_ref.entity_id 
_struct_ref.pdbx_seq_one_letter_code 
_struct_ref.pdbx_align_begin 
_struct_ref.pdbx_db_isoform 
1 UNP BCL2_HUMAN P10415 1 MAHAGRTGYDNREIVMKYIHYKLSQRGYEWDAGD 1  ? 
2 UNP BCL2_HUMAN P10415 1 
;VVHLTLRQAGDDFSRRYRRDFAEMSSQLHLTPFTARGRFATVVEELFRDGVNWGRIVAFFEFGGVMCVESVNREMSPLVD
NIALWMTEYLNRHLHTWIQDNGGWDAFVELYGPSMR
;
92 ? 
# 
loop_
_struct_ref_seq.align_id 
_struct_ref_seq.ref_id 
_struct_ref_seq.pdbx_PDB_id_code 
_struct_ref_seq.pdbx_strand_id 
_struct_ref_seq.seq_align_beg 
_struct_ref_seq.pdbx_seq_align_beg_ins_code 
_struct_ref_seq.seq_align_end 
_struct_ref_seq.pdbx_seq_align_end_ins_code 
_struct_ref_seq.pdbx_db_accession 
_struct_ref_seq.db_align_beg 
_struct_ref_seq.pdbx_db_align_beg_ins_code 
_struct_ref_seq.db_align_end 
_struct_ref_seq.pdbx_db_align_end_ins_code 
_struct_ref_seq.pdbx_auth_seq_align_beg 
_struct_ref_seq.pdbx_auth_seq_align_end 
1 1 4LXD A 1  ? 34  ? P10415 1  ? 34  ? -1 32  
2 2 4LXD A 51 ? 166 ? P10415 92 ? 207 ? 89 204 
# 
loop_
_struct_ref_seq_dif.align_id 
_struct_ref_seq_dif.pdbx_pdb_id_code 
_struct_ref_seq_dif.mon_id 
_struct_ref_seq_dif.pdbx_pdb_strand_id 
_struct_ref_seq_dif.seq_num 
_struct_ref_seq_dif.pdbx_pdb_ins_code 
_struct_ref_seq_dif.pdbx_seq_db_name 
_struct_ref_seq_dif.pdbx_seq_db_accession_code 
_struct_ref_seq_dif.db_mon_id 
_struct_ref_seq_dif.pdbx_seq_db_seq_num 
_struct_ref_seq_dif.details 
_struct_ref_seq_dif.pdbx_auth_seq_num 
_struct_ref_seq_dif.pdbx_ordinal 
1 4LXD PRO A 4  ? UNP P10415 ALA 4 'engineered mutation' 2  1  
1 4LXD ASP A 35 ? UNP P10415 ?   ? linker                73 2  
1 4LXD VAL A 36 ? UNP P10415 ?   ? linker                74 3  
1 4LXD GLU A 37 ? UNP P10415 ?   ? linker                75 4  
1 4LXD GLU A 38 ? UNP P10415 ?   ? linker                76 5  
1 4LXD ASN A 39 ? UNP P10415 ?   ? linker                77 6  
1 4LXD ARG A 40 ? UNP P10415 ?   ? linker                78 7  
1 4LXD THR A 41 ? UNP P10415 ?   ? linker                79 8  
1 4LXD GLU A 42 ? UNP P10415 ?   ? linker                80 9  
1 4LXD ALA A 43 ? UNP P10415 ?   ? linker                81 10 
1 4LXD PRO A 44 ? UNP P10415 ?   ? linker                82 11 
1 4LXD GLU A 45 ? UNP P10415 ?   ? linker                83 12 
1 4LXD GLY A 46 ? UNP P10415 ?   ? linker                84 13 
1 4LXD THR A 47 ? UNP P10415 ?   ? linker                85 14 
1 4LXD GLU A 48 ? UNP P10415 ?   ? linker                86 15 
1 4LXD SER A 49 ? UNP P10415 ?   ? linker                87 16 
1 4LXD GLU A 50 ? UNP P10415 ?   ? linker                88 17 
# 
_pdbx_struct_assembly.id                   1 
_pdbx_struct_assembly.details              author_and_software_defined_assembly 
_pdbx_struct_assembly.method_details       PISA 
_pdbx_struct_assembly.oligomeric_details   monomeric 
_pdbx_struct_assembly.oligomeric_count     1 
# 
_pdbx_struct_assembly_gen.assembly_id       1 
_pdbx_struct_assembly_gen.oper_expression   1 
_pdbx_struct_assembly_gen.asym_id_list      A,B,C 
# 
_pdbx_struct_oper_list.id                   1 
_pdbx_struct_oper_list.type                 'identity operation' 
_pdbx_struct_oper_list.name                 1_555 
_pdbx_struct_oper_list.symmetry_operation   x,y,z 
_pdbx_struct_oper_list.matrix[1][1]         1.0000000000 
_pdbx_struct_oper_list.matrix[1][2]         0.0000000000 
_pdbx_struct_oper_list.matrix[1][3]         0.0000000000 
_pdbx_struct_oper_list.vector[1]            0.0000000000 
_pdbx_struct_oper_list.matrix[2][1]         0.0000000000 
_pdbx_struct_oper_list.matrix[2][2]         1.0000000000 
_pdbx_struct_oper_list.matrix[2][3]         0.0000000000 
_pdbx_struct_oper_list.vector[2]            0.0000000000 
_pdbx_struct_oper_list.matrix[3][1]         0.0000000000 
_pdbx_struct_oper_list.matrix[3][2]         0.0000000000 
_pdbx_struct_oper_list.matrix[3][3]         1.0000000000 
_pdbx_struct_oper_list.vector[3]            0.0000000000 
# 
_struct_biol.id        1 
_struct_biol.details   ? 
# 
loop_
_struct_conf.conf_type_id 
_struct_conf.id 
_struct_conf.pdbx_PDB_helix_id 
_struct_conf.beg_label_comp_id 
_struct_conf.beg_label_asym_id 
_struct_conf.beg_label_seq_id 
_struct_conf.pdbx_beg_PDB_ins_code 
_struct_conf.end_label_comp_id 
_struct_conf.end_label_asym_id 
_struct_conf.end_label_seq_id 
_struct_conf.pdbx_end_PDB_ins_code 
_struct_conf.beg_auth_comp_id 
_struct_conf.beg_auth_asym_id 
_struct_conf.beg_auth_seq_id 
_struct_conf.end_auth_comp_id 
_struct_conf.end_auth_asym_id 
_struct_conf.end_auth_seq_id 
_struct_conf.pdbx_PDB_helix_class 
_struct_conf.details 
_struct_conf.pdbx_PDB_helix_length 
HELX_P HELX_P1 1 ASP A 10  ? ARG A 26  ? ASP A 8   ARG A 24  1 ? 17 
HELX_P HELX_P2 2 VAL A 51  ? TYR A 67  ? VAL A 89  TYR A 105 1 ? 17 
HELX_P HELX_P3 3 TYR A 67  ? LEU A 78  ? TYR A 105 LEU A 116 1 ? 12 
HELX_P HELX_P4 4 THR A 84  ? PHE A 97  ? THR A 122 PHE A 135 1 ? 14 
HELX_P HELX_P5 5 ASN A 102 ? ARG A 123 ? ASN A 140 ARG A 161 1 ? 22 
HELX_P HELX_P6 6 PRO A 127 ? LEU A 144 ? PRO A 165 LEU A 182 1 ? 18 
HELX_P HELX_P7 7 LEU A 144 ? ASN A 151 ? LEU A 182 ASN A 189 1 ? 8  
HELX_P HELX_P8 8 GLY A 152 ? GLY A 162 ? GLY A 190 GLY A 200 1 ? 11 
# 
_struct_conf_type.id          HELX_P 
_struct_conf_type.criteria    ? 
_struct_conf_type.reference   ? 
# 
_struct_site.id                   AC1 
_struct_site.pdbx_evidence_code   Software 
_struct_site.pdbx_auth_asym_id    A 
_struct_site.pdbx_auth_comp_id    1XV 
_struct_site.pdbx_auth_seq_id     301 
_struct_site.pdbx_auth_ins_code   ? 
_struct_site.pdbx_num_residues    23 
_struct_site.details              'BINDING SITE FOR RESIDUE 1XV A 301' 
# 
loop_
_struct_site_gen.id 
_struct_site_gen.site_id 
_struct_site_gen.pdbx_num_res 
_struct_site_gen.label_comp_id 
_struct_site_gen.label_asym_id 
_struct_site_gen.label_seq_id 
_struct_site_gen.pdbx_auth_ins_code 
_struct_site_gen.auth_comp_id 
_struct_site_gen.auth_asym_id 
_struct_site_gen.auth_seq_id 
_struct_site_gen.label_atom_id 
_struct_site_gen.label_alt_id 
_struct_site_gen.symmetry 
_struct_site_gen.details 
1  AC1 23 GLY A 27  ? GLY A 25  . ? 4_665 ? 
2  AC1 23 TYR A 28  ? TYR A 26  . ? 4_665 ? 
3  AC1 23 GLU A 29  ? GLU A 27  . ? 4_665 ? 
4  AC1 23 TRP A 30  ? TRP A 28  . ? 4_665 ? 
5  AC1 23 ASP A 31  ? ASP A 29  . ? 4_665 ? 
6  AC1 23 ALA A 32  ? ALA A 30  . ? 4_665 ? 
7  AC1 23 ALA A 59  ? ALA A 97  . ? 1_555 ? 
8  AC1 23 ASP A 62  ? ASP A 100 . ? 1_555 ? 
9  AC1 23 TYR A 67  ? TYR A 105 . ? 1_555 ? 
10 AC1 23 MET A 74  ? MET A 112 . ? 1_555 ? 
11 AC1 23 VAL A 92  ? VAL A 130 . ? 1_555 ? 
12 AC1 23 GLU A 95  ? GLU A 133 . ? 1_555 ? 
13 AC1 23 LEU A 96  ? LEU A 134 . ? 1_555 ? 
14 AC1 23 ASN A 102 ? ASN A 140 . ? 1_555 ? 
15 AC1 23 TRP A 103 ? TRP A 141 . ? 1_555 ? 
16 AC1 23 GLY A 104 ? GLY A 142 . ? 1_555 ? 
17 AC1 23 ARG A 105 ? ARG A 143 . ? 1_555 ? 
18 AC1 23 VAL A 107 ? VAL A 145 . ? 1_555 ? 
19 AC1 23 ALA A 108 ? ALA A 146 . ? 1_555 ? 
20 AC1 23 TYR A 161 ? TYR A 199 . ? 1_555 ? 
21 AC1 23 HOH C .   ? HOH A 419 . ? 1_555 ? 
22 AC1 23 HOH C .   ? HOH A 437 . ? 1_555 ? 
23 AC1 23 HOH C .   ? HOH A 578 . ? 1_555 ? 
# 
loop_
_pdbx_validate_torsion.id 
_pdbx_validate_torsion.PDB_model_num 
_pdbx_validate_torsion.auth_comp_id 
_pdbx_validate_torsion.auth_asym_id 
_pdbx_validate_torsion.auth_seq_id 
_pdbx_validate_torsion.PDB_ins_code 
_pdbx_validate_torsion.label_alt_id 
_pdbx_validate_torsion.phi 
_pdbx_validate_torsion.psi 
1 1 ASP A 29  ? ? -169.34 119.87 
2 1 TYR A 105 ? ? -101.28 42.73  
# 
loop_
_pdbx_unobs_or_zero_occ_residues.id 
_pdbx_unobs_or_zero_occ_residues.PDB_model_num 
_pdbx_unobs_or_zero_occ_residues.polymer_flag 
_pdbx_unobs_or_zero_occ_residues.occupancy_flag 
_pdbx_unobs_or_zero_occ_residues.auth_asym_id 
_pdbx_unobs_or_zero_occ_residues.auth_comp_id 
_pdbx_unobs_or_zero_occ_residues.auth_seq_id 
_pdbx_unobs_or_zero_occ_residues.PDB_ins_code 
_pdbx_unobs_or_zero_occ_residues.label_asym_id 
_pdbx_unobs_or_zero_occ_residues.label_comp_id 
_pdbx_unobs_or_zero_occ_residues.label_seq_id 
1  1 Y 1 A MET -1  ? A MET 1   
2  1 Y 1 A ALA 0   ? A ALA 2   
3  1 Y 1 A HIS 1   ? A HIS 3   
4  1 Y 1 A PRO 2   ? A PRO 4   
5  1 Y 1 A GLY 3   ? A GLY 5   
6  1 Y 1 A ASP 32  ? A ASP 34  
7  1 Y 1 A ASP 73  ? A ASP 35  
8  1 Y 1 A VAL 74  ? A VAL 36  
9  1 Y 1 A GLU 75  ? A GLU 37  
10 1 Y 1 A GLU 76  ? A GLU 38  
11 1 Y 1 A ASN 77  ? A ASN 39  
12 1 Y 1 A ARG 78  ? A ARG 40  
13 1 Y 1 A THR 79  ? A THR 41  
14 1 Y 1 A GLU 80  ? A GLU 42  
15 1 Y 1 A ALA 81  ? A ALA 43  
16 1 Y 1 A PRO 82  ? A PRO 44  
17 1 Y 1 A GLU 83  ? A GLU 45  
18 1 Y 1 A GLY 84  ? A GLY 46  
19 1 Y 1 A THR 85  ? A THR 47  
20 1 Y 1 A GLU 86  ? A GLU 48  
21 1 Y 1 A SER 202 ? A SER 164 
22 1 Y 1 A MET 203 ? A MET 165 
23 1 Y 1 A ARG 204 ? A ARG 166 
# 
loop_
_chem_comp_atom.comp_id 
_chem_comp_atom.atom_id 
_chem_comp_atom.type_symbol 
_chem_comp_atom.pdbx_aromatic_flag 
_chem_comp_atom.pdbx_stereo_config 
_chem_comp_atom.pdbx_ordinal 
1XV C1   C  Y N 1   
1XV C2   C  Y N 2   
1XV C3   C  Y N 3   
1XV C4   C  Y N 4   
1XV CL4  CL N N 5   
1XV C5   C  Y N 6   
1XV C6   C  Y N 7   
1XV C7   C  Y N 8   
1XV C8   C  Y N 9   
1XV C9   C  Y N 10  
1XV C10  C  Y N 11  
1XV C11  C  Y N 12  
1XV C12  C  Y N 13  
1XV C13  C  Y N 14  
1XV C14  C  Y N 15  
1XV C15  C  Y N 16  
1XV C16  C  Y N 17  
1XV C17  C  Y N 18  
1XV C18  C  Y N 19  
1XV C19  C  N N 20  
1XV C20  C  N N 21  
1XV C21  C  N N 22  
1XV C22  C  N N 23  
1XV C23  C  N N 24  
1XV C24  C  N N 25  
1XV C25  C  N N 26  
1XV C26  C  N N 27  
1XV C27  C  N N 28  
1XV C28  C  N N 29  
1XV C29  C  N N 30  
1XV C30  C  N N 31  
1XV C31  C  N N 32  
1XV C32  C  N N 33  
1XV C33  C  N N 34  
1XV C34  C  N N 35  
1XV N35  N  N N 36  
1XV N36  N  N N 37  
1XV N37  N  N N 38  
1XV N38  N  N N 39  
1XV N39  N  N N 40  
1XV O40  O  N N 41  
1XV O41  O  N N 42  
1XV O42  O  N N 43  
1XV O43  O  N N 44  
1XV O44  O  N N 45  
1XV O45  O  N N 46  
1XV O46  O  N N 47  
1XV S47  S  N N 48  
1XV H1   H  N N 49  
1XV H2   H  N N 50  
1XV H3   H  N N 51  
1XV H4   H  N N 52  
1XV H5   H  N N 53  
1XV H6   H  N N 54  
1XV H7   H  N N 55  
1XV H8   H  N N 56  
1XV H9   H  N N 57  
1XV H10  H  N N 58  
1XV H11  H  N N 59  
1XV H22  H  N N 60  
1XV H22A H  N N 61  
1XV H23  H  N N 62  
1XV H23A H  N N 63  
1XV H24  H  N N 64  
1XV H24A H  N N 65  
1XV H25  H  N N 66  
1XV H25A H  N N 67  
1XV H26  H  N N 68  
1XV H26A H  N N 69  
1XV H27  H  N N 70  
1XV H27A H  N N 71  
1XV H28  H  N N 72  
1XV H28A H  N N 73  
1XV H29  H  N N 74  
1XV H29A H  N N 75  
1XV H30  H  N N 76  
1XV H30A H  N N 77  
1XV H31  H  N N 78  
1XV H31A H  N N 79  
1XV H32  H  N N 80  
1XV H32A H  N N 81  
1XV H33  H  N N 82  
1XV H34  H  N N 83  
1XV H34A H  N N 84  
1XV HN37 H  N N 85  
1XV HN38 H  N N 86  
ALA N    N  N N 87  
ALA CA   C  N S 88  
ALA C    C  N N 89  
ALA O    O  N N 90  
ALA CB   C  N N 91  
ALA OXT  O  N N 92  
ALA H    H  N N 93  
ALA H2   H  N N 94  
ALA HA   H  N N 95  
ALA HB1  H  N N 96  
ALA HB2  H  N N 97  
ALA HB3  H  N N 98  
ALA HXT  H  N N 99  
ARG N    N  N N 100 
ARG CA   C  N S 101 
ARG C    C  N N 102 
ARG O    O  N N 103 
ARG CB   C  N N 104 
ARG CG   C  N N 105 
ARG CD   C  N N 106 
ARG NE   N  N N 107 
ARG CZ   C  N N 108 
ARG NH1  N  N N 109 
ARG NH2  N  N N 110 
ARG OXT  O  N N 111 
ARG H    H  N N 112 
ARG H2   H  N N 113 
ARG HA   H  N N 114 
ARG HB2  H  N N 115 
ARG HB3  H  N N 116 
ARG HG2  H  N N 117 
ARG HG3  H  N N 118 
ARG HD2  H  N N 119 
ARG HD3  H  N N 120 
ARG HE   H  N N 121 
ARG HH11 H  N N 122 
ARG HH12 H  N N 123 
ARG HH21 H  N N 124 
ARG HH22 H  N N 125 
ARG HXT  H  N N 126 
ASN N    N  N N 127 
ASN CA   C  N S 128 
ASN C    C  N N 129 
ASN O    O  N N 130 
ASN CB   C  N N 131 
ASN CG   C  N N 132 
ASN OD1  O  N N 133 
ASN ND2  N  N N 134 
ASN OXT  O  N N 135 
ASN H    H  N N 136 
ASN H2   H  N N 137 
ASN HA   H  N N 138 
ASN HB2  H  N N 139 
ASN HB3  H  N N 140 
ASN HD21 H  N N 141 
ASN HD22 H  N N 142 
ASN HXT  H  N N 143 
ASP N    N  N N 144 
ASP CA   C  N S 145 
ASP C    C  N N 146 
ASP O    O  N N 147 
ASP CB   C  N N 148 
ASP CG   C  N N 149 
ASP OD1  O  N N 150 
ASP OD2  O  N N 151 
ASP OXT  O  N N 152 
ASP H    H  N N 153 
ASP H2   H  N N 154 
ASP HA   H  N N 155 
ASP HB2  H  N N 156 
ASP HB3  H  N N 157 
ASP HD2  H  N N 158 
ASP HXT  H  N N 159 
CYS N    N  N N 160 
CYS CA   C  N R 161 
CYS C    C  N N 162 
CYS O    O  N N 163 
CYS CB   C  N N 164 
CYS SG   S  N N 165 
CYS OXT  O  N N 166 
CYS H    H  N N 167 
CYS H2   H  N N 168 
CYS HA   H  N N 169 
CYS HB2  H  N N 170 
CYS HB3  H  N N 171 
CYS HG   H  N N 172 
CYS HXT  H  N N 173 
GLN N    N  N N 174 
GLN CA   C  N S 175 
GLN C    C  N N 176 
GLN O    O  N N 177 
GLN CB   C  N N 178 
GLN CG   C  N N 179 
GLN CD   C  N N 180 
GLN OE1  O  N N 181 
GLN NE2  N  N N 182 
GLN OXT  O  N N 183 
GLN H    H  N N 184 
GLN H2   H  N N 185 
GLN HA   H  N N 186 
GLN HB2  H  N N 187 
GLN HB3  H  N N 188 
GLN HG2  H  N N 189 
GLN HG3  H  N N 190 
GLN HE21 H  N N 191 
GLN HE22 H  N N 192 
GLN HXT  H  N N 193 
GLU N    N  N N 194 
GLU CA   C  N S 195 
GLU C    C  N N 196 
GLU O    O  N N 197 
GLU CB   C  N N 198 
GLU CG   C  N N 199 
GLU CD   C  N N 200 
GLU OE1  O  N N 201 
GLU OE2  O  N N 202 
GLU OXT  O  N N 203 
GLU H    H  N N 204 
GLU H2   H  N N 205 
GLU HA   H  N N 206 
GLU HB2  H  N N 207 
GLU HB3  H  N N 208 
GLU HG2  H  N N 209 
GLU HG3  H  N N 210 
GLU HE2  H  N N 211 
GLU HXT  H  N N 212 
GLY N    N  N N 213 
GLY CA   C  N N 214 
GLY C    C  N N 215 
GLY O    O  N N 216 
GLY OXT  O  N N 217 
GLY H    H  N N 218 
GLY H2   H  N N 219 
GLY HA2  H  N N 220 
GLY HA3  H  N N 221 
GLY HXT  H  N N 222 
HIS N    N  N N 223 
HIS CA   C  N S 224 
HIS C    C  N N 225 
HIS O    O  N N 226 
HIS CB   C  N N 227 
HIS CG   C  Y N 228 
HIS ND1  N  Y N 229 
HIS CD2  C  Y N 230 
HIS CE1  C  Y N 231 
HIS NE2  N  Y N 232 
HIS OXT  O  N N 233 
HIS H    H  N N 234 
HIS H2   H  N N 235 
HIS HA   H  N N 236 
HIS HB2  H  N N 237 
HIS HB3  H  N N 238 
HIS HD1  H  N N 239 
HIS HD2  H  N N 240 
HIS HE1  H  N N 241 
HIS HE2  H  N N 242 
HIS HXT  H  N N 243 
HOH O    O  N N 244 
HOH H1   H  N N 245 
HOH H2   H  N N 246 
ILE N    N  N N 247 
ILE CA   C  N S 248 
ILE C    C  N N 249 
ILE O    O  N N 250 
ILE CB   C  N S 251 
ILE CG1  C  N N 252 
ILE CG2  C  N N 253 
ILE CD1  C  N N 254 
ILE OXT  O  N N 255 
ILE H    H  N N 256 
ILE H2   H  N N 257 
ILE HA   H  N N 258 
ILE HB   H  N N 259 
ILE HG12 H  N N 260 
ILE HG13 H  N N 261 
ILE HG21 H  N N 262 
ILE HG22 H  N N 263 
ILE HG23 H  N N 264 
ILE HD11 H  N N 265 
ILE HD12 H  N N 266 
ILE HD13 H  N N 267 
ILE HXT  H  N N 268 
LEU N    N  N N 269 
LEU CA   C  N S 270 
LEU C    C  N N 271 
LEU O    O  N N 272 
LEU CB   C  N N 273 
LEU CG   C  N N 274 
LEU CD1  C  N N 275 
LEU CD2  C  N N 276 
LEU OXT  O  N N 277 
LEU H    H  N N 278 
LEU H2   H  N N 279 
LEU HA   H  N N 280 
LEU HB2  H  N N 281 
LEU HB3  H  N N 282 
LEU HG   H  N N 283 
LEU HD11 H  N N 284 
LEU HD12 H  N N 285 
LEU HD13 H  N N 286 
LEU HD21 H  N N 287 
LEU HD22 H  N N 288 
LEU HD23 H  N N 289 
LEU HXT  H  N N 290 
LYS N    N  N N 291 
LYS CA   C  N S 292 
LYS C    C  N N 293 
LYS O    O  N N 294 
LYS CB   C  N N 295 
LYS CG   C  N N 296 
LYS CD   C  N N 297 
LYS CE   C  N N 298 
LYS NZ   N  N N 299 
LYS OXT  O  N N 300 
LYS H    H  N N 301 
LYS H2   H  N N 302 
LYS HA   H  N N 303 
LYS HB2  H  N N 304 
LYS HB3  H  N N 305 
LYS HG2  H  N N 306 
LYS HG3  H  N N 307 
LYS HD2  H  N N 308 
LYS HD3  H  N N 309 
LYS HE2  H  N N 310 
LYS HE3  H  N N 311 
LYS HZ1  H  N N 312 
LYS HZ2  H  N N 313 
LYS HZ3  H  N N 314 
LYS HXT  H  N N 315 
MET N    N  N N 316 
MET CA   C  N S 317 
MET C    C  N N 318 
MET O    O  N N 319 
MET CB   C  N N 320 
MET CG   C  N N 321 
MET SD   S  N N 322 
MET CE   C  N N 323 
MET OXT  O  N N 324 
MET H    H  N N 325 
MET H2   H  N N 326 
MET HA   H  N N 327 
MET HB2  H  N N 328 
MET HB3  H  N N 329 
MET HG2  H  N N 330 
MET HG3  H  N N 331 
MET HE1  H  N N 332 
MET HE2  H  N N 333 
MET HE3  H  N N 334 
MET HXT  H  N N 335 
PHE N    N  N N 336 
PHE CA   C  N S 337 
PHE C    C  N N 338 
PHE O    O  N N 339 
PHE CB   C  N N 340 
PHE CG   C  Y N 341 
PHE CD1  C  Y N 342 
PHE CD2  C  Y N 343 
PHE CE1  C  Y N 344 
PHE CE2  C  Y N 345 
PHE CZ   C  Y N 346 
PHE OXT  O  N N 347 
PHE H    H  N N 348 
PHE H2   H  N N 349 
PHE HA   H  N N 350 
PHE HB2  H  N N 351 
PHE HB3  H  N N 352 
PHE HD1  H  N N 353 
PHE HD2  H  N N 354 
PHE HE1  H  N N 355 
PHE HE2  H  N N 356 
PHE HZ   H  N N 357 
PHE HXT  H  N N 358 
PRO N    N  N N 359 
PRO CA   C  N S 360 
PRO C    C  N N 361 
PRO O    O  N N 362 
PRO CB   C  N N 363 
PRO CG   C  N N 364 
PRO CD   C  N N 365 
PRO OXT  O  N N 366 
PRO H    H  N N 367 
PRO HA   H  N N 368 
PRO HB2  H  N N 369 
PRO HB3  H  N N 370 
PRO HG2  H  N N 371 
PRO HG3  H  N N 372 
PRO HD2  H  N N 373 
PRO HD3  H  N N 374 
PRO HXT  H  N N 375 
SER N    N  N N 376 
SER CA   C  N S 377 
SER C    C  N N 378 
SER O    O  N N 379 
SER CB   C  N N 380 
SER OG   O  N N 381 
SER OXT  O  N N 382 
SER H    H  N N 383 
SER H2   H  N N 384 
SER HA   H  N N 385 
SER HB2  H  N N 386 
SER HB3  H  N N 387 
SER HG   H  N N 388 
SER HXT  H  N N 389 
THR N    N  N N 390 
THR CA   C  N S 391 
THR C    C  N N 392 
THR O    O  N N 393 
THR CB   C  N R 394 
THR OG1  O  N N 395 
THR CG2  C  N N 396 
THR OXT  O  N N 397 
THR H    H  N N 398 
THR H2   H  N N 399 
THR HA   H  N N 400 
THR HB   H  N N 401 
THR HG1  H  N N 402 
THR HG21 H  N N 403 
THR HG22 H  N N 404 
THR HG23 H  N N 405 
THR HXT  H  N N 406 
TRP N    N  N N 407 
TRP CA   C  N S 408 
TRP C    C  N N 409 
TRP O    O  N N 410 
TRP CB   C  N N 411 
TRP CG   C  Y N 412 
TRP CD1  C  Y N 413 
TRP CD2  C  Y N 414 
TRP NE1  N  Y N 415 
TRP CE2  C  Y N 416 
TRP CE3  C  Y N 417 
TRP CZ2  C  Y N 418 
TRP CZ3  C  Y N 419 
TRP CH2  C  Y N 420 
TRP OXT  O  N N 421 
TRP H    H  N N 422 
TRP H2   H  N N 423 
TRP HA   H  N N 424 
TRP HB2  H  N N 425 
TRP HB3  H  N N 426 
TRP HD1  H  N N 427 
TRP HE1  H  N N 428 
TRP HE3  H  N N 429 
TRP HZ2  H  N N 430 
TRP HZ3  H  N N 431 
TRP HH2  H  N N 432 
TRP HXT  H  N N 433 
TYR N    N  N N 434 
TYR CA   C  N S 435 
TYR C    C  N N 436 
TYR O    O  N N 437 
TYR CB   C  N N 438 
TYR CG   C  Y N 439 
TYR CD1  C  Y N 440 
TYR CD2  C  Y N 441 
TYR CE1  C  Y N 442 
TYR CE2  C  Y N 443 
TYR CZ   C  Y N 444 
TYR OH   O  N N 445 
TYR OXT  O  N N 446 
TYR H    H  N N 447 
TYR H2   H  N N 448 
TYR HA   H  N N 449 
TYR HB2  H  N N 450 
TYR HB3  H  N N 451 
TYR HD1  H  N N 452 
TYR HD2  H  N N 453 
TYR HE1  H  N N 454 
TYR HE2  H  N N 455 
TYR HH   H  N N 456 
TYR HXT  H  N N 457 
VAL N    N  N N 458 
VAL CA   C  N S 459 
VAL C    C  N N 460 
VAL O    O  N N 461 
VAL CB   C  N N 462 
VAL CG1  C  N N 463 
VAL CG2  C  N N 464 
VAL OXT  O  N N 465 
VAL H    H  N N 466 
VAL H2   H  N N 467 
VAL HA   H  N N 468 
VAL HB   H  N N 469 
VAL HG11 H  N N 470 
VAL HG12 H  N N 471 
VAL HG13 H  N N 472 
VAL HG21 H  N N 473 
VAL HG22 H  N N 474 
VAL HG23 H  N N 475 
VAL HXT  H  N N 476 
# 
loop_
_chem_comp_bond.comp_id 
_chem_comp_bond.atom_id_1 
_chem_comp_bond.atom_id_2 
_chem_comp_bond.value_order 
_chem_comp_bond.pdbx_aromatic_flag 
_chem_comp_bond.pdbx_stereo_config 
_chem_comp_bond.pdbx_ordinal 
1XV C9  C1   doub Y N 1   
1XV C1  C12  sing Y N 2   
1XV C1  H1   sing N N 3   
1XV C10 C2   sing Y N 4   
1XV C2  C12  doub Y N 5   
1XV C2  H2   sing N N 6   
1XV C5  C3   doub Y N 7   
1XV C3  C13  sing Y N 8   
1XV C3  H3   sing N N 9   
1XV C6  C4   sing Y N 10  
1XV C4  C13  doub Y N 11  
1XV C4  H4   sing N N 12  
1XV CL4 C18  sing N N 13  
1XV C14 C5   sing Y N 14  
1XV C5  H5   sing N N 15  
1XV C14 C6   doub Y N 16  
1XV C6  H6   sing N N 17  
1XV C15 C7   doub Y N 18  
1XV C7  C8   sing Y N 19  
1XV C7  H7   sing N N 20  
1XV C17 C8   doub Y N 21  
1XV C8  H8   sing N N 22  
1XV C18 C9   sing Y N 23  
1XV C9  H9   sing N N 24  
1XV C18 C10  doub Y N 25  
1XV C10 H10  sing N N 26  
1XV C16 C11  doub Y N 27  
1XV C11 C17  sing Y N 28  
1XV C11 H11  sing N N 29  
1XV C12 C19  sing N N 30  
1XV C13 C21  sing N N 31  
1XV N35 C14  sing N N 32  
1XV N37 C15  sing N N 33  
1XV C16 C15  sing Y N 34  
1XV N39 C16  sing N N 35  
1XV C17 S47  sing N N 36  
1XV C22 C19  sing N N 37  
1XV C19 C20  doub N N 38  
1XV C20 C34  sing N N 39  
1XV C20 C23  sing N N 40  
1XV N38 C21  sing N N 41  
1XV C21 O41  doub N N 42  
1XV C22 C30  sing N N 43  
1XV C22 H22  sing N N 44  
1XV C22 H22A sing N N 45  
1XV O45 C23  sing N N 46  
1XV C23 H23  sing N N 47  
1XV C23 H23A sing N N 48  
1XV C33 C24  sing N N 49  
1XV C24 C31  sing N N 50  
1XV C24 H24  sing N N 51  
1XV C24 H24A sing N N 52  
1XV C25 C32  sing N N 53  
1XV C25 C33  sing N N 54  
1XV C25 H25  sing N N 55  
1XV C25 H25A sing N N 56  
1XV C28 C26  sing N N 57  
1XV C26 N35  sing N N 58  
1XV C26 H26  sing N N 59  
1XV C26 H26A sing N N 60  
1XV C29 C27  sing N N 61  
1XV N35 C27  sing N N 62  
1XV C27 H27  sing N N 63  
1XV C27 H27A sing N N 64  
1XV C28 N36  sing N N 65  
1XV C28 H28  sing N N 66  
1XV C28 H28A sing N N 67  
1XV N36 C29  sing N N 68  
1XV C29 H29  sing N N 69  
1XV C29 H29A sing N N 70  
1XV C30 O45  sing N N 71  
1XV C30 H30  sing N N 72  
1XV C30 H30A sing N N 73  
1XV O46 C31  sing N N 74  
1XV C31 H31  sing N N 75  
1XV C31 H31A sing N N 76  
1XV C32 O46  sing N N 77  
1XV C32 H32  sing N N 78  
1XV C32 H32A sing N N 79  
1XV N37 C33  sing N N 80  
1XV C33 H33  sing N N 81  
1XV C34 N36  sing N N 82  
1XV C34 H34  sing N N 83  
1XV C34 H34A sing N N 84  
1XV N37 HN37 sing N N 85  
1XV N38 S47  sing N N 86  
1XV N38 HN38 sing N N 87  
1XV O42 N39  sing N N 88  
1XV O40 N39  doub N N 89  
1XV O43 S47  doub N N 90  
1XV S47 O44  doub N N 91  
ALA N   CA   sing N N 92  
ALA N   H    sing N N 93  
ALA N   H2   sing N N 94  
ALA CA  C    sing N N 95  
ALA CA  CB   sing N N 96  
ALA CA  HA   sing N N 97  
ALA C   O    doub N N 98  
ALA C   OXT  sing N N 99  
ALA CB  HB1  sing N N 100 
ALA CB  HB2  sing N N 101 
ALA CB  HB3  sing N N 102 
ALA OXT HXT  sing N N 103 
ARG N   CA   sing N N 104 
ARG N   H    sing N N 105 
ARG N   H2   sing N N 106 
ARG CA  C    sing N N 107 
ARG CA  CB   sing N N 108 
ARG CA  HA   sing N N 109 
ARG C   O    doub N N 110 
ARG C   OXT  sing N N 111 
ARG CB  CG   sing N N 112 
ARG CB  HB2  sing N N 113 
ARG CB  HB3  sing N N 114 
ARG CG  CD   sing N N 115 
ARG CG  HG2  sing N N 116 
ARG CG  HG3  sing N N 117 
ARG CD  NE   sing N N 118 
ARG CD  HD2  sing N N 119 
ARG CD  HD3  sing N N 120 
ARG NE  CZ   sing N N 121 
ARG NE  HE   sing N N 122 
ARG CZ  NH1  sing N N 123 
ARG CZ  NH2  doub N N 124 
ARG NH1 HH11 sing N N 125 
ARG NH1 HH12 sing N N 126 
ARG NH2 HH21 sing N N 127 
ARG NH2 HH22 sing N N 128 
ARG OXT HXT  sing N N 129 
ASN N   CA   sing N N 130 
ASN N   H    sing N N 131 
ASN N   H2   sing N N 132 
ASN CA  C    sing N N 133 
ASN CA  CB   sing N N 134 
ASN CA  HA   sing N N 135 
ASN C   O    doub N N 136 
ASN C   OXT  sing N N 137 
ASN CB  CG   sing N N 138 
ASN CB  HB2  sing N N 139 
ASN CB  HB3  sing N N 140 
ASN CG  OD1  doub N N 141 
ASN CG  ND2  sing N N 142 
ASN ND2 HD21 sing N N 143 
ASN ND2 HD22 sing N N 144 
ASN OXT HXT  sing N N 145 
ASP N   CA   sing N N 146 
ASP N   H    sing N N 147 
ASP N   H2   sing N N 148 
ASP CA  C    sing N N 149 
ASP CA  CB   sing N N 150 
ASP CA  HA   sing N N 151 
ASP C   O    doub N N 152 
ASP C   OXT  sing N N 153 
ASP CB  CG   sing N N 154 
ASP CB  HB2  sing N N 155 
ASP CB  HB3  sing N N 156 
ASP CG  OD1  doub N N 157 
ASP CG  OD2  sing N N 158 
ASP OD2 HD2  sing N N 159 
ASP OXT HXT  sing N N 160 
CYS N   CA   sing N N 161 
CYS N   H    sing N N 162 
CYS N   H2   sing N N 163 
CYS CA  C    sing N N 164 
CYS CA  CB   sing N N 165 
CYS CA  HA   sing N N 166 
CYS C   O    doub N N 167 
CYS C   OXT  sing N N 168 
CYS CB  SG   sing N N 169 
CYS CB  HB2  sing N N 170 
CYS CB  HB3  sing N N 171 
CYS SG  HG   sing N N 172 
CYS OXT HXT  sing N N 173 
GLN N   CA   sing N N 174 
GLN N   H    sing N N 175 
GLN N   H2   sing N N 176 
GLN CA  C    sing N N 177 
GLN CA  CB   sing N N 178 
GLN CA  HA   sing N N 179 
GLN C   O    doub N N 180 
GLN C   OXT  sing N N 181 
GLN CB  CG   sing N N 182 
GLN CB  HB2  sing N N 183 
GLN CB  HB3  sing N N 184 
GLN CG  CD   sing N N 185 
GLN CG  HG2  sing N N 186 
GLN CG  HG3  sing N N 187 
GLN CD  OE1  doub N N 188 
GLN CD  NE2  sing N N 189 
GLN NE2 HE21 sing N N 190 
GLN NE2 HE22 sing N N 191 
GLN OXT HXT  sing N N 192 
GLU N   CA   sing N N 193 
GLU N   H    sing N N 194 
GLU N   H2   sing N N 195 
GLU CA  C    sing N N 196 
GLU CA  CB   sing N N 197 
GLU CA  HA   sing N N 198 
GLU C   O    doub N N 199 
GLU C   OXT  sing N N 200 
GLU CB  CG   sing N N 201 
GLU CB  HB2  sing N N 202 
GLU CB  HB3  sing N N 203 
GLU CG  CD   sing N N 204 
GLU CG  HG2  sing N N 205 
GLU CG  HG3  sing N N 206 
GLU CD  OE1  doub N N 207 
GLU CD  OE2  sing N N 208 
GLU OE2 HE2  sing N N 209 
GLU OXT HXT  sing N N 210 
GLY N   CA   sing N N 211 
GLY N   H    sing N N 212 
GLY N   H2   sing N N 213 
GLY CA  C    sing N N 214 
GLY CA  HA2  sing N N 215 
GLY CA  HA3  sing N N 216 
GLY C   O    doub N N 217 
GLY C   OXT  sing N N 218 
GLY OXT HXT  sing N N 219 
HIS N   CA   sing N N 220 
HIS N   H    sing N N 221 
HIS N   H2   sing N N 222 
HIS CA  C    sing N N 223 
HIS CA  CB   sing N N 224 
HIS CA  HA   sing N N 225 
HIS C   O    doub N N 226 
HIS C   OXT  sing N N 227 
HIS CB  CG   sing N N 228 
HIS CB  HB2  sing N N 229 
HIS CB  HB3  sing N N 230 
HIS CG  ND1  sing Y N 231 
HIS CG  CD2  doub Y N 232 
HIS ND1 CE1  doub Y N 233 
HIS ND1 HD1  sing N N 234 
HIS CD2 NE2  sing Y N 235 
HIS CD2 HD2  sing N N 236 
HIS CE1 NE2  sing Y N 237 
HIS CE1 HE1  sing N N 238 
HIS NE2 HE2  sing N N 239 
HIS OXT HXT  sing N N 240 
HOH O   H1   sing N N 241 
HOH O   H2   sing N N 242 
ILE N   CA   sing N N 243 
ILE N   H    sing N N 244 
ILE N   H2   sing N N 245 
ILE CA  C    sing N N 246 
ILE CA  CB   sing N N 247 
ILE CA  HA   sing N N 248 
ILE C   O    doub N N 249 
ILE C   OXT  sing N N 250 
ILE CB  CG1  sing N N 251 
ILE CB  CG2  sing N N 252 
ILE CB  HB   sing N N 253 
ILE CG1 CD1  sing N N 254 
ILE CG1 HG12 sing N N 255 
ILE CG1 HG13 sing N N 256 
ILE CG2 HG21 sing N N 257 
ILE CG2 HG22 sing N N 258 
ILE CG2 HG23 sing N N 259 
ILE CD1 HD11 sing N N 260 
ILE CD1 HD12 sing N N 261 
ILE CD1 HD13 sing N N 262 
ILE OXT HXT  sing N N 263 
LEU N   CA   sing N N 264 
LEU N   H    sing N N 265 
LEU N   H2   sing N N 266 
LEU CA  C    sing N N 267 
LEU CA  CB   sing N N 268 
LEU CA  HA   sing N N 269 
LEU C   O    doub N N 270 
LEU C   OXT  sing N N 271 
LEU CB  CG   sing N N 272 
LEU CB  HB2  sing N N 273 
LEU CB  HB3  sing N N 274 
LEU CG  CD1  sing N N 275 
LEU CG  CD2  sing N N 276 
LEU CG  HG   sing N N 277 
LEU CD1 HD11 sing N N 278 
LEU CD1 HD12 sing N N 279 
LEU CD1 HD13 sing N N 280 
LEU CD2 HD21 sing N N 281 
LEU CD2 HD22 sing N N 282 
LEU CD2 HD23 sing N N 283 
LEU OXT HXT  sing N N 284 
LYS N   CA   sing N N 285 
LYS N   H    sing N N 286 
LYS N   H2   sing N N 287 
LYS CA  C    sing N N 288 
LYS CA  CB   sing N N 289 
LYS CA  HA   sing N N 290 
LYS C   O    doub N N 291 
LYS C   OXT  sing N N 292 
LYS CB  CG   sing N N 293 
LYS CB  HB2  sing N N 294 
LYS CB  HB3  sing N N 295 
LYS CG  CD   sing N N 296 
LYS CG  HG2  sing N N 297 
LYS CG  HG3  sing N N 298 
LYS CD  CE   sing N N 299 
LYS CD  HD2  sing N N 300 
LYS CD  HD3  sing N N 301 
LYS CE  NZ   sing N N 302 
LYS CE  HE2  sing N N 303 
LYS CE  HE3  sing N N 304 
LYS NZ  HZ1  sing N N 305 
LYS NZ  HZ2  sing N N 306 
LYS NZ  HZ3  sing N N 307 
LYS OXT HXT  sing N N 308 
MET N   CA   sing N N 309 
MET N   H    sing N N 310 
MET N   H2   sing N N 311 
MET CA  C    sing N N 312 
MET CA  CB   sing N N 313 
MET CA  HA   sing N N 314 
MET C   O    doub N N 315 
MET C   OXT  sing N N 316 
MET CB  CG   sing N N 317 
MET CB  HB2  sing N N 318 
MET CB  HB3  sing N N 319 
MET CG  SD   sing N N 320 
MET CG  HG2  sing N N 321 
MET CG  HG3  sing N N 322 
MET SD  CE   sing N N 323 
MET CE  HE1  sing N N 324 
MET CE  HE2  sing N N 325 
MET CE  HE3  sing N N 326 
MET OXT HXT  sing N N 327 
PHE N   CA   sing N N 328 
PHE N   H    sing N N 329 
PHE N   H2   sing N N 330 
PHE CA  C    sing N N 331 
PHE CA  CB   sing N N 332 
PHE CA  HA   sing N N 333 
PHE C   O    doub N N 334 
PHE C   OXT  sing N N 335 
PHE CB  CG   sing N N 336 
PHE CB  HB2  sing N N 337 
PHE CB  HB3  sing N N 338 
PHE CG  CD1  doub Y N 339 
PHE CG  CD2  sing Y N 340 
PHE CD1 CE1  sing Y N 341 
PHE CD1 HD1  sing N N 342 
PHE CD2 CE2  doub Y N 343 
PHE CD2 HD2  sing N N 344 
PHE CE1 CZ   doub Y N 345 
PHE CE1 HE1  sing N N 346 
PHE CE2 CZ   sing Y N 347 
PHE CE2 HE2  sing N N 348 
PHE CZ  HZ   sing N N 349 
PHE OXT HXT  sing N N 350 
PRO N   CA   sing N N 351 
PRO N   CD   sing N N 352 
PRO N   H    sing N N 353 
PRO CA  C    sing N N 354 
PRO CA  CB   sing N N 355 
PRO CA  HA   sing N N 356 
PRO C   O    doub N N 357 
PRO C   OXT  sing N N 358 
PRO CB  CG   sing N N 359 
PRO CB  HB2  sing N N 360 
PRO CB  HB3  sing N N 361 
PRO CG  CD   sing N N 362 
PRO CG  HG2  sing N N 363 
PRO CG  HG3  sing N N 364 
PRO CD  HD2  sing N N 365 
PRO CD  HD3  sing N N 366 
PRO OXT HXT  sing N N 367 
SER N   CA   sing N N 368 
SER N   H    sing N N 369 
SER N   H2   sing N N 370 
SER CA  C    sing N N 371 
SER CA  CB   sing N N 372 
SER CA  HA   sing N N 373 
SER C   O    doub N N 374 
SER C   OXT  sing N N 375 
SER CB  OG   sing N N 376 
SER CB  HB2  sing N N 377 
SER CB  HB3  sing N N 378 
SER OG  HG   sing N N 379 
SER OXT HXT  sing N N 380 
THR N   CA   sing N N 381 
THR N   H    sing N N 382 
THR N   H2   sing N N 383 
THR CA  C    sing N N 384 
THR CA  CB   sing N N 385 
THR CA  HA   sing N N 386 
THR C   O    doub N N 387 
THR C   OXT  sing N N 388 
THR CB  OG1  sing N N 389 
THR CB  CG2  sing N N 390 
THR CB  HB   sing N N 391 
THR OG1 HG1  sing N N 392 
THR CG2 HG21 sing N N 393 
THR CG2 HG22 sing N N 394 
THR CG2 HG23 sing N N 395 
THR OXT HXT  sing N N 396 
TRP N   CA   sing N N 397 
TRP N   H    sing N N 398 
TRP N   H2   sing N N 399 
TRP CA  C    sing N N 400 
TRP CA  CB   sing N N 401 
TRP CA  HA   sing N N 402 
TRP C   O    doub N N 403 
TRP C   OXT  sing N N 404 
TRP CB  CG   sing N N 405 
TRP CB  HB2  sing N N 406 
TRP CB  HB3  sing N N 407 
TRP CG  CD1  doub Y N 408 
TRP CG  CD2  sing Y N 409 
TRP CD1 NE1  sing Y N 410 
TRP CD1 HD1  sing N N 411 
TRP CD2 CE2  doub Y N 412 
TRP CD2 CE3  sing Y N 413 
TRP NE1 CE2  sing Y N 414 
TRP NE1 HE1  sing N N 415 
TRP CE2 CZ2  sing Y N 416 
TRP CE3 CZ3  doub Y N 417 
TRP CE3 HE3  sing N N 418 
TRP CZ2 CH2  doub Y N 419 
TRP CZ2 HZ2  sing N N 420 
TRP CZ3 CH2  sing Y N 421 
TRP CZ3 HZ3  sing N N 422 
TRP CH2 HH2  sing N N 423 
TRP OXT HXT  sing N N 424 
TYR N   CA   sing N N 425 
TYR N   H    sing N N 426 
TYR N   H2   sing N N 427 
TYR CA  C    sing N N 428 
TYR CA  CB   sing N N 429 
TYR CA  HA   sing N N 430 
TYR C   O    doub N N 431 
TYR C   OXT  sing N N 432 
TYR CB  CG   sing N N 433 
TYR CB  HB2  sing N N 434 
TYR CB  HB3  sing N N 435 
TYR CG  CD1  doub Y N 436 
TYR CG  CD2  sing Y N 437 
TYR CD1 CE1  sing Y N 438 
TYR CD1 HD1  sing N N 439 
TYR CD2 CE2  doub Y N 440 
TYR CD2 HD2  sing N N 441 
TYR CE1 CZ   doub Y N 442 
TYR CE1 HE1  sing N N 443 
TYR CE2 CZ   sing Y N 444 
TYR CE2 HE2  sing N N 445 
TYR CZ  OH   sing N N 446 
TYR OH  HH   sing N N 447 
TYR OXT HXT  sing N N 448 
VAL N   CA   sing N N 449 
VAL N   H    sing N N 450 
VAL N   H2   sing N N 451 
VAL CA  C    sing N N 452 
VAL CA  CB   sing N N 453 
VAL CA  HA   sing N N 454 
VAL C   O    doub N N 455 
VAL C   OXT  sing N N 456 
VAL CB  CG1  sing N N 457 
VAL CB  CG2  sing N N 458 
VAL CB  HB   sing N N 459 
VAL CG1 HG11 sing N N 460 
VAL CG1 HG12 sing N N 461 
VAL CG1 HG13 sing N N 462 
VAL CG2 HG21 sing N N 463 
VAL CG2 HG22 sing N N 464 
VAL CG2 HG23 sing N N 465 
VAL OXT HXT  sing N N 466 
# 
_atom_sites.entry_id                    4LXD 
_atom_sites.fract_transf_matrix[1][1]   -0.00190732 
_atom_sites.fract_transf_matrix[1][2]   -0.01138378 
_atom_sites.fract_transf_matrix[1][3]   -0.00670157 
_atom_sites.fract_transf_matrix[2][1]   -0.00169878 
_atom_sites.fract_transf_matrix[2][2]   -0.01145048 
_atom_sites.fract_transf_matrix[2][3]   0.00664403 
_atom_sites.fract_transf_matrix[3][1]   -0.01582092 
_atom_sites.fract_transf_matrix[3][2]   0.00249786 
_atom_sites.fract_transf_matrix[3][3]   0.00025970 
_atom_sites.fract_transf_vector[1]      0.420598 
_atom_sites.fract_transf_vector[2]      0.380908 
_atom_sites.fract_transf_vector[3]      -0.004990 
# 
loop_
_atom_type.symbol 
C  
CL 
N  
O  
S  
# 
loop_
_atom_site.group_PDB 
_atom_site.id 
_atom_site.type_symbol 
_atom_site.label_atom_id 
_atom_site.label_alt_id 
_atom_site.label_comp_id 
_atom_site.label_asym_id 
_atom_site.label_entity_id 
_atom_site.label_seq_id 
_atom_site.pdbx_PDB_ins_code 
_atom_site.Cartn_x 
_atom_site.Cartn_y 
_atom_site.Cartn_z 
_atom_site.occupancy 
_atom_site.B_iso_or_equiv 
_atom_site.pdbx_formal_charge 
_atom_site.auth_seq_id 
_atom_site.auth_comp_id 
_atom_site.auth_asym_id 
_atom_site.auth_atom_id 
_atom_site.pdbx_PDB_model_num 
ATOM   1    N  N   . ARG A 1 6   ? 2.603   16.181  15.628  1.00 38.30  ? 4   ARG A N   1 
ATOM   2    C  CA  . ARG A 1 6   ? 1.327   16.400  16.307  1.00 37.04  ? 4   ARG A CA  1 
ATOM   3    C  C   . ARG A 1 6   ? 0.542   15.125  16.604  1.00 37.59  ? 4   ARG A C   1 
ATOM   4    O  O   . ARG A 1 6   ? 0.095   14.957  17.740  1.00 36.73  ? 4   ARG A O   1 
ATOM   5    C  CB  . ARG A 1 6   ? 0.446   17.447  15.591  1.00 40.36  ? 4   ARG A CB  1 
ATOM   6    C  CG  . ARG A 1 6   ? 0.185   17.188  14.106  1.00 57.81  ? 4   ARG A CG  1 
ATOM   7    C  CD  . ARG A 1 6   ? -0.893  18.097  13.543  1.00 73.62  ? 4   ARG A CD  1 
ATOM   8    N  NE  . ARG A 1 6   ? -1.309  17.668  12.205  1.00 85.14  ? 4   ARG A NE  1 
ATOM   9    C  CZ  . ARG A 1 6   ? -2.357  16.888  11.954  1.00 100.28 ? 4   ARG A CZ  1 
ATOM   10   N  NH1 . ARG A 1 6   ? -3.124  16.453  12.948  1.00 85.24  ? 4   ARG A NH1 1 
ATOM   11   N  NH2 . ARG A 1 6   ? -2.651  16.544  10.709  1.00 89.81  ? 4   ARG A NH2 1 
ATOM   12   N  N   . THR A 1 7   ? 0.389   14.219  15.607  1.00 31.80  ? 5   THR A N   1 
ATOM   13   C  CA  . THR A 1 7   ? -0.396  12.972  15.755  1.00 30.89  ? 5   THR A CA  1 
ATOM   14   C  C   . THR A 1 7   ? 0.286   11.912  16.615  1.00 32.28  ? 5   THR A C   1 
ATOM   15   O  O   . THR A 1 7   ? -0.374  10.970  17.075  1.00 32.45  ? 5   THR A O   1 
ATOM   16   C  CB  . THR A 1 7   ? -0.777  12.375  14.390  1.00 39.74  ? 5   THR A CB  1 
ATOM   17   O  OG1 . THR A 1 7   ? 0.410   11.919  13.748  1.00 41.82  ? 5   THR A OG1 1 
ATOM   18   C  CG2 . THR A 1 7   ? -1.535  13.352  13.491  1.00 40.37  ? 5   THR A CG2 1 
ATOM   19   N  N   . GLY A 1 8   ? 1.599   12.030  16.766  1.00 27.54  ? 6   GLY A N   1 
ATOM   20   C  CA  . GLY A 1 8   ? 2.383   11.062  17.524  1.00 27.64  ? 6   GLY A CA  1 
ATOM   21   C  C   . GLY A 1 8   ? 2.842   9.879   16.692  1.00 30.57  ? 6   GLY A C   1 
ATOM   22   O  O   . GLY A 1 8   ? 3.345   8.884   17.228  1.00 29.14  ? 6   GLY A O   1 
ATOM   23   N  N   . TYR A 1 9   ? 2.631   9.968   15.370  1.00 25.39  ? 7   TYR A N   1 
ATOM   24   C  CA  . TYR A 1 9   ? 3.022   8.920   14.438  1.00 23.81  ? 7   TYR A CA  1 
ATOM   25   C  C   . TYR A 1 9   ? 3.329   9.526   13.086  1.00 27.45  ? 7   TYR A C   1 
ATOM   26   O  O   . TYR A 1 9   ? 2.880   10.639  12.763  1.00 25.19  ? 7   TYR A O   1 
ATOM   27   C  CB  . TYR A 1 9   ? 1.928   7.840   14.324  1.00 24.11  ? 7   TYR A CB  1 
ATOM   28   C  CG  . TYR A 1 9   ? 0.603   8.318   13.752  1.00 24.89  ? 7   TYR A CG  1 
ATOM   29   C  CD1 . TYR A 1 9   ? 0.427   8.471   12.380  1.00 26.64  ? 7   TYR A CD1 1 
ATOM   30   C  CD2 . TYR A 1 9   ? -0.508  8.496   14.574  1.00 25.39  ? 7   TYR A CD2 1 
ATOM   31   C  CE1 . TYR A 1 9   ? -0.784  8.909   11.850  1.00 27.57  ? 7   TYR A CE1 1 
ATOM   32   C  CE2 . TYR A 1 9   ? -1.736  8.900   14.050  1.00 26.20  ? 7   TYR A CE2 1 
ATOM   33   C  CZ  . TYR A 1 9   ? -1.864  9.120   12.688  1.00 31.26  ? 7   TYR A CZ  1 
ATOM   34   O  OH  . TYR A 1 9   ? -3.064  9.500   12.152  1.00 30.06  ? 7   TYR A OH  1 
ATOM   35   N  N   . ASP A 1 10  ? 4.023   8.744   12.257  1.00 23.96  ? 8   ASP A N   1 
ATOM   36   C  CA  . ASP A 1 10  ? 4.370   9.172   10.922  1.00 22.65  ? 8   ASP A CA  1 
ATOM   37   C  C   . ASP A 1 10  ? 3.889   8.109   9.962   1.00 23.07  ? 8   ASP A C   1 
ATOM   38   O  O   . ASP A 1 10  ? 4.304   6.953   10.080  1.00 21.27  ? 8   ASP A O   1 
ATOM   39   C  CB  . ASP A 1 10  ? 5.888   9.379   10.854  1.00 25.47  ? 8   ASP A CB  1 
ATOM   40   C  CG  . ASP A 1 10  ? 6.488   9.796   9.523   1.00 36.77  ? 8   ASP A CG  1 
ATOM   41   O  OD1 . ASP A 1 10  ? 5.720   10.106  8.590   1.00 37.94  ? 8   ASP A OD1 1 
ATOM   42   O  OD2 . ASP A 1 10  ? 7.725   9.842   9.430   1.00 46.12  ? 8   ASP A OD2 1 
ATOM   43   N  N   . ASN A 1 11  ? 2.981   8.490   9.024   1.00 20.63  ? 9   ASN A N   1 
ATOM   44   C  CA  . ASN A 1 11  ? 2.427   7.586   7.992   1.00 19.53  ? 9   ASN A CA  1 
ATOM   45   C  C   . ASN A 1 11  ? 3.515   6.964   7.129   1.00 18.93  ? 9   ASN A C   1 
ATOM   46   O  O   . ASN A 1 11  ? 3.283   5.890   6.572   1.00 17.39  ? 9   ASN A O   1 
ATOM   47   C  CB  . ASN A 1 11  ? 1.358   8.258   7.129   1.00 18.67  ? 9   ASN A CB  1 
ATOM   48   C  CG  . ASN A 1 11  ? 0.042   8.467   7.837   1.00 29.13  ? 9   ASN A CG  1 
ATOM   49   O  OD1 . ASN A 1 11  ? -0.357  7.676   8.690   1.00 25.37  ? 9   ASN A OD1 1 
ATOM   50   N  ND2 . ASN A 1 11  ? -0.657  9.546   7.508   1.00 23.37  ? 9   ASN A ND2 1 
ATOM   51   N  N   . ARG A 1 12  ? 4.692   7.611   7.019   1.00 15.91  ? 10  ARG A N   1 
ATOM   52   C  CA  . ARG A 1 12  ? 5.832   7.037   6.301   1.00 16.58  ? 10  ARG A CA  1 
ATOM   53   C  C   . ARG A 1 12  ? 6.163   5.665   6.903   1.00 18.99  ? 10  ARG A C   1 
ATOM   54   O  O   . ARG A 1 12  ? 6.487   4.751   6.167   1.00 16.54  ? 10  ARG A O   1 
ATOM   55   C  CB  . ARG A 1 12  ? 7.076   7.963   6.367   1.00 19.23  ? 10  ARG A CB  1 
ATOM   56   C  CG  . ARG A 1 12  ? 8.228   7.490   5.488   1.00 30.26  ? 10  ARG A CG  1 
ATOM   57   C  CD  . ARG A 1 12  ? 9.404   8.453   5.536   1.00 44.75  ? 10  ARG A CD  1 
ATOM   58   N  NE  . ARG A 1 12  ? 10.664  7.788   5.203   1.00 59.96  ? 10  ARG A NE  1 
ATOM   59   C  CZ  . ARG A 1 12  ? 11.437  7.145   6.077   1.00 81.54  ? 10  ARG A CZ  1 
ATOM   60   N  NH1 . ARG A 1 12  ? 11.078  7.059   7.354   1.00 69.05  ? 10  ARG A NH1 1 
ATOM   61   N  NH2 . ARG A 1 12  ? 12.566  6.577   5.680   1.00 72.61  ? 10  ARG A NH2 1 
ATOM   62   N  N   . GLU A 1 13  ? 6.054   5.513   8.246   1.00 16.48  ? 11  GLU A N   1 
ATOM   63   C  CA  . GLU A 1 13  ? 6.346   4.231   8.887   1.00 15.93  ? 11  GLU A CA  1 
ATOM   64   C  C   . GLU A 1 13  ? 5.352   3.131   8.480   1.00 15.92  ? 11  GLU A C   1 
ATOM   65   O  O   . GLU A 1 13  ? 5.767   1.996   8.251   1.00 15.99  ? 11  GLU A O   1 
ATOM   66   C  CB  . GLU A 1 13  ? 6.407   4.372   10.413  1.00 17.98  ? 11  GLU A CB  1 
ATOM   67   C  CG  . GLU A 1 13  ? 6.864   3.094   11.106  1.00 26.14  ? 11  GLU A CG  1 
ATOM   68   C  CD  . GLU A 1 13  ? 6.934   3.182   12.622  1.00 47.89  ? 11  GLU A CD  1 
ATOM   69   O  OE1 . GLU A 1 13  ? 7.143   2.133   13.272  1.00 49.40  ? 11  GLU A OE1 1 
ATOM   70   O  OE2 . GLU A 1 13  ? 6.761   4.298   13.161  1.00 33.37  ? 11  GLU A OE2 1 
ATOM   71   N  N   . ILE A 1 14  ? 4.063   3.450   8.383   1.00 13.96  ? 12  ILE A N   1 
ATOM   72   C  CA  . ILE A 1 14  ? 3.072   2.458   7.954   1.00 15.08  ? 12  ILE A CA  1 
ATOM   73   C  C   . ILE A 1 14  ? 3.419   2.005   6.531   1.00 16.92  ? 12  ILE A C   1 
ATOM   74   O  O   . ILE A 1 14  ? 3.363   0.809   6.230   1.00 15.85  ? 12  ILE A O   1 
ATOM   75   C  CB  . ILE A 1 14  ? 1.607   2.998   8.056   1.00 19.21  ? 12  ILE A CB  1 
ATOM   76   C  CG1 . ILE A 1 14  ? 1.159   3.073   9.515   1.00 20.71  ? 12  ILE A CG1 1 
ATOM   77   C  CG2 . ILE A 1 14  ? 0.640   2.082   7.297   1.00 21.23  ? 12  ILE A CG2 1 
ATOM   78   C  CD1 . ILE A 1 14  ? -0.248  3.710   9.692   1.00 24.42  ? 12  ILE A CD1 1 
ATOM   79   N  N   . VAL A 1 15  ? 3.785   2.957   5.673   1.00 13.15  ? 13  VAL A N   1 
ATOM   80   C  CA  . VAL A 1 15  ? 4.168   2.663   4.290   1.00 12.63  ? 13  VAL A CA  1 
ATOM   81   C  C   . VAL A 1 15  ? 5.411   1.764   4.227   1.00 16.63  ? 13  VAL A C   1 
ATOM   82   O  O   . VAL A 1 15  ? 5.379   0.727   3.558   1.00 14.53  ? 13  VAL A O   1 
ATOM   83   C  CB  . VAL A 1 15  ? 4.326   3.961   3.458   1.00 14.66  ? 13  VAL A CB  1 
ATOM   84   C  CG1 . VAL A 1 15  ? 4.939   3.677   2.096   1.00 15.14  ? 13  VAL A CG1 1 
ATOM   85   C  CG2 . VAL A 1 15  ? 2.991   4.678   3.316   1.00 13.73  ? 13  VAL A CG2 1 
ATOM   86   N  N   . MET A 1 16  ? 6.490   2.157   4.919   1.00 15.98  ? 14  MET A N   1 
ATOM   87   C  CA  . MET A 1 16  ? 7.755   1.420   4.925   1.00 18.00  ? 14  MET A CA  1 
ATOM   88   C  C   . MET A 1 16  ? 7.584   0.004   5.437   1.00 16.65  ? 14  MET A C   1 
ATOM   89   O  O   . MET A 1 16  ? 8.084   -0.925  4.813   1.00 15.37  ? 14  MET A O   1 
ATOM   90   C  CB  . MET A 1 16  ? 8.872   2.151   5.718   1.00 21.97  ? 14  MET A CB  1 
ATOM   91   C  CG  . MET A 1 16  ? 9.259   3.547   5.175   1.00 28.64  ? 14  MET A CG  1 
ATOM   92   S  SD  . MET A 1 16  ? 9.490   3.740   3.387   1.00 36.90  ? 14  MET A SD  1 
ATOM   93   C  CE  . MET A 1 16  ? 10.842  2.664   3.099   1.00 33.87  ? 14  MET A CE  1 
ATOM   94   N  N   . LYS A 1 17  ? 6.851   -0.168  6.536   1.00 14.42  ? 15  LYS A N   1 
ATOM   95   C  CA  . LYS A 1 17  ? 6.601   -1.506  7.093   1.00 14.77  ? 15  LYS A CA  1 
ATOM   96   C  C   . LYS A 1 17  ? 5.782   -2.373  6.161   1.00 16.25  ? 15  LYS A C   1 
ATOM   97   O  O   . LYS A 1 17  ? 6.024   -3.584  6.058   1.00 13.62  ? 15  LYS A O   1 
ATOM   98   C  CB  . LYS A 1 17  ? 5.954   -1.406  8.487   1.00 17.30  ? 15  LYS A CB  1 
ATOM   99   C  CG  . LYS A 1 17  ? 7.045   -1.072  9.520   1.00 23.22  ? 15  LYS A CG  1 
ATOM   100  C  CD  . LYS A 1 17  ? 6.503   -1.009  10.924  1.00 32.19  ? 15  LYS A CD  1 
ATOM   101  C  CE  . LYS A 1 17  ? 7.542   -1.093  12.031  1.00 42.09  ? 15  LYS A CE  1 
ATOM   102  N  NZ  . LYS A 1 17  ? 8.591   -0.041  11.945  1.00 53.87  ? 15  LYS A NZ  1 
ATOM   103  N  N   . TYR A 1 18  ? 4.787   -1.761  5.497   1.00 12.88  ? 16  TYR A N   1 
ATOM   104  C  CA  . TYR A 1 18  ? 3.948   -2.525  4.569   1.00 12.79  ? 16  TYR A CA  1 
ATOM   105  C  C   . TYR A 1 18  ? 4.762   -2.987  3.362   1.00 14.67  ? 16  TYR A C   1 
ATOM   106  O  O   . TYR A 1 18  ? 4.693   -4.153  3.001   1.00 12.90  ? 16  TYR A O   1 
ATOM   107  C  CB  . TYR A 1 18  ? 2.745   -1.680  4.083   1.00 14.12  ? 16  TYR A CB  1 
ATOM   108  C  CG  . TYR A 1 18  ? 1.673   -2.572  3.507   1.00 16.52  ? 16  TYR A CG  1 
ATOM   109  C  CD1 . TYR A 1 18  ? 1.647   -2.882  2.142   1.00 18.98  ? 16  TYR A CD1 1 
ATOM   110  C  CD2 . TYR A 1 18  ? 0.729   -3.168  4.329   1.00 19.08  ? 16  TYR A CD2 1 
ATOM   111  C  CE1 . TYR A 1 18  ? 0.689   -3.761  1.620   1.00 17.30  ? 16  TYR A CE1 1 
ATOM   112  C  CE2 . TYR A 1 18  ? -0.230  -4.042  3.820   1.00 21.43  ? 16  TYR A CE2 1 
ATOM   113  C  CZ  . TYR A 1 18  ? -0.243  -4.336  2.471   1.00 23.48  ? 16  TYR A CZ  1 
ATOM   114  O  OH  . TYR A 1 18  ? -1.252  -5.149  2.028   1.00 25.72  ? 16  TYR A OH  1 
ATOM   115  N  N   . ILE A 1 19  ? 5.511   -2.066  2.718   1.00 12.94  ? 17  ILE A N   1 
ATOM   116  C  CA  . ILE A 1 19  ? 6.341   -2.425  1.564   1.00 13.45  ? 17  ILE A CA  1 
ATOM   117  C  C   . ILE A 1 19  ? 7.362   -3.501  1.974   1.00 16.05  ? 17  ILE A C   1 
ATOM   118  O  O   . ILE A 1 19  ? 7.517   -4.484  1.265   1.00 14.76  ? 17  ILE A O   1 
ATOM   119  C  CB  . ILE A 1 19  ? 7.028   -1.160  0.987   1.00 16.71  ? 17  ILE A CB  1 
ATOM   120  C  CG1 . ILE A 1 19  ? 5.959   -0.280  0.305   1.00 17.13  ? 17  ILE A CG1 1 
ATOM   121  C  CG2 . ILE A 1 19  ? 8.193   -1.555  -0.002  1.00 18.10  ? 17  ILE A CG2 1 
ATOM   122  C  CD1 . ILE A 1 19  ? 6.443   1.129   -0.015  1.00 19.94  ? 17  ILE A CD1 1 
ATOM   123  N  N   . HIS A 1 20  ? 8.030   -3.314  3.124   1.00 15.31  ? 18  HIS A N   1 
ATOM   124  C  CA  . HIS A 1 20  ? 8.987   -4.315  3.638   1.00 15.04  ? 18  HIS A CA  1 
ATOM   125  C  C   . HIS A 1 20  ? 8.321   -5.696  3.731   1.00 16.88  ? 18  HIS A C   1 
ATOM   126  O  O   . HIS A 1 20  ? 8.928   -6.700  3.334   1.00 15.80  ? 18  HIS A O   1 
ATOM   127  C  CB  . HIS A 1 20  ? 9.538   -3.919  5.026   1.00 16.55  ? 18  HIS A CB  1 
ATOM   128  C  CG  . HIS A 1 20  ? 10.396  -5.008  5.613   1.00 20.65  ? 18  HIS A CG  1 
ATOM   129  N  ND1 . HIS A 1 20  ? 11.559  -5.413  4.985   1.00 23.26  ? 18  HIS A ND1 1 
ATOM   130  C  CD2 . HIS A 1 20  ? 10.161  -5.831  6.665   1.00 23.19  ? 18  HIS A CD2 1 
ATOM   131  C  CE1 . HIS A 1 20  ? 12.030  -6.423  5.706   1.00 23.06  ? 18  HIS A CE1 1 
ATOM   132  N  NE2 . HIS A 1 20  ? 11.228  -6.707  6.730   1.00 23.30  ? 18  HIS A NE2 1 
ATOM   133  N  N   . TYR A 1 21  ? 7.070   -5.763  4.260   1.00 12.99  ? 19  TYR A N   1 
ATOM   134  C  CA  . TYR A 1 21  ? 6.378   -7.053  4.383   1.00 12.34  ? 19  TYR A CA  1 
ATOM   135  C  C   . TYR A 1 21  ? 6.120   -7.706  3.038   1.00 15.52  ? 19  TYR A C   1 
ATOM   136  O  O   . TYR A 1 21  ? 6.341   -8.917  2.887   1.00 14.16  ? 19  TYR A O   1 
ATOM   137  C  CB  . TYR A 1 21  ? 5.046   -6.887  5.143   1.00 13.44  ? 19  TYR A CB  1 
ATOM   138  C  CG  . TYR A 1 21  ? 4.204   -8.139  5.197   1.00 14.65  ? 19  TYR A CG  1 
ATOM   139  C  CD1 . TYR A 1 21  ? 4.612   -9.249  5.940   1.00 17.23  ? 19  TYR A CD1 1 
ATOM   140  C  CD2 . TYR A 1 21  ? 2.953   -8.188  4.581   1.00 13.72  ? 19  TYR A CD2 1 
ATOM   141  C  CE1 . TYR A 1 21  ? 3.804   -10.383 6.053   1.00 17.41  ? 19  TYR A CE1 1 
ATOM   142  C  CE2 . TYR A 1 21  ? 2.135   -9.317  4.695   1.00 13.51  ? 19  TYR A CE2 1 
ATOM   143  C  CZ  . TYR A 1 21  ? 2.562   -10.406 5.443   1.00 21.31  ? 19  TYR A CZ  1 
ATOM   144  O  OH  . TYR A 1 21  ? 1.758   -11.521 5.582   1.00 20.81  ? 19  TYR A OH  1 
ATOM   145  N  N   . LYS A 1 22  ? 5.670   -6.915  2.048   1.00 12.81  ? 20  LYS A N   1 
ATOM   146  C  CA  . LYS A 1 22  ? 5.376   -7.446  0.706   1.00 12.34  ? 20  LYS A CA  1 
ATOM   147  C  C   . LYS A 1 22  ? 6.622   -7.973  0.022   1.00 14.66  ? 20  LYS A C   1 
ATOM   148  O  O   . LYS A 1 22  ? 6.575   -9.056  -0.566  1.00 14.50  ? 20  LYS A O   1 
ATOM   149  C  CB  . LYS A 1 22  ? 4.620   -6.410  -0.180  1.00 12.97  ? 20  LYS A CB  1 
ATOM   150  C  CG  . LYS A 1 22  ? 3.296   -5.880  0.445   1.00 13.34  ? 20  LYS A CG  1 
ATOM   151  C  CD  . LYS A 1 22  ? 2.417   -6.964  1.147   1.00 18.04  ? 20  LYS A CD  1 
ATOM   152  C  CE  . LYS A 1 22  ? 1.646   -7.855  0.188   1.00 22.85  ? 20  LYS A CE  1 
ATOM   153  N  NZ  . LYS A 1 22  ? 0.881   -8.914  0.914   1.00 20.37  ? 20  LYS A NZ  1 
ATOM   154  N  N   . LEU A 1 23  ? 7.734   -7.251  0.142   1.00 12.16  ? 21  LEU A N   1 
ATOM   155  C  CA  . LEU A 1 23  ? 9.028   -7.681  -0.415  1.00 11.95  ? 21  LEU A CA  1 
ATOM   156  C  C   . LEU A 1 23  ? 9.565   -8.903  0.346   1.00 16.36  ? 21  LEU A C   1 
ATOM   157  O  O   . LEU A 1 23  ? 10.009  -9.857  -0.279  1.00 14.67  ? 21  LEU A O   1 
ATOM   158  C  CB  . LEU A 1 23  ? 10.041  -6.529  -0.394  1.00 13.03  ? 21  LEU A CB  1 
ATOM   159  C  CG  . LEU A 1 23  ? 9.677   -5.322  -1.296  1.00 16.69  ? 21  LEU A CG  1 
ATOM   160  C  CD1 . LEU A 1 23  ? 10.703  -4.221  -1.159  1.00 18.40  ? 21  LEU A CD1 1 
ATOM   161  C  CD2 . LEU A 1 23  ? 9.557   -5.747  -2.782  1.00 16.61  ? 21  LEU A CD2 1 
ATOM   162  N  N   . SER A 1 24  ? 9.456   -8.903  1.680   1.00 13.72  ? 22  SER A N   1 
ATOM   163  C  CA  . SER A 1 24  ? 9.914   -10.038 2.495   1.00 13.78  ? 22  SER A CA  1 
ATOM   164  C  C   . SER A 1 24  ? 9.183   -11.329 2.143   1.00 17.70  ? 22  SER A C   1 
ATOM   165  O  O   . SER A 1 24  ? 9.812   -12.394 2.106   1.00 17.46  ? 22  SER A O   1 
ATOM   166  C  CB  . SER A 1 24  ? 9.754   -9.717  3.988   1.00 17.16  ? 22  SER A CB  1 
ATOM   167  O  OG  . SER A 1 24  ? 9.770   -10.918 4.738   1.00 30.68  ? 22  SER A OG  1 
ATOM   168  N  N   . GLN A 1 25  ? 7.854   -11.249 1.891   1.00 14.64  ? 23  GLN A N   1 
ATOM   169  C  CA  . GLN A 1 25  ? 7.021   -12.402 1.508   1.00 15.35  ? 23  GLN A CA  1 
ATOM   170  C  C   . GLN A 1 25  ? 7.548   -13.098 0.254   1.00 19.51  ? 23  GLN A C   1 
ATOM   171  O  O   . GLN A 1 25  ? 7.367   -14.294 0.122   1.00 20.48  ? 23  GLN A O   1 
ATOM   172  C  CB  . GLN A 1 25  ? 5.565   -11.980 1.251   1.00 16.62  ? 23  GLN A CB  1 
ATOM   173  C  CG  . GLN A 1 25  ? 4.718   -11.801 2.505   1.00 18.91  ? 23  GLN A CG  1 
ATOM   174  C  CD  . GLN A 1 25  ? 3.285   -11.497 2.119   1.00 27.84  ? 23  GLN A CD  1 
ATOM   175  O  OE1 . GLN A 1 25  ? 3.016   -10.633 1.279   1.00 17.63  ? 23  GLN A OE1 1 
ATOM   176  N  NE2 . GLN A 1 25  ? 2.337   -12.235 2.676   1.00 19.02  ? 23  GLN A NE2 1 
ATOM   177  N  N   . ARG A 1 26  ? 8.172   -12.349 -0.672  1.00 15.73  ? 24  ARG A N   1 
ATOM   178  C  CA  . ARG A 1 26  ? 8.715   -12.898 -1.928  1.00 15.58  ? 24  ARG A CA  1 
ATOM   179  C  C   . ARG A 1 26  ? 10.195  -13.296 -1.764  1.00 18.42  ? 24  ARG A C   1 
ATOM   180  O  O   . ARG A 1 26  ? 10.803  -13.817 -2.701  1.00 17.89  ? 24  ARG A O   1 
ATOM   181  C  CB  . ARG A 1 26  ? 8.596   -11.828 -3.054  1.00 16.09  ? 24  ARG A CB  1 
ATOM   182  C  CG  . ARG A 1 26  ? 7.135   -11.530 -3.508  1.00 24.21  ? 24  ARG A CG  1 
ATOM   183  C  CD  . ARG A 1 26  ? 6.736   -12.371 -4.708  1.00 41.71  ? 24  ARG A CD  1 
ATOM   184  N  NE  . ARG A 1 26  ? 5.401   -12.035 -5.206  1.00 62.92  ? 24  ARG A NE  1 
ATOM   185  C  CZ  . ARG A 1 26  ? 4.304   -12.753 -4.977  1.00 80.02  ? 24  ARG A CZ  1 
ATOM   186  N  NH1 . ARG A 1 26  ? 4.366   -13.863 -4.254  1.00 71.50  ? 24  ARG A NH1 1 
ATOM   187  N  NH2 . ARG A 1 26  ? 3.135   -12.367 -5.476  1.00 64.62  ? 24  ARG A NH2 1 
ATOM   188  N  N   . GLY A 1 27  ? 10.775  -13.013 -0.599  1.00 15.70  ? 25  GLY A N   1 
ATOM   189  C  CA  . GLY A 1 27  ? 12.197  -13.266 -0.356  1.00 15.09  ? 25  GLY A CA  1 
ATOM   190  C  C   . GLY A 1 27  ? 13.042  -12.181 -0.992  1.00 19.15  ? 25  GLY A C   1 
ATOM   191  O  O   . GLY A 1 27  ? 14.225  -12.392 -1.269  1.00 18.99  ? 25  GLY A O   1 
ATOM   192  N  N   . TYR A 1 28  ? 12.456  -10.982 -1.201  1.00 15.18  ? 26  TYR A N   1 
ATOM   193  C  CA  . TYR A 1 28  ? 13.167  -9.859  -1.823  1.00 15.21  ? 26  TYR A CA  1 
ATOM   194  C  C   . TYR A 1 28  ? 13.850  -8.963  -0.843  1.00 18.25  ? 26  TYR A C   1 
ATOM   195  O  O   . TYR A 1 28  ? 14.614  -8.081  -1.243  1.00 17.40  ? 26  TYR A O   1 
ATOM   196  C  CB  . TYR A 1 28  ? 12.246  -9.036  -2.742  1.00 16.15  ? 26  TYR A CB  1 
ATOM   197  C  CG  . TYR A 1 28  ? 11.741  -9.755  -3.976  1.00 16.64  ? 26  TYR A CG  1 
ATOM   198  C  CD1 . TYR A 1 28  ? 12.142  -11.064 -4.267  1.00 18.93  ? 26  TYR A CD1 1 
ATOM   199  C  CD2 . TYR A 1 28  ? 10.880  -9.122  -4.871  1.00 16.51  ? 26  TYR A CD2 1 
ATOM   200  C  CE1 . TYR A 1 28  ? 11.688  -11.722 -5.416  1.00 20.50  ? 26  TYR A CE1 1 
ATOM   201  C  CE2 . TYR A 1 28  ? 10.438  -9.764  -6.028  1.00 16.60  ? 26  TYR A CE2 1 
ATOM   202  C  CZ  . TYR A 1 28  ? 10.836  -11.062 -6.291  1.00 23.58  ? 26  TYR A CZ  1 
ATOM   203  O  OH  . TYR A 1 28  ? 10.347  -11.695 -7.406  1.00 23.96  ? 26  TYR A OH  1 
ATOM   204  N  N   . GLU A 1 29  ? 13.521  -9.123  0.439   1.00 15.86  ? 27  GLU A N   1 
ATOM   205  C  CA  . GLU A 1 29  ? 14.162  -8.380  1.522   1.00 15.36  ? 27  GLU A CA  1 
ATOM   206  C  C   . GLU A 1 29  ? 14.302  -9.337  2.700   1.00 16.26  ? 27  GLU A C   1 
ATOM   207  O  O   . GLU A 1 29  ? 13.487  -10.246 2.854   1.00 14.75  ? 27  GLU A O   1 
ATOM   208  C  CB  . GLU A 1 29  ? 13.321  -7.156  1.938   1.00 16.91  ? 27  GLU A CB  1 
ATOM   209  C  CG  . GLU A 1 29  ? 13.535  -5.944  1.045   1.00 25.41  ? 27  GLU A CG  1 
ATOM   210  C  CD  . GLU A 1 29  ? 13.098  -4.601  1.591   1.00 32.33  ? 27  GLU A CD  1 
ATOM   211  O  OE1 . GLU A 1 29  ? 13.486  -3.575  0.991   1.00 32.23  ? 27  GLU A OE1 1 
ATOM   212  O  OE2 . GLU A 1 29  ? 12.370  -4.565  2.608   1.00 28.70  ? 27  GLU A OE2 1 
ATOM   213  N  N   . TRP A 1 30  ? 15.360  -9.164  3.489   1.00 15.55  ? 28  TRP A N   1 
ATOM   214  C  CA  . TRP A 1 30  ? 15.621  -9.974  4.675   1.00 14.74  ? 28  TRP A CA  1 
ATOM   215  C  C   . TRP A 1 30  ? 14.540  -9.764  5.734   1.00 19.42  ? 28  TRP A C   1 
ATOM   216  O  O   . TRP A 1 30  ? 14.244  -8.621  6.094   1.00 19.51  ? 28  TRP A O   1 
ATOM   217  C  CB  . TRP A 1 30  ? 16.953  -9.551  5.329   1.00 13.61  ? 28  TRP A CB  1 
ATOM   218  C  CG  . TRP A 1 30  ? 18.200  -9.851  4.548   1.00 14.03  ? 28  TRP A CG  1 
ATOM   219  C  CD1 . TRP A 1 30  ? 19.074  -8.944  4.025   1.00 17.00  ? 28  TRP A CD1 1 
ATOM   220  C  CD2 . TRP A 1 30  ? 18.736  -11.143 4.253   1.00 13.61  ? 28  TRP A CD2 1 
ATOM   221  N  NE1 . TRP A 1 30  ? 20.133  -9.595  3.433   1.00 16.93  ? 28  TRP A NE1 1 
ATOM   222  C  CE2 . TRP A 1 30  ? 19.926  -10.946 3.515   1.00 17.85  ? 28  TRP A CE2 1 
ATOM   223  C  CE3 . TRP A 1 30  ? 18.328  -12.452 4.544   1.00 14.42  ? 28  TRP A CE3 1 
ATOM   224  C  CZ2 . TRP A 1 30  ? 20.728  -12.012 3.086   1.00 17.43  ? 28  TRP A CZ2 1 
ATOM   225  C  CZ3 . TRP A 1 30  ? 19.092  -13.512 4.068   1.00 15.91  ? 28  TRP A CZ3 1 
ATOM   226  C  CH2 . TRP A 1 30  ? 20.276  -13.285 3.345   1.00 16.64  ? 28  TRP A CH2 1 
ATOM   227  N  N   . ASP A 1 31  ? 14.042  -10.865 6.298   1.00 16.01  ? 29  ASP A N   1 
ATOM   228  C  CA  . ASP A 1 31  ? 13.143  -10.882 7.444   1.00 17.13  ? 29  ASP A CA  1 
ATOM   229  C  C   . ASP A 1 31  ? 13.029  -12.301 7.928   1.00 22.84  ? 29  ASP A C   1 
ATOM   230  O  O   . ASP A 1 31  ? 12.609  -13.178 7.169   1.00 22.04  ? 29  ASP A O   1 
ATOM   231  C  CB  . ASP A 1 31  ? 11.743  -10.324 7.131   1.00 18.97  ? 29  ASP A CB  1 
ATOM   232  C  CG  . ASP A 1 31  ? 11.052  -9.845  8.397   1.00 28.95  ? 29  ASP A CG  1 
ATOM   233  O  OD1 . ASP A 1 31  ? 10.971  -8.610  8.597   1.00 29.35  ? 29  ASP A OD1 1 
ATOM   234  O  OD2 . ASP A 1 31  ? 10.668  -10.703 9.222   1.00 27.82  ? 29  ASP A OD2 1 
ATOM   235  N  N   . ALA A 1 32  ? 13.419  -12.534 9.186   1.00 22.94  ? 30  ALA A N   1 
ATOM   236  C  CA  . ALA A 1 32  ? 13.353  -13.872 9.811   1.00 24.47  ? 30  ALA A CA  1 
ATOM   237  C  C   . ALA A 1 32  ? 11.901  -14.386 9.963   1.00 29.32  ? 30  ALA A C   1 
ATOM   238  O  O   . ALA A 1 32  ? 11.681  -15.586 10.154  1.00 29.45  ? 30  ALA A O   1 
ATOM   239  C  CB  . ALA A 1 32  ? 14.048  -13.843 11.167  1.00 25.42  ? 30  ALA A CB  1 
ATOM   240  N  N   . GLY A 1 33  ? 10.932  -13.480 9.858   1.00 25.50  ? 31  GLY A N   1 
ATOM   241  C  CA  . GLY A 1 33  ? 9.512   -13.814 9.963   1.00 35.26  ? 31  GLY A CA  1 
ATOM   242  C  C   . GLY A 1 33  ? 9.067   -14.082 11.382  1.00 72.18  ? 31  GLY A C   1 
ATOM   243  O  O   . GLY A 1 33  ? 9.718   -13.644 12.331  1.00 49.11  ? 31  GLY A O   1 
ATOM   244  N  N   . SER A 1 49  ? 3.161   -4.641  21.496  1.00 47.12  ? 87  SER A N   1 
ATOM   245  C  CA  . SER A 1 49  ? 3.462   -3.353  20.876  1.00 46.49  ? 87  SER A CA  1 
ATOM   246  C  C   . SER A 1 49  ? 2.424   -2.974  19.785  1.00 46.52  ? 87  SER A C   1 
ATOM   247  O  O   . SER A 1 49  ? 1.234   -3.315  19.907  1.00 45.43  ? 87  SER A O   1 
ATOM   248  C  CB  . SER A 1 49  ? 4.888   -3.355  20.326  1.00 51.34  ? 87  SER A CB  1 
ATOM   249  O  OG  . SER A 1 49  ? 5.322   -2.048  19.981  1.00 63.03  ? 87  SER A OG  1 
ATOM   250  N  N   . GLU A 1 50  ? 2.885   -2.277  18.720  1.00 40.72  ? 88  GLU A N   1 
ATOM   251  C  CA  . GLU A 1 50  ? 2.061   -1.827  17.596  1.00 38.47  ? 88  GLU A CA  1 
ATOM   252  C  C   . GLU A 1 50  ? 1.267   -2.950  16.923  1.00 38.29  ? 88  GLU A C   1 
ATOM   253  O  O   . GLU A 1 50  ? 1.801   -4.021  16.665  1.00 40.57  ? 88  GLU A O   1 
ATOM   254  C  CB  . GLU A 1 50  ? 2.887   -1.043  16.574  1.00 39.55  ? 88  GLU A CB  1 
ATOM   255  C  CG  . GLU A 1 50  ? 2.039   -0.229  15.616  1.00 39.93  ? 88  GLU A CG  1 
ATOM   256  C  CD  . GLU A 1 50  ? 1.142   0.784   16.300  1.00 43.96  ? 88  GLU A CD  1 
ATOM   257  O  OE1 . GLU A 1 50  ? 1.676   1.810   16.773  1.00 26.03  ? 88  GLU A OE1 1 
ATOM   258  O  OE2 . GLU A 1 50  ? -0.085  0.540   16.388  1.00 23.77  ? 88  GLU A OE2 1 
ATOM   259  N  N   . VAL A 1 51  ? -0.010  -2.670  16.643  1.00 27.28  ? 89  VAL A N   1 
ATOM   260  C  CA  . VAL A 1 51  ? -1.027  -3.554  16.083  1.00 23.53  ? 89  VAL A CA  1 
ATOM   261  C  C   . VAL A 1 51  ? -1.509  -3.065  14.680  1.00 20.27  ? 89  VAL A C   1 
ATOM   262  O  O   . VAL A 1 51  ? -2.120  -3.845  13.941  1.00 19.61  ? 89  VAL A O   1 
ATOM   263  C  CB  . VAL A 1 51  ? -2.184  -3.616  17.122  1.00 26.86  ? 89  VAL A CB  1 
ATOM   264  C  CG1 . VAL A 1 51  ? -2.739  -2.221  17.423  1.00 25.97  ? 89  VAL A CG1 1 
ATOM   265  C  CG2 . VAL A 1 51  ? -3.290  -4.575  16.697  1.00 26.75  ? 89  VAL A CG2 1 
ATOM   266  N  N   . VAL A 1 52  ? -1.266  -1.798  14.332  1.00 16.22  ? 90  VAL A N   1 
ATOM   267  C  CA  . VAL A 1 52  ? -1.740  -1.244  13.032  1.00 17.30  ? 90  VAL A CA  1 
ATOM   268  C  C   . VAL A 1 52  ? -1.098  -1.970  11.850  1.00 18.85  ? 90  VAL A C   1 
ATOM   269  O  O   . VAL A 1 52  ? -1.757  -2.235  10.856  1.00 17.58  ? 90  VAL A O   1 
ATOM   270  C  CB  . VAL A 1 52  ? -1.608  0.307   12.909  1.00 22.29  ? 90  VAL A CB  1 
ATOM   271  C  CG1 . VAL A 1 52  ? -0.156  0.768   12.780  1.00 23.32  ? 90  VAL A CG1 1 
ATOM   272  C  CG2 . VAL A 1 52  ? -2.434  0.849   11.746  1.00 22.22  ? 90  VAL A CG2 1 
ATOM   273  N  N   . HIS A 1 53  ? 0.201   -2.246  11.958  1.00 16.26  ? 91  HIS A N   1 
ATOM   274  C  CA  . HIS A 1 53  ? 0.963   -2.862  10.869  1.00 15.81  ? 91  HIS A CA  1 
ATOM   275  C  C   . HIS A 1 53  ? 0.494   -4.291  10.630  1.00 17.41  ? 91  HIS A C   1 
ATOM   276  O  O   . HIS A 1 53  ? 0.239   -4.683  9.489   1.00 14.99  ? 91  HIS A O   1 
ATOM   277  C  CB  . HIS A 1 53  ? 2.480   -2.746  11.173  1.00 15.55  ? 91  HIS A CB  1 
ATOM   278  C  CG  . HIS A 1 53  ? 2.932   -1.326  11.401  1.00 17.19  ? 91  HIS A CG  1 
ATOM   279  N  ND1 . HIS A 1 53  ? 3.563   -0.929  12.605  1.00 19.44  ? 91  HIS A ND1 1 
ATOM   280  C  CD2 . HIS A 1 53  ? 2.818   -0.250  10.598  1.00 16.34  ? 91  HIS A CD2 1 
ATOM   281  C  CE1 . HIS A 1 53  ? 3.825   0.362   12.463  1.00 17.73  ? 91  HIS A CE1 1 
ATOM   282  N  NE2 . HIS A 1 53  ? 3.395   0.818   11.268  1.00 18.94  ? 91  HIS A NE2 1 
ATOM   283  N  N   . LEU A 1 54  ? 0.280   -5.043  11.706  1.00 15.43  ? 92  LEU A N   1 
ATOM   284  C  CA  . LEU A 1 54  ? -0.207  -6.415  11.605  1.00 16.24  ? 92  LEU A CA  1 
ATOM   285  C  C   . LEU A 1 54  ? -1.621  -6.452  11.057  1.00 16.59  ? 92  LEU A C   1 
ATOM   286  O  O   . LEU A 1 54  ? -1.934  -7.323  10.242  1.00 14.44  ? 92  LEU A O   1 
ATOM   287  C  CB  . LEU A 1 54  ? -0.176  -7.084  12.993  1.00 18.52  ? 92  LEU A CB  1 
ATOM   288  C  CG  . LEU A 1 54  ? 1.229   -7.268  13.568  1.00 27.35  ? 92  LEU A CG  1 
ATOM   289  C  CD1 . LEU A 1 54  ? 1.169   -7.527  15.092  1.00 30.19  ? 92  LEU A CD1 1 
ATOM   290  C  CD2 . LEU A 1 54  ? 1.972   -8.395  12.850  1.00 33.51  ? 92  LEU A CD2 1 
ATOM   291  N  N   . THR A 1 55  ? -2.489  -5.525  11.526  1.00 12.94  ? 93  THR A N   1 
ATOM   292  C  CA  . THR A 1 55  ? -3.878  -5.462  11.043  1.00 13.87  ? 93  THR A CA  1 
ATOM   293  C  C   . THR A 1 55  ? -3.892  -5.155  9.531   1.00 15.56  ? 93  THR A C   1 
ATOM   294  O  O   . THR A 1 55  ? -4.620  -5.803  8.776   1.00 15.13  ? 93  THR A O   1 
ATOM   295  C  CB  . THR A 1 55  ? -4.695  -4.420  11.828  1.00 17.17  ? 93  THR A CB  1 
ATOM   296  O  OG1 . THR A 1 55  ? -4.659  -4.780  13.221  1.00 19.56  ? 93  THR A OG1 1 
ATOM   297  C  CG2 . THR A 1 55  ? -6.160  -4.366  11.359  1.00 13.79  ? 93  THR A CG2 1 
ATOM   298  N  N   . LEU A 1 56  ? -3.105  -4.184  9.114   1.00 14.38  ? 94  LEU A N   1 
ATOM   299  C  CA  . LEU A 1 56  ? -3.055  -3.798  7.698   1.00 15.11  ? 94  LEU A CA  1 
ATOM   300  C  C   . LEU A 1 56  ? -2.520  -4.938  6.814   1.00 17.79  ? 94  LEU A C   1 
ATOM   301  O  O   . LEU A 1 56  ? -3.129  -5.199  5.784   1.00 16.87  ? 94  LEU A O   1 
ATOM   302  C  CB  . LEU A 1 56  ? -2.234  -2.526  7.500   1.00 15.84  ? 94  LEU A CB  1 
ATOM   303  C  CG  . LEU A 1 56  ? -2.216  -1.923  6.100   1.00 21.92  ? 94  LEU A CG  1 
ATOM   304  C  CD1 . LEU A 1 56  ? -3.627  -1.563  5.611   1.00 22.66  ? 94  LEU A CD1 1 
ATOM   305  C  CD2 . LEU A 1 56  ? -1.314  -0.690  6.083   1.00 26.09  ? 94  LEU A CD2 1 
ATOM   306  N  N   . ARG A 1 57  ? -1.434  -5.621  7.233   1.00 15.13  ? 95  ARG A N   1 
ATOM   307  C  CA  . ARG A 1 57  ? -0.824  -6.771  6.516   1.00 16.83  ? 95  ARG A CA  1 
ATOM   308  C  C   . ARG A 1 57  ? -1.871  -7.846  6.280   1.00 17.15  ? 95  ARG A C   1 
ATOM   309  O  O   . ARG A 1 57  ? -1.960  -8.390  5.185   1.00 16.86  ? 95  ARG A O   1 
ATOM   310  C  CB  . ARG A 1 57  ? 0.238   -7.469  7.406   1.00 20.63  ? 95  ARG A CB  1 
ATOM   311  C  CG  . ARG A 1 57  ? 1.588   -6.895  7.333   1.00 36.14  ? 95  ARG A CG  1 
ATOM   312  C  CD  . ARG A 1 57  ? 2.326   -7.104  8.616   1.00 36.28  ? 95  ARG A CD  1 
ATOM   313  N  NE  . ARG A 1 57  ? 2.397   -8.481  9.104   1.00 33.84  ? 95  ARG A NE  1 
ATOM   314  C  CZ  . ARG A 1 57  ? 3.490   -8.990  9.664   1.00 53.92  ? 95  ARG A CZ  1 
ATOM   315  N  NH1 . ARG A 1 57  ? 4.602   -8.272  9.734   1.00 38.63  ? 95  ARG A NH1 1 
ATOM   316  N  NH2 . ARG A 1 57  ? 3.492   -10.238 10.116  1.00 42.92  ? 95  ARG A NH2 1 
ATOM   317  N  N   . GLN A 1 58  ? -2.562  -8.245  7.357   1.00 14.11  ? 96  GLN A N   1 
ATOM   318  C  CA  . GLN A 1 58  ? -3.571  -9.298  7.324   1.00 14.80  ? 96  GLN A CA  1 
ATOM   319  C  C   . GLN A 1 58  ? -4.727  -8.921  6.409   1.00 16.29  ? 96  GLN A C   1 
ATOM   320  O  O   . GLN A 1 58  ? -5.201  -9.762  5.633   1.00 13.53  ? 96  GLN A O   1 
ATOM   321  C  CB  . GLN A 1 58  ? -4.101  -9.575  8.743   1.00 16.90  ? 96  GLN A CB  1 
ATOM   322  C  CG  . GLN A 1 58  ? -3.106  -10.360 9.602   1.00 33.90  ? 96  GLN A CG  1 
ATOM   323  C  CD  . GLN A 1 58  ? -3.477  -10.469 11.069  1.00 56.85  ? 96  GLN A CD  1 
ATOM   324  O  OE1 . GLN A 1 58  ? -2.711  -11.011 11.867  1.00 57.36  ? 96  GLN A OE1 1 
ATOM   325  N  NE2 . GLN A 1 58  ? -4.632  -9.949  11.477  1.00 42.80  ? 96  GLN A NE2 1 
ATOM   326  N  N   . ALA A 1 59  ? -5.196  -7.666  6.517   1.00 14.84  ? 97  ALA A N   1 
ATOM   327  C  CA  . ALA A 1 59  ? -6.309  -7.198  5.675   1.00 15.13  ? 97  ALA A CA  1 
ATOM   328  C  C   . ALA A 1 59  ? -5.900  -7.225  4.193   1.00 17.45  ? 97  ALA A C   1 
ATOM   329  O  O   . ALA A 1 59  ? -6.713  -7.621  3.339   1.00 15.27  ? 97  ALA A O   1 
ATOM   330  C  CB  . ALA A 1 59  ? -6.707  -5.781  6.071   1.00 15.20  ? 97  ALA A CB  1 
ATOM   331  N  N   . GLY A 1 60  ? -4.665  -6.771  3.905   1.00 14.85  ? 98  GLY A N   1 
ATOM   332  C  CA  . GLY A 1 60  ? -4.139  -6.739  2.535   1.00 14.04  ? 98  GLY A CA  1 
ATOM   333  C  C   . GLY A 1 60  ? -3.958  -8.134  1.959   1.00 16.59  ? 98  GLY A C   1 
ATOM   334  O  O   . GLY A 1 60  ? -4.241  -8.360  0.782   1.00 16.23  ? 98  GLY A O   1 
ATOM   335  N  N   . ASP A 1 61  ? -3.474  -9.083  2.784   1.00 14.02  ? 99  ASP A N   1 
ATOM   336  C  CA  . ASP A 1 61  ? -3.315  -10.487 2.352   1.00 14.13  ? 99  ASP A CA  1 
ATOM   337  C  C   . ASP A 1 61  ? -4.698  -11.055 1.988   1.00 16.45  ? 99  ASP A C   1 
ATOM   338  O  O   . ASP A 1 61  ? -4.864  -11.723 0.960   1.00 15.80  ? 99  ASP A O   1 
ATOM   339  C  CB  . ASP A 1 61  ? -2.682  -11.333 3.470   1.00 14.74  ? 99  ASP A CB  1 
ATOM   340  C  CG  . ASP A 1 61  ? -1.155  -11.274 3.522   1.00 19.38  ? 99  ASP A CG  1 
ATOM   341  O  OD1 . ASP A 1 61  ? -0.535  -10.908 2.503   1.00 20.11  ? 99  ASP A OD1 1 
ATOM   342  O  OD2 . ASP A 1 61  ? -0.595  -11.577 4.573   1.00 19.17  ? 99  ASP A OD2 1 
ATOM   343  N  N   . ASP A 1 62  ? -5.700  -10.723 2.797   1.00 13.66  ? 100 ASP A N   1 
ATOM   344  C  CA  . ASP A 1 62  ? -7.059  -11.213 2.540   1.00 14.72  ? 100 ASP A CA  1 
ATOM   345  C  C   . ASP A 1 62  ? -7.661  -10.561 1.313   1.00 16.94  ? 100 ASP A C   1 
ATOM   346  O  O   . ASP A 1 62  ? -8.312  -11.238 0.513   1.00 17.47  ? 100 ASP A O   1 
ATOM   347  C  CB  . ASP A 1 62  ? -7.967  -11.014 3.753   1.00 16.71  ? 100 ASP A CB  1 
ATOM   348  C  CG  . ASP A 1 62  ? -9.184  -11.923 3.675   1.00 26.06  ? 100 ASP A CG  1 
ATOM   349  O  OD1 . ASP A 1 62  ? -9.034  -13.136 3.926   1.00 27.89  ? 100 ASP A OD1 1 
ATOM   350  O  OD2 . ASP A 1 62  ? -10.253 -11.441 3.273   1.00 24.42  ? 100 ASP A OD2 1 
ATOM   351  N  N   . PHE A 1 63  ? -7.420  -9.256  1.145   1.00 12.29  ? 101 PHE A N   1 
ATOM   352  C  CA  . PHE A 1 63  ? -7.913  -8.523  -0.019  1.00 13.03  ? 101 PHE A CA  1 
ATOM   353  C  C   . PHE A 1 63  ? -7.397  -9.187  -1.313  1.00 17.61  ? 101 PHE A C   1 
ATOM   354  O  O   . PHE A 1 63  ? -8.160  -9.398  -2.255  1.00 16.81  ? 101 PHE A O   1 
ATOM   355  C  CB  . PHE A 1 63  ? -7.411  -7.056  0.049   1.00 13.89  ? 101 PHE A CB  1 
ATOM   356  C  CG  . PHE A 1 63  ? -7.722  -6.271  -1.200  1.00 15.96  ? 101 PHE A CG  1 
ATOM   357  C  CD1 . PHE A 1 63  ? -8.941  -5.619  -1.345  1.00 18.75  ? 101 PHE A CD1 1 
ATOM   358  C  CD2 . PHE A 1 63  ? -6.799  -6.194  -2.245  1.00 18.34  ? 101 PHE A CD2 1 
ATOM   359  C  CE1 . PHE A 1 63  ? -9.230  -4.905  -2.516  1.00 20.01  ? 101 PHE A CE1 1 
ATOM   360  C  CE2 . PHE A 1 63  ? -7.100  -5.497  -3.416  1.00 20.81  ? 101 PHE A CE2 1 
ATOM   361  C  CZ  . PHE A 1 63  ? -8.307  -4.855  -3.537  1.00 18.10  ? 101 PHE A CZ  1 
ATOM   362  N  N   . SER A 1 64  ? -6.103  -9.501  -1.354  1.00 15.15  ? 102 SER A N   1 
ATOM   363  C  CA  . SER A 1 64  ? -5.520  -10.081 -2.557  1.00 16.18  ? 102 SER A CA  1 
ATOM   364  C  C   . SER A 1 64  ? -5.912  -11.508 -2.842  1.00 21.76  ? 102 SER A C   1 
ATOM   365  O  O   . SER A 1 64  ? -5.851  -11.932 -3.995  1.00 19.08  ? 102 SER A O   1 
ATOM   366  C  CB  . SER A 1 64  ? -4.025  -9.843  -2.607  1.00 19.71  ? 102 SER A CB  1 
ATOM   367  O  OG  A SER A 1 64  ? -3.379  -10.625 -1.617  0.50 27.21  ? 102 SER A OG  1 
ATOM   368  O  OG  B SER A 1 64  ? -3.901  -8.445  -2.809  0.50 21.31  ? 102 SER A OG  1 
ATOM   369  N  N   . ARG A 1 65  ? -6.399  -12.223 -1.808  1.00 19.57  ? 103 ARG A N   1 
ATOM   370  C  CA  . ARG A 1 65  ? -6.939  -13.574 -1.923  1.00 20.00  ? 103 ARG A CA  1 
ATOM   371  C  C   . ARG A 1 65  ? -8.350  -13.420 -2.509  1.00 23.21  ? 103 ARG A C   1 
ATOM   372  O  O   . ARG A 1 65  ? -8.668  -14.077 -3.493  1.00 24.85  ? 103 ARG A O   1 
ATOM   373  C  CB  . ARG A 1 65  ? -7.032  -14.222 -0.526  1.00 22.27  ? 103 ARG A CB  1 
ATOM   374  C  CG  . ARG A 1 65  ? -6.041  -15.348 -0.266  1.00 40.24  ? 103 ARG A CG  1 
ATOM   375  C  CD  . ARG A 1 65  ? -5.262  -15.204 1.040   1.00 54.42  ? 103 ARG A CD  1 
ATOM   376  N  NE  . ARG A 1 65  ? -6.105  -14.827 2.183   1.00 57.99  ? 103 ARG A NE  1 
ATOM   377  C  CZ  . ARG A 1 65  ? -5.647  -14.604 3.412   1.00 59.31  ? 103 ARG A CZ  1 
ATOM   378  N  NH1 . ARG A 1 65  ? -4.357  -14.746 3.683   1.00 45.21  ? 103 ARG A NH1 1 
ATOM   379  N  NH2 . ARG A 1 65  ? -6.479  -14.240 4.380   1.00 35.24  ? 103 ARG A NH2 1 
ATOM   380  N  N   . ARG A 1 66  ? -9.191  -12.534 -1.927  1.00 18.31  ? 104 ARG A N   1 
ATOM   381  C  CA  . ARG A 1 66  ? -10.560 -12.323 -2.411  1.00 18.12  ? 104 ARG A CA  1 
ATOM   382  C  C   . ARG A 1 66  ? -10.583 -11.761 -3.852  1.00 21.18  ? 104 ARG A C   1 
ATOM   383  O  O   . ARG A 1 66  ? -11.356 -12.240 -4.706  1.00 19.93  ? 104 ARG A O   1 
ATOM   384  C  CB  . ARG A 1 66  ? -11.346 -11.423 -1.425  1.00 20.38  ? 104 ARG A CB  1 
ATOM   385  C  CG  . ARG A 1 66  ? -12.716 -10.905 -1.907  1.00 26.63  ? 104 ARG A CG  1 
ATOM   386  C  CD  . ARG A 1 66  ? -13.742 -11.990 -2.242  1.00 26.43  ? 104 ARG A CD  1 
ATOM   387  N  NE  . ARG A 1 66  ? -14.948 -11.400 -2.834  1.00 29.31  ? 104 ARG A NE  1 
ATOM   388  C  CZ  . ARG A 1 66  ? -15.095 -11.117 -4.127  1.00 43.23  ? 104 ARG A CZ  1 
ATOM   389  N  NH1 . ARG A 1 66  ? -14.122 -11.392 -4.992  1.00 26.91  ? 104 ARG A NH1 1 
ATOM   390  N  NH2 . ARG A 1 66  ? -16.212 -10.553 -4.563  1.00 31.56  ? 104 ARG A NH2 1 
ATOM   391  N  N   . TYR A 1 67  ? -9.742  -10.745 -4.112  1.00 15.89  ? 105 TYR A N   1 
ATOM   392  C  CA  . TYR A 1 67  ? -9.686  -10.088 -5.422  1.00 15.90  ? 105 TYR A CA  1 
ATOM   393  C  C   . TYR A 1 67  ? -8.488  -10.581 -6.247  1.00 21.06  ? 105 TYR A C   1 
ATOM   394  O  O   . TYR A 1 67  ? -7.785  -9.795  -6.880  1.00 19.53  ? 105 TYR A O   1 
ATOM   395  C  CB  . TYR A 1 67  ? -9.715  -8.559  -5.239  1.00 15.98  ? 105 TYR A CB  1 
ATOM   396  C  CG  . TYR A 1 67  ? -11.035 -8.110  -4.638  1.00 17.66  ? 105 TYR A CG  1 
ATOM   397  C  CD1 . TYR A 1 67  ? -11.152 -7.862  -3.269  1.00 19.13  ? 105 TYR A CD1 1 
ATOM   398  C  CD2 . TYR A 1 67  ? -12.197 -8.077  -5.408  1.00 18.14  ? 105 TYR A CD2 1 
ATOM   399  C  CE1 . TYR A 1 67  ? -12.377 -7.494  -2.702  1.00 18.01  ? 105 TYR A CE1 1 
ATOM   400  C  CE2 . TYR A 1 67  ? -13.432 -7.741  -4.845  1.00 19.02  ? 105 TYR A CE2 1 
ATOM   401  C  CZ  . TYR A 1 67  ? -13.522 -7.490  -3.482  1.00 20.07  ? 105 TYR A CZ  1 
ATOM   402  O  OH  . TYR A 1 67  ? -14.734 -7.157  -2.923  1.00 19.09  ? 105 TYR A OH  1 
ATOM   403  N  N   . ARG A 1 68  ? -8.258  -11.895 -6.218  1.00 21.40  ? 106 ARG A N   1 
ATOM   404  C  CA  . ARG A 1 68  ? -7.137  -12.534 -6.921  1.00 22.64  ? 106 ARG A CA  1 
ATOM   405  C  C   . ARG A 1 68  ? -7.093  -12.232 -8.420  1.00 24.34  ? 106 ARG A C   1 
ATOM   406  O  O   . ARG A 1 68  ? -6.005  -12.018 -8.959  1.00 23.44  ? 106 ARG A O   1 
ATOM   407  C  CB  . ARG A 1 68  ? -7.052  -14.041 -6.625  1.00 26.63  ? 106 ARG A CB  1 
ATOM   408  C  CG  . ARG A 1 68  ? -8.345  -14.821 -6.845  1.00 42.26  ? 106 ARG A CG  1 
ATOM   409  C  CD  . ARG A 1 68  ? -8.176  -16.297 -6.503  1.00 62.82  ? 106 ARG A CD  1 
ATOM   410  N  NE  . ARG A 1 68  ? -7.872  -16.512 -5.083  1.00 81.53  ? 106 ARG A NE  1 
ATOM   411  C  CZ  . ARG A 1 68  ? -7.733  -17.705 -4.512  1.00 102.96 ? 106 ARG A CZ  1 
ATOM   412  N  NH1 . ARG A 1 68  ? -7.877  -18.815 -5.229  1.00 94.89  ? 106 ARG A NH1 1 
ATOM   413  N  NH2 . ARG A 1 68  ? -7.454  -17.799 -3.219  1.00 90.78  ? 106 ARG A NH2 1 
ATOM   414  N  N   . ARG A 1 69  ? -8.263  -12.145 -9.064  1.00 22.42  ? 107 ARG A N   1 
ATOM   415  C  CA  . ARG A 1 69  ? -8.366  -11.813 -10.494 1.00 22.69  ? 107 ARG A CA  1 
ATOM   416  C  C   . ARG A 1 69  ? -7.878  -10.381 -10.744 1.00 24.59  ? 107 ARG A C   1 
ATOM   417  O  O   . ARG A 1 69  ? -7.066  -10.175 -11.641 1.00 23.54  ? 107 ARG A O   1 
ATOM   418  C  CB  . ARG A 1 69  ? -9.800  -11.997 -11.005 1.00 25.26  ? 107 ARG A CB  1 
ATOM   419  C  CG  . ARG A 1 69  ? -10.248 -13.458 -11.052 1.00 46.30  ? 107 ARG A CG  1 
ATOM   420  C  CD  . ARG A 1 69  ? -11.673 -13.596 -11.570 1.00 60.93  ? 107 ARG A CD  1 
ATOM   421  N  NE  . ARG A 1 69  ? -12.015 -14.986 -11.872 1.00 75.19  ? 107 ARG A NE  1 
ATOM   422  C  CZ  . ARG A 1 69  ? -11.830 -15.571 -13.054 1.00 94.66  ? 107 ARG A CZ  1 
ATOM   423  N  NH1 . ARG A 1 69  ? -11.298 -14.892 -14.063 1.00 82.34  ? 107 ARG A NH1 1 
ATOM   424  N  NH2 . ARG A 1 69  ? -12.170 -16.839 -13.233 1.00 85.64  ? 107 ARG A NH2 1 
ATOM   425  N  N   . ASP A 1 70  ? -8.334  -9.396  -9.924  1.00 18.58  ? 108 ASP A N   1 
ATOM   426  C  CA  . ASP A 1 70  ? -7.897  -7.998  -10.037 1.00 17.91  ? 108 ASP A CA  1 
ATOM   427  C  C   . ASP A 1 70  ? -6.404  -7.909  -9.746  1.00 21.17  ? 108 ASP A C   1 
ATOM   428  O  O   . ASP A 1 70  ? -5.715  -7.111  -10.368 1.00 20.81  ? 108 ASP A O   1 
ATOM   429  C  CB  . ASP A 1 70  ? -8.658  -7.080  -9.048  1.00 19.38  ? 108 ASP A CB  1 
ATOM   430  C  CG  . ASP A 1 70  ? -10.081 -6.750  -9.456  1.00 31.71  ? 108 ASP A CG  1 
ATOM   431  O  OD1 . ASP A 1 70  ? -11.003 -7.130  -8.726  1.00 32.47  ? 108 ASP A OD1 1 
ATOM   432  O  OD2 . ASP A 1 70  ? -10.262 -6.071  -10.484 1.00 42.67  ? 108 ASP A OD2 1 
ATOM   433  N  N   . PHE A 1 71  ? -5.934  -8.661  -8.743  1.00 18.85  ? 109 PHE A N   1 
ATOM   434  C  CA  . PHE A 1 71  ? -4.517  -8.689  -8.362  1.00 19.38  ? 109 PHE A CA  1 
ATOM   435  C  C   . PHE A 1 71  ? -3.642  -9.215  -9.528  1.00 23.67  ? 109 PHE A C   1 
ATOM   436  O  O   . PHE A 1 71  ? -2.613  -8.600  -9.850  1.00 20.53  ? 109 PHE A O   1 
ATOM   437  C  CB  . PHE A 1 71  ? -4.323  -9.551  -7.103  1.00 21.49  ? 109 PHE A CB  1 
ATOM   438  C  CG  . PHE A 1 71  ? -2.899  -9.574  -6.596  1.00 24.05  ? 109 PHE A CG  1 
ATOM   439  C  CD1 . PHE A 1 71  ? -2.011  -10.557 -7.016  1.00 29.33  ? 109 PHE A CD1 1 
ATOM   440  C  CD2 . PHE A 1 71  ? -2.459  -8.637  -5.669  1.00 26.35  ? 109 PHE A CD2 1 
ATOM   441  C  CE1 . PHE A 1 71  ? -0.696  -10.583 -6.538  1.00 30.76  ? 109 PHE A CE1 1 
ATOM   442  C  CE2 . PHE A 1 71  ? -1.156  -8.684  -5.171  1.00 29.49  ? 109 PHE A CE2 1 
ATOM   443  C  CZ  . PHE A 1 71  ? -0.274  -9.628  -5.639  1.00 28.30  ? 109 PHE A CZ  1 
ATOM   444  N  N   . ALA A 1 72  ? -4.040  -10.360 -10.126 1.00 22.14  ? 110 ALA A N   1 
ATOM   445  C  CA  . ALA A 1 72  ? -3.309  -10.981 -11.245 1.00 22.98  ? 110 ALA A CA  1 
ATOM   446  C  C   . ALA A 1 72  ? -3.311  -10.073 -12.474 1.00 26.61  ? 110 ALA A C   1 
ATOM   447  O  O   . ALA A 1 72  ? -2.258  -9.913  -13.108 1.00 26.72  ? 110 ALA A O   1 
ATOM   448  C  CB  . ALA A 1 72  ? -3.897  -12.354 -11.574 1.00 24.26  ? 110 ALA A CB  1 
ATOM   449  N  N   . GLU A 1 73  ? -4.459  -9.421  -12.776 1.00 22.95  ? 111 GLU A N   1 
ATOM   450  C  CA  . GLU A 1 73  ? -4.550  -8.481  -13.895 1.00 24.23  ? 111 GLU A CA  1 
ATOM   451  C  C   . GLU A 1 73  ? -3.657  -7.258  -13.680 1.00 28.02  ? 111 GLU A C   1 
ATOM   452  O  O   . GLU A 1 73  ? -2.956  -6.856  -14.609 1.00 28.44  ? 111 GLU A O   1 
ATOM   453  C  CB  . GLU A 1 73  ? -5.994  -8.032  -14.148 1.00 26.09  ? 111 GLU A CB  1 
ATOM   454  C  CG  . GLU A 1 73  ? -6.826  -9.082  -14.868 1.00 42.18  ? 111 GLU A CG  1 
ATOM   455  C  CD  . GLU A 1 73  ? -8.316  -8.814  -14.976 1.00 67.29  ? 111 GLU A CD  1 
ATOM   456  O  OE1 . GLU A 1 73  ? -8.717  -7.628  -15.023 1.00 58.05  ? 111 GLU A OE1 1 
ATOM   457  O  OE2 . GLU A 1 73  ? -9.085  -9.800  -15.042 1.00 67.72  ? 111 GLU A OE2 1 
ATOM   458  N  N   . MET A 1 74  ? -3.657  -6.686  -12.451 1.00 23.35  ? 112 MET A N   1 
ATOM   459  C  CA  . MET A 1 74  ? -2.825  -5.521  -12.123 1.00 23.08  ? 112 MET A CA  1 
ATOM   460  C  C   . MET A 1 74  ? -1.337  -5.896  -12.203 1.00 27.79  ? 112 MET A C   1 
ATOM   461  O  O   . MET A 1 74  ? -0.562  -5.127  -12.748 1.00 29.08  ? 112 MET A O   1 
ATOM   462  C  CB  . MET A 1 74  ? -3.193  -4.957  -10.725 1.00 24.77  ? 112 MET A CB  1 
ATOM   463  C  CG  . MET A 1 74  ? -2.400  -3.700  -10.315 1.00 27.96  ? 112 MET A CG  1 
ATOM   464  S  SD  . MET A 1 74  ? -2.728  -2.263  -11.379 1.00 32.42  ? 112 MET A SD  1 
ATOM   465  C  CE  . MET A 1 74  ? -4.381  -1.816  -10.856 1.00 29.03  ? 112 MET A CE  1 
ATOM   466  N  N   . SER A 1 75  ? -0.963  -7.093  -11.713 1.00 24.78  ? 113 SER A N   1 
ATOM   467  C  CA  . SER A 1 75  ? 0.412   -7.614  -11.702 1.00 25.97  ? 113 SER A CA  1 
ATOM   468  C  C   . SER A 1 75  ? 1.008   -7.899  -13.103 1.00 36.12  ? 113 SER A C   1 
ATOM   469  O  O   . SER A 1 75  ? 2.225   -8.094  -13.214 1.00 37.42  ? 113 SER A O   1 
ATOM   470  C  CB  . SER A 1 75  ? 0.491   -8.875  -10.846 1.00 29.49  ? 113 SER A CB  1 
ATOM   471  O  OG  . SER A 1 75  ? 0.236   -8.596  -9.478  1.00 37.00  ? 113 SER A OG  1 
ATOM   472  N  N   . SER A 1 76  ? 0.172   -7.948  -14.156 1.00 33.73  ? 114 SER A N   1 
ATOM   473  C  CA  . SER A 1 76  ? 0.666   -8.247  -15.506 1.00 34.20  ? 114 SER A CA  1 
ATOM   474  C  C   . SER A 1 76  ? 0.444   -7.133  -16.532 1.00 38.66  ? 114 SER A C   1 
ATOM   475  O  O   . SER A 1 76  ? 1.004   -7.199  -17.630 1.00 40.20  ? 114 SER A O   1 
ATOM   476  C  CB  . SER A 1 76  ? 0.086   -9.569  -15.995 1.00 37.66  ? 114 SER A CB  1 
ATOM   477  O  OG  . SER A 1 76  ? -1.310  -9.445  -16.197 1.00 49.88  ? 114 SER A OG  1 
ATOM   478  N  N   . GLN A 1 77  ? -0.331  -6.101  -16.170 1.00 34.22  ? 115 GLN A N   1 
ATOM   479  C  CA  . GLN A 1 77  ? -0.698  -4.979  -17.042 1.00 34.34  ? 115 GLN A CA  1 
ATOM   480  C  C   . GLN A 1 77  ? 0.075   -3.675  -16.783 1.00 36.13  ? 115 GLN A C   1 
ATOM   481  O  O   . GLN A 1 77  ? -0.132  -2.715  -17.530 1.00 36.67  ? 115 GLN A O   1 
ATOM   482  C  CB  . GLN A 1 77  ? -2.201  -4.691  -16.863 1.00 36.41  ? 115 GLN A CB  1 
ATOM   483  C  CG  . GLN A 1 77  ? -2.994  -4.532  -18.144 1.00 67.39  ? 115 GLN A CG  1 
ATOM   484  C  CD  . GLN A 1 77  ? -4.430  -4.183  -17.831 1.00 93.09  ? 115 GLN A CD  1 
ATOM   485  O  OE1 . GLN A 1 77  ? -4.759  -3.042  -17.476 1.00 90.46  ? 115 GLN A OE1 1 
ATOM   486  N  NE2 . GLN A 1 77  ? -5.312  -5.165  -17.937 1.00 85.85  ? 115 GLN A NE2 1 
ATOM   487  N  N   . LEU A 1 78  ? 0.894   -3.596  -15.707 1.00 29.93  ? 116 LEU A N   1 
ATOM   488  C  CA  . LEU A 1 78  ? 1.590   -2.349  -15.349 1.00 29.46  ? 116 LEU A CA  1 
ATOM   489  C  C   . LEU A 1 78  ? 2.670   -1.853  -16.337 1.00 30.75  ? 116 LEU A C   1 
ATOM   490  O  O   . LEU A 1 78  ? 2.780   -0.626  -16.559 1.00 27.09  ? 116 LEU A O   1 
ATOM   491  C  CB  . LEU A 1 78  ? 2.187   -2.411  -13.919 1.00 29.42  ? 116 LEU A CB  1 
ATOM   492  C  CG  . LEU A 1 78  ? 1.206   -2.358  -12.755 1.00 34.05  ? 116 LEU A CG  1 
ATOM   493  C  CD1 . LEU A 1 78  ? 1.921   -2.603  -11.444 1.00 33.60  ? 116 LEU A CD1 1 
ATOM   494  C  CD2 . LEU A 1 78  ? 0.462   -1.029  -12.702 1.00 36.50  ? 116 LEU A CD2 1 
ATOM   495  N  N   . HIS A 1 79  ? 3.515   -2.792  -16.828 1.00 26.91  ? 117 HIS A N   1 
ATOM   496  C  CA  . HIS A 1 79  ? 4.643   -2.556  -17.748 1.00 28.67  ? 117 HIS A CA  1 
ATOM   497  C  C   . HIS A 1 79  ? 5.478   -1.386  -17.261 1.00 29.59  ? 117 HIS A C   1 
ATOM   498  O  O   . HIS A 1 79  ? 5.699   -0.418  -17.984 1.00 27.93  ? 117 HIS A O   1 
ATOM   499  C  CB  . HIS A 1 79  ? 4.136   -2.330  -19.192 1.00 31.44  ? 117 HIS A CB  1 
ATOM   500  C  CG  . HIS A 1 79  ? 3.294   -3.454  -19.722 1.00 36.43  ? 117 HIS A CG  1 
ATOM   501  N  ND1 . HIS A 1 79  ? 2.004   -3.235  -20.177 1.00 39.16  ? 117 HIS A ND1 1 
ATOM   502  C  CD2 . HIS A 1 79  ? 3.581   -4.772  -19.843 1.00 39.34  ? 117 HIS A CD2 1 
ATOM   503  C  CE1 . HIS A 1 79  ? 1.550   -4.420  -20.562 1.00 38.90  ? 117 HIS A CE1 1 
ATOM   504  N  NE2 . HIS A 1 79  ? 2.462   -5.377  -20.376 1.00 39.25  ? 117 HIS A NE2 1 
ATOM   505  N  N   . LEU A 1 80  ? 5.873   -1.445  -15.990 1.00 25.11  ? 118 LEU A N   1 
ATOM   506  C  CA  . LEU A 1 80  ? 6.591   -0.379  -15.326 1.00 24.12  ? 118 LEU A CA  1 
ATOM   507  C  C   . LEU A 1 80  ? 7.962   -0.073  -15.910 1.00 23.56  ? 118 LEU A C   1 
ATOM   508  O  O   . LEU A 1 80  ? 8.733   -0.986  -16.229 1.00 21.16  ? 118 LEU A O   1 
ATOM   509  C  CB  . LEU A 1 80  ? 6.755   -0.783  -13.851 1.00 24.75  ? 118 LEU A CB  1 
ATOM   510  C  CG  . LEU A 1 80  ? 6.034   -0.009  -12.754 1.00 30.13  ? 118 LEU A CG  1 
ATOM   511  C  CD1 . LEU A 1 80  ? 4.626   0.466   -13.159 1.00 29.63  ? 118 LEU A CD1 1 
ATOM   512  C  CD2 . LEU A 1 80  ? 6.005   -0.826  -11.463 1.00 30.16  ? 118 LEU A CD2 1 
ATOM   513  N  N   . THR A 1 81  ? 8.284   1.229   -15.992 1.00 18.20  ? 119 THR A N   1 
ATOM   514  C  CA  . THR A 1 81  ? 9.618   1.679   -16.376 1.00 18.34  ? 119 THR A CA  1 
ATOM   515  C  C   . THR A 1 81  ? 9.884   2.892   -15.505 1.00 19.25  ? 119 THR A C   1 
ATOM   516  O  O   . THR A 1 81  ? 8.907   3.478   -15.017 1.00 17.42  ? 119 THR A O   1 
ATOM   517  C  CB  . THR A 1 81  ? 9.737   2.054   -17.891 1.00 23.58  ? 119 THR A CB  1 
ATOM   518  O  OG1 . THR A 1 81  ? 9.047   3.276   -18.120 1.00 19.83  ? 119 THR A OG1 1 
ATOM   519  C  CG2 . THR A 1 81  ? 9.279   0.960   -18.836 1.00 20.97  ? 119 THR A CG2 1 
ATOM   520  N  N   . PRO A 1 82  ? 11.155  3.342   -15.327 1.00 17.91  ? 120 PRO A N   1 
ATOM   521  C  CA  . PRO A 1 82  ? 11.401  4.525   -14.491 1.00 18.81  ? 120 PRO A CA  1 
ATOM   522  C  C   . PRO A 1 82  ? 10.665  5.790   -14.925 1.00 20.47  ? 120 PRO A C   1 
ATOM   523  O  O   . PRO A 1 82  ? 10.235  6.540   -14.059 1.00 19.84  ? 120 PRO A O   1 
ATOM   524  C  CB  . PRO A 1 82  ? 12.927  4.687   -14.550 1.00 21.38  ? 120 PRO A CB  1 
ATOM   525  C  CG  . PRO A 1 82  ? 13.424  3.312   -14.793 1.00 25.13  ? 120 PRO A CG  1 
ATOM   526  C  CD  . PRO A 1 82  ? 12.436  2.743   -15.771 1.00 21.17  ? 120 PRO A CD  1 
ATOM   527  N  N   . PHE A 1 83  ? 10.443  6.006   -16.240 1.00 16.16  ? 121 PHE A N   1 
ATOM   528  C  CA  . PHE A 1 83  ? 9.722   7.211   -16.680 1.00 16.40  ? 121 PHE A CA  1 
ATOM   529  C  C   . PHE A 1 83  ? 8.192   7.075   -16.621 1.00 17.85  ? 121 PHE A C   1 
ATOM   530  O  O   . PHE A 1 83  ? 7.491   8.094   -16.582 1.00 18.39  ? 121 PHE A O   1 
ATOM   531  C  CB  . PHE A 1 83  ? 10.149  7.584   -18.120 1.00 19.44  ? 121 PHE A CB  1 
ATOM   532  C  CG  . PHE A 1 83  ? 11.423  8.397   -18.140 1.00 21.89  ? 121 PHE A CG  1 
ATOM   533  C  CD1 . PHE A 1 83  ? 12.652  7.782   -18.280 1.00 24.25  ? 121 PHE A CD1 1 
ATOM   534  C  CD2 . PHE A 1 83  ? 11.389  9.775   -17.976 1.00 25.52  ? 121 PHE A CD2 1 
ATOM   535  C  CE1 . PHE A 1 83  ? 13.832  8.526   -18.259 1.00 24.94  ? 121 PHE A CE1 1 
ATOM   536  C  CE2 . PHE A 1 83  ? 12.574  10.520  -17.960 1.00 27.35  ? 121 PHE A CE2 1 
ATOM   537  C  CZ  . PHE A 1 83  ? 13.781  9.889   -18.120 1.00 24.66  ? 121 PHE A CZ  1 
ATOM   538  N  N   . THR A 1 84  ? 7.665   5.838   -16.667 1.00 14.78  ? 122 THR A N   1 
ATOM   539  C  CA  . THR A 1 84  ? 6.193   5.637   -16.674 1.00 13.93  ? 122 THR A CA  1 
ATOM   540  C  C   . THR A 1 84  ? 5.572   5.306   -15.294 1.00 18.32  ? 122 THR A C   1 
ATOM   541  O  O   . THR A 1 84  ? 4.351   5.442   -15.136 1.00 17.07  ? 122 THR A O   1 
ATOM   542  C  CB  . THR A 1 84  ? 5.761   4.583   -17.708 1.00 18.76  ? 122 THR A CB  1 
ATOM   543  O  OG1 . THR A 1 84  ? 6.321   3.308   -17.363 1.00 20.32  ? 122 THR A OG1 1 
ATOM   544  C  CG2 . THR A 1 84  ? 6.091   4.980   -19.171 1.00 16.12  ? 122 THR A CG2 1 
ATOM   545  N  N   . ALA A 1 85  ? 6.382   4.857   -14.316 1.00 16.43  ? 123 ALA A N   1 
ATOM   546  C  CA  . ALA A 1 85  ? 5.837   4.479   -12.996 1.00 15.57  ? 123 ALA A CA  1 
ATOM   547  C  C   . ALA A 1 85  ? 5.065   5.604   -12.294 1.00 18.13  ? 123 ALA A C   1 
ATOM   548  O  O   . ALA A 1 85  ? 3.970   5.350   -11.790 1.00 17.10  ? 123 ALA A O   1 
ATOM   549  C  CB  . ALA A 1 85  ? 6.948   3.961   -12.096 1.00 16.09  ? 123 ALA A CB  1 
ATOM   550  N  N   . ARG A 1 86  ? 5.602   6.846   -12.298 1.00 15.55  ? 124 ARG A N   1 
ATOM   551  C  CA  . ARG A 1 86  ? 4.967   7.996   -11.637 1.00 16.00  ? 124 ARG A CA  1 
ATOM   552  C  C   . ARG A 1 86  ? 3.551   8.232   -12.125 1.00 18.95  ? 124 ARG A C   1 
ATOM   553  O  O   . ARG A 1 86  ? 2.621   8.352   -11.310 1.00 16.94  ? 124 ARG A O   1 
ATOM   554  C  CB  . ARG A 1 86  ? 5.830   9.278   -11.766 1.00 17.41  ? 124 ARG A CB  1 
ATOM   555  C  CG  . ARG A 1 86  ? 5.250   10.518  -11.055 1.00 30.40  ? 124 ARG A CG  1 
ATOM   556  C  CD  . ARG A 1 86  ? 5.541   10.542  -9.565  1.00 47.89  ? 124 ARG A CD  1 
ATOM   557  N  NE  . ARG A 1 86  ? 4.732   11.518  -8.831  1.00 66.96  ? 124 ARG A NE  1 
ATOM   558  C  CZ  . ARG A 1 86  ? 5.226   12.530  -8.121  1.00 93.36  ? 124 ARG A CZ  1 
ATOM   559  N  NH1 . ARG A 1 86  ? 6.539   12.717  -8.040  1.00 85.29  ? 124 ARG A NH1 1 
ATOM   560  N  NH2 . ARG A 1 86  ? 4.412   13.362  -7.484  1.00 86.36  ? 124 ARG A NH2 1 
ATOM   561  N  N   . GLY A 1 87  ? 3.404   8.305   -13.449 1.00 17.00  ? 125 GLY A N   1 
ATOM   562  C  CA  . GLY A 1 87  ? 2.113   8.521   -14.095 1.00 15.96  ? 125 GLY A CA  1 
ATOM   563  C  C   . GLY A 1 87  ? 1.158   7.375   -13.865 1.00 18.59  ? 125 GLY A C   1 
ATOM   564  O  O   . GLY A 1 87  ? -0.032  7.607   -13.602 1.00 17.47  ? 125 GLY A O   1 
ATOM   565  N  N   . ARG A 1 88  ? 1.661   6.128   -13.989 1.00 15.25  ? 126 ARG A N   1 
ATOM   566  C  CA  . ARG A 1 88  ? 0.826   4.938   -13.749 1.00 15.06  ? 126 ARG A CA  1 
ATOM   567  C  C   . ARG A 1 88  ? 0.327   4.932   -12.303 1.00 17.36  ? 126 ARG A C   1 
ATOM   568  O  O   . ARG A 1 88  ? -0.849  4.669   -12.074 1.00 17.32  ? 126 ARG A O   1 
ATOM   569  C  CB  . ARG A 1 88  ? 1.582   3.621   -14.028 1.00 16.27  ? 126 ARG A CB  1 
ATOM   570  C  CG  . ARG A 1 88  ? 0.680   2.358   -13.909 1.00 16.98  ? 126 ARG A CG  1 
ATOM   571  C  CD  . ARG A 1 88  ? -0.585  2.405   -14.789 1.00 24.08  ? 126 ARG A CD  1 
ATOM   572  N  NE  . ARG A 1 88  ? -0.185  2.518   -16.191 1.00 25.23  ? 126 ARG A NE  1 
ATOM   573  C  CZ  . ARG A 1 88  ? -0.049  1.494   -17.023 1.00 40.87  ? 126 ARG A CZ  1 
ATOM   574  N  NH1 . ARG A 1 88  ? -0.425  0.275   -16.652 1.00 29.85  ? 126 ARG A NH1 1 
ATOM   575  N  NH2 . ARG A 1 88  ? 0.413   1.687   -18.248 1.00 25.58  ? 126 ARG A NH2 1 
ATOM   576  N  N   . PHE A 1 89  ? 1.208   5.234   -11.338 1.00 15.02  ? 127 PHE A N   1 
ATOM   577  C  CA  . PHE A 1 89  ? 0.795   5.272   -9.923  1.00 14.57  ? 127 PHE A CA  1 
ATOM   578  C  C   . PHE A 1 89  ? -0.359  6.274   -9.732  1.00 18.87  ? 127 PHE A C   1 
ATOM   579  O  O   . PHE A 1 89  ? -1.397  5.908   -9.177  1.00 15.64  ? 127 PHE A O   1 
ATOM   580  C  CB  . PHE A 1 89  ? 1.956   5.666   -9.020  1.00 15.92  ? 127 PHE A CB  1 
ATOM   581  C  CG  . PHE A 1 89  ? 1.575   5.714   -7.552  1.00 16.55  ? 127 PHE A CG  1 
ATOM   582  C  CD1 . PHE A 1 89  ? 1.132   6.898   -6.969  1.00 18.41  ? 127 PHE A CD1 1 
ATOM   583  C  CD2 . PHE A 1 89  ? 1.703   4.586   -6.747  1.00 17.34  ? 127 PHE A CD2 1 
ATOM   584  C  CE1 . PHE A 1 89  ? 0.793   6.944   -5.611  1.00 18.91  ? 127 PHE A CE1 1 
ATOM   585  C  CE2 . PHE A 1 89  ? 1.390   4.643   -5.381  1.00 19.31  ? 127 PHE A CE2 1 
ATOM   586  C  CZ  . PHE A 1 89  ? 0.943   5.819   -4.828  1.00 17.33  ? 127 PHE A CZ  1 
ATOM   587  N  N   . ALA A 1 90  ? -0.171  7.539   -10.179 1.00 17.67  ? 128 ALA A N   1 
ATOM   588  C  CA  . ALA A 1 90  ? -1.186  8.577   -10.023 1.00 17.71  ? 128 ALA A CA  1 
ATOM   589  C  C   . ALA A 1 90  ? -2.517  8.199   -10.679 1.00 18.44  ? 128 ALA A C   1 
ATOM   590  O  O   . ALA A 1 90  ? -3.574  8.435   -10.086 1.00 17.69  ? 128 ALA A O   1 
ATOM   591  C  CB  . ALA A 1 90  ? -0.673  9.912   -10.571 1.00 18.76  ? 128 ALA A CB  1 
ATOM   592  N  N   . THR A 1 91  ? -2.474  7.635   -11.898 1.00 15.68  ? 129 THR A N   1 
ATOM   593  C  CA  . THR A 1 91  ? -3.686  7.254   -12.660 1.00 15.43  ? 129 THR A CA  1 
ATOM   594  C  C   . THR A 1 91  ? -4.502  6.169   -11.932 1.00 18.45  ? 129 THR A C   1 
ATOM   595  O  O   . THR A 1 91  ? -5.730  6.268   -11.851 1.00 16.15  ? 129 THR A O   1 
ATOM   596  C  CB  . THR A 1 91  ? -3.300  6.822   -14.090 1.00 20.60  ? 129 THR A CB  1 
ATOM   597  O  OG1 . THR A 1 91  ? -2.796  7.977   -14.777 1.00 20.02  ? 129 THR A OG1 1 
ATOM   598  C  CG2 . THR A 1 91  ? -4.479  6.209   -14.870 1.00 21.20  ? 129 THR A CG2 1 
ATOM   599  N  N   . VAL A 1 92  ? -3.822  5.121   -11.462 1.00 14.33  ? 130 VAL A N   1 
ATOM   600  C  CA  . VAL A 1 92  ? -4.484  4.005   -10.752 1.00 14.49  ? 130 VAL A CA  1 
ATOM   601  C  C   . VAL A 1 92  ? -5.096  4.507   -9.430  1.00 16.22  ? 130 VAL A C   1 
ATOM   602  O  O   . VAL A 1 92  ? -6.227  4.160   -9.111  1.00 16.50  ? 130 VAL A O   1 
ATOM   603  C  CB  . VAL A 1 92  ? -3.541  2.789   -10.539 1.00 17.48  ? 130 VAL A CB  1 
ATOM   604  C  CG1 . VAL A 1 92  ? -4.172  1.753   -9.576  1.00 17.29  ? 130 VAL A CG1 1 
ATOM   605  C  CG2 . VAL A 1 92  ? -3.167  2.127   -11.878 1.00 17.21  ? 130 VAL A CG2 1 
ATOM   606  N  N   . VAL A 1 93  ? -4.351  5.296   -8.675  1.00 14.71  ? 131 VAL A N   1 
ATOM   607  C  CA  . VAL A 1 93  ? -4.825  5.838   -7.388  1.00 15.42  ? 131 VAL A CA  1 
ATOM   608  C  C   . VAL A 1 93  ? -6.039  6.753   -7.562  1.00 18.87  ? 131 VAL A C   1 
ATOM   609  O  O   . VAL A 1 93  ? -7.009  6.664   -6.795  1.00 17.76  ? 131 VAL A O   1 
ATOM   610  C  CB  . VAL A 1 93  ? -3.654  6.441   -6.574  1.00 19.24  ? 131 VAL A CB  1 
ATOM   611  C  CG1 . VAL A 1 93  ? -4.161  7.195   -5.355  1.00 20.19  ? 131 VAL A CG1 1 
ATOM   612  C  CG2 . VAL A 1 93  ? -2.683  5.328   -6.138  1.00 18.48  ? 131 VAL A CG2 1 
ATOM   613  N  N   . GLU A 1 94  ? -6.019  7.582   -8.610  1.00 17.29  ? 132 GLU A N   1 
ATOM   614  C  CA  . GLU A 1 94  ? -7.162  8.456   -8.936  1.00 18.25  ? 132 GLU A CA  1 
ATOM   615  C  C   . GLU A 1 94  ? -8.401  7.592   -9.251  1.00 19.70  ? 132 GLU A C   1 
ATOM   616  O  O   . GLU A 1 94  ? -9.481  7.897   -8.754  1.00 20.14  ? 132 GLU A O   1 
ATOM   617  C  CB  . GLU A 1 94  ? -6.785  9.426   -10.103 1.00 20.26  ? 132 GLU A CB  1 
ATOM   618  C  CG  . GLU A 1 94  ? -7.923  9.893   -11.005 1.00 37.00  ? 132 GLU A CG  1 
ATOM   619  C  CD  . GLU A 1 94  ? -9.058  10.690  -10.395 1.00 73.49  ? 132 GLU A CD  1 
ATOM   620  O  OE1 . GLU A 1 94  ? -8.803  11.461  -9.441  1.00 84.35  ? 132 GLU A OE1 1 
ATOM   621  O  OE2 . GLU A 1 94  ? -10.200 10.564  -10.895 1.00 67.88  ? 132 GLU A OE2 1 
ATOM   622  N  N   . GLU A 1 95  ? -8.233  6.502   -10.025 1.00 17.45  ? 133 GLU A N   1 
ATOM   623  C  CA  . GLU A 1 95  ? -9.316  5.570   -10.346 1.00 17.54  ? 133 GLU A CA  1 
ATOM   624  C  C   . GLU A 1 95  ? -9.858  4.927   -9.047  1.00 20.57  ? 133 GLU A C   1 
ATOM   625  O  O   . GLU A 1 95  ? -11.074 4.863   -8.819  1.00 17.56  ? 133 GLU A O   1 
ATOM   626  C  CB  . GLU A 1 95  ? -8.837  4.467   -11.310 1.00 19.19  ? 133 GLU A CB  1 
ATOM   627  C  CG  . GLU A 1 95  ? -9.887  3.381   -11.522 1.00 30.12  ? 133 GLU A CG  1 
ATOM   628  C  CD  . GLU A 1 95  ? -9.579  2.207   -12.435 1.00 57.23  ? 133 GLU A CD  1 
ATOM   629  O  OE1 . GLU A 1 95  ? -8.398  2.015   -12.807 1.00 55.14  ? 133 GLU A OE1 1 
ATOM   630  O  OE2 . GLU A 1 95  ? -10.529 1.450   -12.746 1.00 49.24  ? 133 GLU A OE2 1 
ATOM   631  N  N   . LEU A 1 96  ? -8.939  4.473   -8.195  1.00 15.56  ? 134 LEU A N   1 
ATOM   632  C  CA  . LEU A 1 96  ? -9.296  3.801   -6.937  1.00 15.27  ? 134 LEU A CA  1 
ATOM   633  C  C   . LEU A 1 96  ? -10.166 4.657   -6.033  1.00 17.10  ? 134 LEU A C   1 
ATOM   634  O  O   . LEU A 1 96  ? -11.152 4.170   -5.494  1.00 18.29  ? 134 LEU A O   1 
ATOM   635  C  CB  . LEU A 1 96  ? -7.992  3.364   -6.220  1.00 14.75  ? 134 LEU A CB  1 
ATOM   636  C  CG  . LEU A 1 96  ? -8.132  2.664   -4.867  1.00 17.45  ? 134 LEU A CG  1 
ATOM   637  C  CD1 . LEU A 1 96  ? -8.927  1.360   -5.000  1.00 16.18  ? 134 LEU A CD1 1 
ATOM   638  C  CD2 . LEU A 1 96  ? -6.738  2.354   -4.303  1.00 17.45  ? 134 LEU A CD2 1 
ATOM   639  N  N   . PHE A 1 97  ? -9.833  5.921   -5.889  1.00 15.04  ? 135 PHE A N   1 
ATOM   640  C  CA  . PHE A 1 97  ? -10.566 6.811   -4.984  1.00 15.76  ? 135 PHE A CA  1 
ATOM   641  C  C   . PHE A 1 97  ? -11.567 7.770   -5.657  1.00 22.31  ? 135 PHE A C   1 
ATOM   642  O  O   . PHE A 1 97  ? -12.037 8.706   -5.012  1.00 22.26  ? 135 PHE A O   1 
ATOM   643  C  CB  . PHE A 1 97  ? -9.580  7.581   -4.103  1.00 16.27  ? 135 PHE A CB  1 
ATOM   644  C  CG  . PHE A 1 97  ? -8.795  6.681   -3.169  1.00 15.29  ? 135 PHE A CG  1 
ATOM   645  C  CD1 . PHE A 1 97  ? -7.425  6.515   -3.331  1.00 15.72  ? 135 PHE A CD1 1 
ATOM   646  C  CD2 . PHE A 1 97  ? -9.415  6.066   -2.080  1.00 15.02  ? 135 PHE A CD2 1 
ATOM   647  C  CE1 . PHE A 1 97  ? -6.697  5.683   -2.472  1.00 15.56  ? 135 PHE A CE1 1 
ATOM   648  C  CE2 . PHE A 1 97  ? -8.689  5.230   -1.223  1.00 16.54  ? 135 PHE A CE2 1 
ATOM   649  C  CZ  . PHE A 1 97  ? -7.335  5.032   -1.434  1.00 14.11  ? 135 PHE A CZ  1 
ATOM   650  N  N   . ARG A 1 98  ? -11.900 7.524   -6.927  1.00 20.96  ? 136 ARG A N   1 
ATOM   651  C  CA  . ARG A 1 98  ? -12.805 8.393   -7.708  1.00 23.01  ? 136 ARG A CA  1 
ATOM   652  C  C   . ARG A 1 98  ? -14.209 8.516   -7.084  1.00 28.37  ? 136 ARG A C   1 
ATOM   653  O  O   . ARG A 1 98  ? -14.797 9.596   -7.133  1.00 28.82  ? 136 ARG A O   1 
ATOM   654  C  CB  . ARG A 1 98  ? -12.911 7.893   -9.158  1.00 23.51  ? 136 ARG A CB  1 
ATOM   655  C  CG  . ARG A 1 98  ? -13.466 8.962   -10.117 1.00 41.62  ? 136 ARG A CG  1 
ATOM   656  C  CD  . ARG A 1 98  ? -13.023 8.729   -11.550 1.00 58.68  ? 136 ARG A CD  1 
ATOM   657  N  NE  . ARG A 1 98  ? -14.001 7.957   -12.320 1.00 72.91  ? 136 ARG A NE  1 
ATOM   658  C  CZ  . ARG A 1 98  ? -13.687 7.061   -13.252 1.00 86.59  ? 136 ARG A CZ  1 
ATOM   659  N  NH1 . ARG A 1 98  ? -12.414 6.794   -13.528 1.00 66.72  ? 136 ARG A NH1 1 
ATOM   660  N  NH2 . ARG A 1 98  ? -14.643 6.413   -13.906 1.00 75.33  ? 136 ARG A NH2 1 
ATOM   661  N  N   . ASP A 1 99  ? -14.726 7.415   -6.502  1.00 24.50  ? 137 ASP A N   1 
ATOM   662  C  CA  . ASP A 1 99  ? -16.048 7.397   -5.874  1.00 24.81  ? 137 ASP A CA  1 
ATOM   663  C  C   . ASP A 1 99  ? -16.014 7.641   -4.351  1.00 29.29  ? 137 ASP A C   1 
ATOM   664  O  O   . ASP A 1 99  ? -17.038 7.476   -3.692  1.00 30.79  ? 137 ASP A O   1 
ATOM   665  C  CB  . ASP A 1 99  ? -16.765 6.081   -6.189  1.00 26.57  ? 137 ASP A CB  1 
ATOM   666  C  CG  . ASP A 1 99  ? -17.091 5.875   -7.648  1.00 38.79  ? 137 ASP A CG  1 
ATOM   667  O  OD1 . ASP A 1 99  ? -17.233 6.883   -8.373  1.00 37.25  ? 137 ASP A OD1 1 
ATOM   668  O  OD2 . ASP A 1 99  ? -17.221 4.706   -8.062  1.00 49.94  ? 137 ASP A OD2 1 
ATOM   669  N  N   . GLY A 1 100 ? -14.859 8.038   -3.822  1.00 22.60  ? 138 GLY A N   1 
ATOM   670  C  CA  . GLY A 1 100 ? -14.691 8.288   -2.397  1.00 23.19  ? 138 GLY A CA  1 
ATOM   671  C  C   . GLY A 1 100 ? -13.818 7.245   -1.715  1.00 24.84  ? 138 GLY A C   1 
ATOM   672  O  O   . GLY A 1 100 ? -13.313 6.312   -2.351  1.00 21.79  ? 138 GLY A O   1 
ATOM   673  N  N   . VAL A 1 101 ? -13.670 7.397   -0.403  1.00 21.38  ? 139 VAL A N   1 
ATOM   674  C  CA  . VAL A 1 101 ? -12.786 6.568   0.415   1.00 20.68  ? 139 VAL A CA  1 
ATOM   675  C  C   . VAL A 1 101 ? -13.570 5.726   1.407   1.00 23.20  ? 139 VAL A C   1 
ATOM   676  O  O   . VAL A 1 101 ? -14.583 6.174   1.950   1.00 21.97  ? 139 VAL A O   1 
ATOM   677  C  CB  . VAL A 1 101 ? -11.793 7.504   1.187   1.00 23.74  ? 139 VAL A CB  1 
ATOM   678  C  CG1 . VAL A 1 101 ? -10.754 6.704   1.998   1.00 23.40  ? 139 VAL A CG1 1 
ATOM   679  C  CG2 . VAL A 1 101 ? -11.104 8.505   0.257   1.00 22.98  ? 139 VAL A CG2 1 
ATOM   680  N  N   . ASN A 1 102 ? -13.097 4.500   1.637   1.00 18.17  ? 140 ASN A N   1 
ATOM   681  C  CA  . ASN A 1 102 ? -13.522 3.625   2.733   1.00 17.75  ? 140 ASN A CA  1 
ATOM   682  C  C   . ASN A 1 102 ? -12.293 2.801   3.133   1.00 18.47  ? 140 ASN A C   1 
ATOM   683  O  O   . ASN A 1 102 ? -11.267 2.868   2.433   1.00 15.23  ? 140 ASN A O   1 
ATOM   684  C  CB  . ASN A 1 102 ? -14.806 2.803   2.481   1.00 18.18  ? 140 ASN A CB  1 
ATOM   685  C  CG  . ASN A 1 102 ? -14.701 1.734   1.427   1.00 27.19  ? 140 ASN A CG  1 
ATOM   686  O  OD1 . ASN A 1 102 ? -13.659 1.547   0.805   1.00 18.29  ? 140 ASN A OD1 1 
ATOM   687  N  ND2 . ASN A 1 102 ? -15.779 0.997   1.222   1.00 18.02  ? 140 ASN A ND2 1 
ATOM   688  N  N   . TRP A 1 103 ? -12.354 2.075   4.255   1.00 14.88  ? 141 TRP A N   1 
ATOM   689  C  CA  . TRP A 1 103 ? -11.175 1.299   4.681   1.00 14.97  ? 141 TRP A CA  1 
ATOM   690  C  C   . TRP A 1 103 ? -10.667 0.303   3.627   1.00 16.03  ? 141 TRP A C   1 
ATOM   691  O  O   . TRP A 1 103 ? -9.451  0.158   3.461   1.00 14.12  ? 141 TRP A O   1 
ATOM   692  C  CB  . TRP A 1 103 ? -11.436 0.600   6.022   1.00 13.76  ? 141 TRP A CB  1 
ATOM   693  C  CG  . TRP A 1 103 ? -11.512 1.556   7.182   1.00 13.56  ? 141 TRP A CG  1 
ATOM   694  C  CD1 . TRP A 1 103 ? -12.594 1.784   7.981   1.00 16.81  ? 141 TRP A CD1 1 
ATOM   695  C  CD2 . TRP A 1 103 ? -10.461 2.410   7.673   1.00 13.34  ? 141 TRP A CD2 1 
ATOM   696  N  NE1 . TRP A 1 103 ? -12.291 2.744   8.929   1.00 15.87  ? 141 TRP A NE1 1 
ATOM   697  C  CE2 . TRP A 1 103 ? -10.990 3.143   8.763   1.00 16.58  ? 141 TRP A CE2 1 
ATOM   698  C  CE3 . TRP A 1 103 ? -9.123  2.649   7.282   1.00 13.71  ? 141 TRP A CE3 1 
ATOM   699  C  CZ2 . TRP A 1 103 ? -10.234 4.093   9.466   1.00 15.37  ? 141 TRP A CZ2 1 
ATOM   700  C  CZ3 . TRP A 1 103 ? -8.375  3.578   7.992   1.00 15.03  ? 141 TRP A CZ3 1 
ATOM   701  C  CH2 . TRP A 1 103 ? -8.916  4.255   9.101   1.00 15.26  ? 141 TRP A CH2 1 
ATOM   702  N  N   . GLY A 1 104 ? -11.588 -0.370  2.933   1.00 12.90  ? 142 GLY A N   1 
ATOM   703  C  CA  . GLY A 1 104 ? -11.222 -1.358  1.915   1.00 12.43  ? 142 GLY A CA  1 
ATOM   704  C  C   . GLY A 1 104 ? -10.409 -0.760  0.773   1.00 15.40  ? 142 GLY A C   1 
ATOM   705  O  O   . GLY A 1 104 ? -9.451  -1.369  0.283   1.00 12.77  ? 142 GLY A O   1 
ATOM   706  N  N   . ARG A 1 105 ? -10.767 0.452   0.365   1.00 14.24  ? 143 ARG A N   1 
ATOM   707  C  CA  . ARG A 1 105 ? -10.040 1.154   -0.698  1.00 13.49  ? 143 ARG A CA  1 
ATOM   708  C  C   . ARG A 1 105 ? -8.663  1.582   -0.216  1.00 16.29  ? 143 ARG A C   1 
ATOM   709  O  O   . ARG A 1 105 ? -7.720  1.580   -1.002  1.00 15.38  ? 143 ARG A O   1 
ATOM   710  C  CB  . ARG A 1 105 ? -10.857 2.324   -1.226  1.00 12.93  ? 143 ARG A CB  1 
ATOM   711  C  CG  . ARG A 1 105 ? -11.949 1.822   -2.179  1.00 13.90  ? 143 ARG A CG  1 
ATOM   712  C  CD  . ARG A 1 105 ? -13.039 2.854   -2.457  1.00 21.85  ? 143 ARG A CD  1 
ATOM   713  N  NE  . ARG A 1 105 ? -13.989 2.312   -3.440  1.00 25.76  ? 143 ARG A NE  1 
ATOM   714  C  CZ  . ARG A 1 105 ? -14.972 1.457   -3.157  1.00 44.13  ? 143 ARG A CZ  1 
ATOM   715  N  NH1 . ARG A 1 105 ? -15.191 1.075   -1.901  1.00 24.69  ? 143 ARG A NH1 1 
ATOM   716  N  NH2 . ARG A 1 105 ? -15.749 0.988   -4.123  1.00 36.86  ? 143 ARG A NH2 1 
ATOM   717  N  N   . ILE A 1 106 ? -8.522  1.871   1.086   1.00 12.81  ? 144 ILE A N   1 
ATOM   718  C  CA  . ILE A 1 106 ? -7.203  2.190   1.649   1.00 11.73  ? 144 ILE A CA  1 
ATOM   719  C  C   . ILE A 1 106 ? -6.351  0.910   1.652   1.00 14.68  ? 144 ILE A C   1 
ATOM   720  O  O   . ILE A 1 106 ? -5.177  0.964   1.294   1.00 13.31  ? 144 ILE A O   1 
ATOM   721  C  CB  . ILE A 1 106 ? -7.307  2.852   3.047   1.00 15.24  ? 144 ILE A CB  1 
ATOM   722  C  CG1 . ILE A 1 106 ? -7.937  4.262   2.922   1.00 16.94  ? 144 ILE A CG1 1 
ATOM   723  C  CG2 . ILE A 1 106 ? -5.924  2.901   3.739   1.00 14.08  ? 144 ILE A CG2 1 
ATOM   724  C  CD1 . ILE A 1 106 ? -8.272  4.946   4.233   1.00 19.28  ? 144 ILE A CD1 1 
ATOM   725  N  N   . VAL A 1 107 ? -6.945  -0.235  2.035   1.00 11.98  ? 145 VAL A N   1 
ATOM   726  C  CA  . VAL A 1 107 ? -6.224  -1.526  2.005   1.00 11.35  ? 145 VAL A CA  1 
ATOM   727  C  C   . VAL A 1 107 ? -5.790  -1.812  0.542   1.00 14.42  ? 145 VAL A C   1 
ATOM   728  O  O   . VAL A 1 107 ? -4.640  -2.221  0.295   1.00 11.94  ? 145 VAL A O   1 
ATOM   729  C  CB  . VAL A 1 107 ? -7.096  -2.667  2.581   1.00 13.37  ? 145 VAL A CB  1 
ATOM   730  C  CG1 . VAL A 1 107 ? -6.474  -4.046  2.295   1.00 12.82  ? 145 VAL A CG1 1 
ATOM   731  C  CG2 . VAL A 1 107 ? -7.311  -2.480  4.087   1.00 11.92  ? 145 VAL A CG2 1 
ATOM   732  N  N   . ALA A 1 108 ? -6.724  -1.581  -0.417  1.00 12.14  ? 146 ALA A N   1 
ATOM   733  C  CA  . ALA A 1 108 ? -6.445  -1.786  -1.863  1.00 12.25  ? 146 ALA A CA  1 
ATOM   734  C  C   . ALA A 1 108 ? -5.275  -0.891  -2.331  1.00 14.45  ? 146 ALA A C   1 
ATOM   735  O  O   . ALA A 1 108 ? -4.467  -1.318  -3.156  1.00 14.89  ? 146 ALA A O   1 
ATOM   736  C  CB  . ALA A 1 108 ? -7.705  -1.495  -2.680  1.00 12.18  ? 146 ALA A CB  1 
ATOM   737  N  N   . PHE A 1 109 ? -5.205  0.347   -1.823  1.00 12.99  ? 147 PHE A N   1 
ATOM   738  C  CA  . PHE A 1 109 ? -4.113  1.299   -2.110  1.00 12.16  ? 147 PHE A CA  1 
ATOM   739  C  C   . PHE A 1 109 ? -2.772  0.715   -1.646  1.00 13.67  ? 147 PHE A C   1 
ATOM   740  O  O   . PHE A 1 109 ? -1.792  0.759   -2.387  1.00 13.29  ? 147 PHE A O   1 
ATOM   741  C  CB  . PHE A 1 109 ? -4.400  2.629   -1.396  1.00 13.26  ? 147 PHE A CB  1 
ATOM   742  C  CG  . PHE A 1 109 ? -3.251  3.590   -1.227  1.00 14.50  ? 147 PHE A CG  1 
ATOM   743  C  CD1 . PHE A 1 109 ? -2.572  3.679   -0.018  1.00 17.24  ? 147 PHE A CD1 1 
ATOM   744  C  CD2 . PHE A 1 109 ? -2.930  4.500   -2.232  1.00 15.16  ? 147 PHE A CD2 1 
ATOM   745  C  CE1 . PHE A 1 109 ? -1.575  4.639   0.180   1.00 17.48  ? 147 PHE A CE1 1 
ATOM   746  C  CE2 . PHE A 1 109 ? -1.941  5.475   -2.027  1.00 16.89  ? 147 PHE A CE2 1 
ATOM   747  C  CZ  . PHE A 1 109 ? -1.252  5.519   -0.836  1.00 15.59  ? 147 PHE A CZ  1 
ATOM   748  N  N   . PHE A 1 110 ? -2.718  0.169   -0.422  1.00 11.46  ? 148 PHE A N   1 
ATOM   749  C  CA  . PHE A 1 110 ? -1.464  -0.446  0.063   1.00 10.46  ? 148 PHE A CA  1 
ATOM   750  C  C   . PHE A 1 110 ? -1.086  -1.656  -0.805  1.00 14.14  ? 148 PHE A C   1 
ATOM   751  O  O   . PHE A 1 110 ? 0.085   -1.852  -1.127  1.00 13.57  ? 148 PHE A O   1 
ATOM   752  C  CB  . PHE A 1 110 ? -1.603  -0.870  1.539   1.00 11.46  ? 148 PHE A CB  1 
ATOM   753  C  CG  . PHE A 1 110 ? -1.386  0.308   2.470   1.00 11.97  ? 148 PHE A CG  1 
ATOM   754  C  CD1 . PHE A 1 110 ? -2.465  1.026   2.972   1.00 14.19  ? 148 PHE A CD1 1 
ATOM   755  C  CD2 . PHE A 1 110 ? -0.100  0.719   2.809   1.00 15.11  ? 148 PHE A CD2 1 
ATOM   756  C  CE1 . PHE A 1 110 ? -2.263  2.132   3.813   1.00 15.08  ? 148 PHE A CE1 1 
ATOM   757  C  CE2 . PHE A 1 110 ? 0.106   1.828   3.649   1.00 17.30  ? 148 PHE A CE2 1 
ATOM   758  C  CZ  . PHE A 1 110 ? -0.979  2.515   4.154   1.00 15.51  ? 148 PHE A CZ  1 
ATOM   759  N  N   . GLU A 1 111 ? -2.076  -2.471  -1.160  1.00 11.43  ? 149 GLU A N   1 
ATOM   760  C  CA  . GLU A 1 111 ? -1.847  -3.659  -1.987  1.00 11.62  ? 149 GLU A CA  1 
ATOM   761  C  C   . GLU A 1 111 ? -1.346  -3.247  -3.371  1.00 14.44  ? 149 GLU A C   1 
ATOM   762  O  O   . GLU A 1 111 ? -0.454  -3.894  -3.930  1.00 13.85  ? 149 GLU A O   1 
ATOM   763  C  CB  . GLU A 1 111 ? -3.095  -4.546  -2.069  1.00 12.54  ? 149 GLU A CB  1 
ATOM   764  C  CG  . GLU A 1 111 ? -3.211  -5.514  -0.875  1.00 15.50  ? 149 GLU A CG  1 
ATOM   765  C  CD  . GLU A 1 111 ? -2.079  -6.525  -0.804  1.00 26.36  ? 149 GLU A CD  1 
ATOM   766  O  OE1 . GLU A 1 111 ? -1.912  -7.307  -1.764  1.00 19.14  ? 149 GLU A OE1 1 
ATOM   767  O  OE2 . GLU A 1 111 ? -1.308  -6.486  0.176   1.00 23.44  ? 149 GLU A OE2 1 
ATOM   768  N  N   . PHE A 1 112 ? -1.875  -2.151  -3.881  1.00 11.48  ? 150 PHE A N   1 
ATOM   769  C  CA  . PHE A 1 112 ? -1.424  -1.638  -5.184  1.00 12.07  ? 150 PHE A CA  1 
ATOM   770  C  C   . PHE A 1 112 ? 0.042   -1.180  -5.098  1.00 15.48  ? 150 PHE A C   1 
ATOM   771  O  O   . PHE A 1 112 ? 0.860   -1.524  -5.961  1.00 14.43  ? 150 PHE A O   1 
ATOM   772  C  CB  . PHE A 1 112 ? -2.330  -0.509  -5.669  1.00 13.07  ? 150 PHE A CB  1 
ATOM   773  C  CG  . PHE A 1 112 ? -1.733  0.179   -6.879  1.00 14.80  ? 150 PHE A CG  1 
ATOM   774  C  CD1 . PHE A 1 112 ? -1.501  -0.525  -8.058  1.00 17.93  ? 150 PHE A CD1 1 
ATOM   775  C  CD2 . PHE A 1 112 ? -1.401  1.529   -6.835  1.00 15.83  ? 150 PHE A CD2 1 
ATOM   776  C  CE1 . PHE A 1 112 ? -0.905  0.108   -9.163  1.00 18.95  ? 150 PHE A CE1 1 
ATOM   777  C  CE2 . PHE A 1 112 ? -0.848  2.169   -7.951  1.00 18.34  ? 150 PHE A CE2 1 
ATOM   778  C  CZ  . PHE A 1 112 ? -0.609  1.455   -9.102  1.00 17.50  ? 150 PHE A CZ  1 
ATOM   779  N  N   . GLY A 1 113 ? 0.369   -0.427  -4.056  1.00 12.43  ? 151 GLY A N   1 
ATOM   780  C  CA  . GLY A 1 113 ? 1.753   -0.006  -3.835  1.00 13.24  ? 151 GLY A CA  1 
ATOM   781  C  C   . GLY A 1 113 ? 2.683   -1.205  -3.715  1.00 17.63  ? 151 GLY A C   1 
ATOM   782  O  O   . GLY A 1 113 ? 3.778   -1.197  -4.287  1.00 15.31  ? 151 GLY A O   1 
ATOM   783  N  N   . GLY A 1 114 ? 2.212   -2.262  -3.033  1.00 15.62  ? 152 GLY A N   1 
ATOM   784  C  CA  . GLY A 1 114 ? 2.945   -3.522  -2.900  1.00 14.88  ? 152 GLY A CA  1 
ATOM   785  C  C   . GLY A 1 114 ? 3.235   -4.191  -4.236  1.00 17.98  ? 152 GLY A C   1 
ATOM   786  O  O   . GLY A 1 114 ? 4.363   -4.654  -4.463  1.00 16.49  ? 152 GLY A O   1 
ATOM   787  N  N   . VAL A 1 115 ? 2.229   -4.231  -5.143  1.00 14.73  ? 153 VAL A N   1 
ATOM   788  C  CA  . VAL A 1 115 ? 2.369   -4.800  -6.507  1.00 15.11  ? 153 VAL A CA  1 
ATOM   789  C  C   . VAL A 1 115 ? 3.412   -3.970  -7.273  1.00 15.60  ? 153 VAL A C   1 
ATOM   790  O  O   . VAL A 1 115 ? 4.270   -4.560  -7.929  1.00 15.30  ? 153 VAL A O   1 
ATOM   791  C  CB  . VAL A 1 115 ? 1.003   -4.834  -7.250  1.00 20.30  ? 153 VAL A CB  1 
ATOM   792  C  CG1 . VAL A 1 115 ? 1.185   -5.121  -8.751  1.00 21.29  ? 153 VAL A CG1 1 
ATOM   793  C  CG2 . VAL A 1 115 ? 0.086   -5.870  -6.628  1.00 20.03  ? 153 VAL A CG2 1 
ATOM   794  N  N   . MET A 1 116 ? 3.347   -2.611  -7.172  1.00 12.95  ? 154 MET A N   1 
ATOM   795  C  CA  . MET A 1 116 ? 4.309   -1.728  -7.852  1.00 14.36  ? 154 MET A CA  1 
ATOM   796  C  C   . MET A 1 116 ? 5.732   -1.978  -7.375  1.00 17.51  ? 154 MET A C   1 
ATOM   797  O  O   . MET A 1 116 ? 6.654   -1.987  -8.194  1.00 14.50  ? 154 MET A O   1 
ATOM   798  C  CB  . MET A 1 116 ? 3.927   -0.252  -7.726  1.00 18.41  ? 154 MET A CB  1 
ATOM   799  C  CG  . MET A 1 116 ? 2.864   0.125   -8.766  1.00 25.80  ? 154 MET A CG  1 
ATOM   800  S  SD  . MET A 1 116 ? 2.822   1.848   -9.248  1.00 34.95  ? 154 MET A SD  1 
ATOM   801  C  CE  . MET A 1 116 ? 4.423   2.142   -9.792  1.00 30.76  ? 154 MET A CE  1 
ATOM   802  N  N   . CYS A 1 117 ? 5.911   -2.205  -6.060  1.00 13.94  ? 155 CYS A N   1 
ATOM   803  C  CA  . CYS A 1 117 ? 7.247   -2.501  -5.507  1.00 13.36  ? 155 CYS A CA  1 
ATOM   804  C  C   . CYS A 1 117 ? 7.784   -3.862  -5.944  1.00 15.67  ? 155 CYS A C   1 
ATOM   805  O  O   . CYS A 1 117 ? 8.960   -3.962  -6.319  1.00 14.31  ? 155 CYS A O   1 
ATOM   806  C  CB  . CYS A 1 117 ? 7.260   -2.330  -3.989  1.00 14.28  ? 155 CYS A CB  1 
ATOM   807  S  SG  . CYS A 1 117 ? 6.985   -0.622  -3.458  1.00 18.12  ? 155 CYS A SG  1 
ATOM   808  N  N   . VAL A 1 118 ? 6.948   -4.910  -5.874  1.00 12.27  ? 156 VAL A N   1 
ATOM   809  C  CA  . VAL A 1 118 ? 7.338   -6.269  -6.272  1.00 13.54  ? 156 VAL A CA  1 
ATOM   810  C  C   . VAL A 1 118 ? 7.739   -6.267  -7.783  1.00 18.60  ? 156 VAL A C   1 
ATOM   811  O  O   . VAL A 1 118 ? 8.795   -6.806  -8.143  1.00 17.10  ? 156 VAL A O   1 
ATOM   812  C  CB  . VAL A 1 118 ? 6.241   -7.320  -5.932  1.00 16.00  ? 156 VAL A CB  1 
ATOM   813  C  CG1 . VAL A 1 118 ? 6.463   -8.658  -6.663  1.00 15.18  ? 156 VAL A CG1 1 
ATOM   814  C  CG2 . VAL A 1 118 ? 6.132   -7.539  -4.414  1.00 15.56  ? 156 VAL A CG2 1 
ATOM   815  N  N   . GLU A 1 119 ? 6.914   -5.620  -8.628  1.00 16.51  ? 157 GLU A N   1 
ATOM   816  C  CA  . GLU A 1 119 ? 7.163   -5.488  -10.073 1.00 17.04  ? 157 GLU A CA  1 
ATOM   817  C  C   . GLU A 1 119 ? 8.457   -4.719  -10.329 1.00 19.30  ? 157 GLU A C   1 
ATOM   818  O  O   . GLU A 1 119 ? 9.214   -5.099  -11.226 1.00 19.92  ? 157 GLU A O   1 
ATOM   819  C  CB  . GLU A 1 119 ? 5.995   -4.746  -10.769 1.00 19.36  ? 157 GLU A CB  1 
ATOM   820  C  CG  . GLU A 1 119 ? 4.771   -5.602  -11.054 1.00 39.09  ? 157 GLU A CG  1 
ATOM   821  C  CD  . GLU A 1 119 ? 4.981   -6.797  -11.967 1.00 71.04  ? 157 GLU A CD  1 
ATOM   822  O  OE1 . GLU A 1 119 ? 4.904   -6.619  -13.205 1.00 83.52  ? 157 GLU A OE1 1 
ATOM   823  O  OE2 . GLU A 1 119 ? 5.227   -7.910  -11.446 1.00 58.64  ? 157 GLU A OE2 1 
ATOM   824  N  N   . SER A 1 120 ? 8.710   -3.645  -9.557  1.00 15.93  ? 158 SER A N   1 
ATOM   825  C  CA  . SER A 1 120 ? 9.935   -2.842  -9.683  1.00 15.90  ? 158 SER A CA  1 
ATOM   826  C  C   . SER A 1 120 ? 11.185  -3.704  -9.446  1.00 20.63  ? 158 SER A C   1 
ATOM   827  O  O   . SER A 1 120 ? 12.162  -3.606  -10.196 1.00 18.38  ? 158 SER A O   1 
ATOM   828  C  CB  . SER A 1 120 ? 9.912   -1.647  -8.741  1.00 18.72  ? 158 SER A CB  1 
ATOM   829  O  OG  . SER A 1 120 ? 8.935   -0.701  -9.156  1.00 23.00  ? 158 SER A OG  1 
ATOM   830  N  N   . VAL A 1 121 ? 11.143  -4.570  -8.423  1.00 17.39  ? 159 VAL A N   1 
ATOM   831  C  CA  . VAL A 1 121 ? 12.264  -5.490  -8.127  1.00 16.73  ? 159 VAL A CA  1 
ATOM   832  C  C   . VAL A 1 121 ? 12.372  -6.559  -9.231  1.00 21.93  ? 159 VAL A C   1 
ATOM   833  O  O   . VAL A 1 121 ? 13.489  -6.841  -9.691  1.00 20.90  ? 159 VAL A O   1 
ATOM   834  C  CB  . VAL A 1 121 ? 12.177  -6.108  -6.697  1.00 18.91  ? 159 VAL A CB  1 
ATOM   835  C  CG1 . VAL A 1 121 ? 13.299  -7.139  -6.466  1.00 18.51  ? 159 VAL A CG1 1 
ATOM   836  C  CG2 . VAL A 1 121 ? 12.233  -5.002  -5.641  1.00 18.54  ? 159 VAL A CG2 1 
ATOM   837  N  N   . ASN A 1 122 ? 11.220  -7.102  -9.694  1.00 20.12  ? 160 ASN A N   1 
ATOM   838  C  CA  . ASN A 1 122 ? 11.171  -8.081  -10.789 1.00 22.39  ? 160 ASN A CA  1 
ATOM   839  C  C   . ASN A 1 122 ? 11.781  -7.550  -12.093 1.00 28.93  ? 160 ASN A C   1 
ATOM   840  O  O   . ASN A 1 122 ? 12.413  -8.320  -12.822 1.00 28.54  ? 160 ASN A O   1 
ATOM   841  C  CB  . ASN A 1 122 ? 9.737   -8.539  -11.073 1.00 22.01  ? 160 ASN A CB  1 
ATOM   842  C  CG  . ASN A 1 122 ? 9.178   -9.486  -10.053 1.00 31.30  ? 160 ASN A CG  1 
ATOM   843  O  OD1 . ASN A 1 122 ? 7.970   -9.712  -9.963  1.00 29.78  ? 160 ASN A OD1 1 
ATOM   844  N  ND2 . ASN A 1 122 ? 10.043  -10.125 -9.321  1.00 24.88  ? 160 ASN A ND2 1 
ATOM   845  N  N   . ARG A 1 123 ? 11.590  -6.253  -12.374 1.00 25.04  ? 161 ARG A N   1 
ATOM   846  C  CA  . ARG A 1 123 ? 12.079  -5.588  -13.593 1.00 26.14  ? 161 ARG A CA  1 
ATOM   847  C  C   . ARG A 1 123 ? 13.485  -5.007  -13.456 1.00 31.66  ? 161 ARG A C   1 
ATOM   848  O  O   . ARG A 1 123 ? 13.938  -4.272  -14.336 1.00 31.32  ? 161 ARG A O   1 
ATOM   849  C  CB  . ARG A 1 123 ? 11.082  -4.513  -14.048 1.00 24.55  ? 161 ARG A CB  1 
ATOM   850  C  CG  . ARG A 1 123 ? 9.812   -5.146  -14.571 1.00 38.63  ? 161 ARG A CG  1 
ATOM   851  C  CD  . ARG A 1 123 ? 8.925   -4.195  -15.335 1.00 50.01  ? 161 ARG A CD  1 
ATOM   852  N  NE  . ARG A 1 123 ? 7.790   -4.930  -15.886 1.00 65.77  ? 161 ARG A NE  1 
ATOM   853  C  CZ  . ARG A 1 123 ? 7.414   -4.907  -17.159 1.00 84.24  ? 161 ARG A CZ  1 
ATOM   854  N  NH1 . ARG A 1 123 ? 8.053   -4.137  -18.033 1.00 76.63  ? 161 ARG A NH1 1 
ATOM   855  N  NH2 . ARG A 1 123 ? 6.381   -5.631  -17.564 1.00 71.77  ? 161 ARG A NH2 1 
ATOM   856  N  N   . GLU A 1 124 ? 14.170  -5.318  -12.342 1.00 29.52  ? 162 GLU A N   1 
ATOM   857  C  CA  . GLU A 1 124 ? 15.508  -4.809  -12.041 1.00 29.87  ? 162 GLU A CA  1 
ATOM   858  C  C   . GLU A 1 124 ? 15.551  -3.288  -11.932 1.00 33.83  ? 162 GLU A C   1 
ATOM   859  O  O   . GLU A 1 124 ? 16.487  -2.632  -12.395 1.00 32.26  ? 162 GLU A O   1 
ATOM   860  C  CB  . GLU A 1 124 ? 16.582  -5.406  -12.976 1.00 32.01  ? 162 GLU A CB  1 
ATOM   861  C  CG  . GLU A 1 124 ? 17.243  -6.615  -12.335 1.00 49.46  ? 162 GLU A CG  1 
ATOM   862  C  CD  . GLU A 1 124 ? 17.417  -7.871  -13.166 1.00 77.83  ? 162 GLU A CD  1 
ATOM   863  O  OE1 . GLU A 1 124 ? 17.752  -7.757  -14.367 1.00 66.49  ? 162 GLU A OE1 1 
ATOM   864  O  OE2 . GLU A 1 124 ? 17.302  -8.975  -12.585 1.00 77.87  ? 162 GLU A OE2 1 
ATOM   865  N  N   . MET A 1 125 ? 14.496  -2.723  -11.315 1.00 29.20  ? 163 MET A N   1 
ATOM   866  C  CA  . MET A 1 125 ? 14.415  -1.297  -11.034 1.00 29.29  ? 163 MET A CA  1 
ATOM   867  C  C   . MET A 1 125 ? 14.120  -1.131  -9.551  1.00 30.27  ? 163 MET A C   1 
ATOM   868  O  O   . MET A 1 125 ? 13.307  -0.293  -9.175  1.00 29.06  ? 163 MET A O   1 
ATOM   869  C  CB  . MET A 1 125 ? 13.363  -0.555  -11.888 1.00 32.46  ? 163 MET A CB  1 
ATOM   870  C  CG  . MET A 1 125 ? 12.896  -1.295  -13.103 1.00 37.51  ? 163 MET A CG  1 
ATOM   871  S  SD  . MET A 1 125 ? 11.492  -0.488  -13.908 1.00 42.60  ? 163 MET A SD  1 
ATOM   872  C  CE  . MET A 1 125 ? 10.179  -0.978  -12.894 1.00 40.04  ? 163 MET A CE  1 
ATOM   873  N  N   . SER A 1 126 ? 14.822  -1.899  -8.687  1.00 26.90  ? 164 SER A N   1 
ATOM   874  C  CA  . SER A 1 126 ? 14.679  -1.787  -7.221  1.00 25.82  ? 164 SER A CA  1 
ATOM   875  C  C   . SER A 1 126 ? 14.773  -0.349  -6.659  1.00 28.51  ? 164 SER A C   1 
ATOM   876  O  O   . SER A 1 126 ? 14.003  -0.066  -5.736  1.00 25.12  ? 164 SER A O   1 
ATOM   877  C  CB  . SER A 1 126 ? 15.638  -2.726  -6.494  1.00 27.55  ? 164 SER A CB  1 
ATOM   878  O  OG  A SER A 1 126 ? 16.992  -2.382  -6.718  0.50 34.85  ? 164 SER A OG  1 
ATOM   879  O  OG  B SER A 1 126 ? 15.524  -4.051  -6.982  0.50 27.42  ? 164 SER A OG  1 
ATOM   880  N  N   . PRO A 1 127 ? 15.596  0.619   -7.190  1.00 27.13  ? 165 PRO A N   1 
ATOM   881  C  CA  . PRO A 1 127 ? 15.576  1.981   -6.616  1.00 26.24  ? 165 PRO A CA  1 
ATOM   882  C  C   . PRO A 1 127 ? 14.209  2.673   -6.667  1.00 26.50  ? 165 PRO A C   1 
ATOM   883  O  O   . PRO A 1 127 ? 13.958  3.527   -5.828  1.00 25.07  ? 165 PRO A O   1 
ATOM   884  C  CB  . PRO A 1 127 ? 16.626  2.738   -7.449  1.00 28.60  ? 165 PRO A CB  1 
ATOM   885  C  CG  . PRO A 1 127 ? 17.532  1.677   -7.970  1.00 32.91  ? 165 PRO A CG  1 
ATOM   886  C  CD  . PRO A 1 127 ? 16.613  0.534   -8.270  1.00 28.99  ? 165 PRO A CD  1 
ATOM   887  N  N   . LEU A 1 128 ? 13.314  2.271   -7.606  1.00 23.51  ? 166 LEU A N   1 
ATOM   888  C  CA  . LEU A 1 128 ? 11.934  2.809   -7.729  1.00 23.60  ? 166 LEU A CA  1 
ATOM   889  C  C   . LEU A 1 128 ? 11.086  2.554   -6.477  1.00 23.36  ? 166 LEU A C   1 
ATOM   890  O  O   . LEU A 1 128 ? 10.116  3.275   -6.229  1.00 22.52  ? 166 LEU A O   1 
ATOM   891  C  CB  . LEU A 1 128 ? 11.188  2.199   -8.918  1.00 24.80  ? 166 LEU A CB  1 
ATOM   892  C  CG  . LEU A 1 128 ? 11.235  2.906   -10.261 1.00 32.84  ? 166 LEU A CG  1 
ATOM   893  C  CD1 . LEU A 1 128 ? 10.242  2.261   -11.219 1.00 33.71  ? 166 LEU A CD1 1 
ATOM   894  C  CD2 . LEU A 1 128 ? 10.923  4.408   -10.140 1.00 34.98  ? 166 LEU A CD2 1 
ATOM   895  N  N   . VAL A 1 129 ? 11.421  1.501   -5.716  1.00 17.85  ? 167 VAL A N   1 
ATOM   896  C  CA  . VAL A 1 129 ? 10.714  1.160   -4.478  1.00 16.86  ? 167 VAL A CA  1 
ATOM   897  C  C   . VAL A 1 129 ? 10.704  2.393   -3.555  1.00 21.02  ? 167 VAL A C   1 
ATOM   898  O  O   . VAL A 1 129 ? 9.648   2.762   -3.032  1.00 19.64  ? 167 VAL A O   1 
ATOM   899  C  CB  . VAL A 1 129 ? 11.339  -0.095  -3.807  1.00 18.96  ? 167 VAL A CB  1 
ATOM   900  C  CG1 . VAL A 1 129 ? 10.832  -0.267  -2.369  1.00 17.82  ? 167 VAL A CG1 1 
ATOM   901  C  CG2 . VAL A 1 129 ? 11.063  -1.355  -4.647  1.00 18.94  ? 167 VAL A CG2 1 
ATOM   902  N  N   . ASP A 1 130 ? 11.873  3.065   -3.412  1.00 18.22  ? 168 ASP A N   1 
ATOM   903  C  CA  . ASP A 1 130 ? 11.977  4.274   -2.591  1.00 18.68  ? 168 ASP A CA  1 
ATOM   904  C  C   . ASP A 1 130 ? 11.071  5.401   -3.118  1.00 20.59  ? 168 ASP A C   1 
ATOM   905  O  O   . ASP A 1 130 ? 10.442  6.097   -2.327  1.00 20.06  ? 168 ASP A O   1 
ATOM   906  C  CB  . ASP A 1 130 ? 13.447  4.732   -2.505  1.00 21.13  ? 168 ASP A CB  1 
ATOM   907  C  CG  . ASP A 1 130 ? 14.325  3.753   -1.745  1.00 33.02  ? 168 ASP A CG  1 
ATOM   908  O  OD1 . ASP A 1 130 ? 13.806  3.081   -0.820  1.00 33.52  ? 168 ASP A OD1 1 
ATOM   909  O  OD2 . ASP A 1 130 ? 15.523  3.672   -2.058  1.00 39.43  ? 168 ASP A OD2 1 
ATOM   910  N  N   . ASN A 1 131 ? 10.974  5.556   -4.442  1.00 16.96  ? 169 ASN A N   1 
ATOM   911  C  CA  . ASN A 1 131 ? 10.065  6.560   -5.008  1.00 17.10  ? 169 ASN A CA  1 
ATOM   912  C  C   . ASN A 1 131 ? 8.618   6.183   -4.747  1.00 19.18  ? 169 ASN A C   1 
ATOM   913  O  O   . ASN A 1 131 ? 7.847   7.047   -4.347  1.00 18.62  ? 169 ASN A O   1 
ATOM   914  C  CB  . ASN A 1 131 ? 10.297  6.710   -6.507  1.00 15.68  ? 169 ASN A CB  1 
ATOM   915  C  CG  . ASN A 1 131 ? 11.696  7.182   -6.790  1.00 31.95  ? 169 ASN A CG  1 
ATOM   916  O  OD1 . ASN A 1 131 ? 12.605  6.396   -6.981  1.00 33.11  ? 169 ASN A OD1 1 
ATOM   917  N  ND2 . ASN A 1 131 ? 11.918  8.451   -6.636  1.00 24.00  ? 169 ASN A ND2 1 
ATOM   918  N  N   . ILE A 1 132 ? 8.250   4.886   -4.936  1.00 16.63  ? 170 ILE A N   1 
ATOM   919  C  CA  . ILE A 1 132 ? 6.867   4.430   -4.670  1.00 15.34  ? 170 ILE A CA  1 
ATOM   920  C  C   . ILE A 1 132 ? 6.510   4.701   -3.197  1.00 19.16  ? 170 ILE A C   1 
ATOM   921  O  O   . ILE A 1 132 ? 5.442   5.244   -2.929  1.00 17.83  ? 170 ILE A O   1 
ATOM   922  C  CB  . ILE A 1 132 ? 6.648   2.937   -5.088  1.00 18.12  ? 170 ILE A CB  1 
ATOM   923  C  CG1 . ILE A 1 132 ? 6.819   2.770   -6.622  1.00 17.51  ? 170 ILE A CG1 1 
ATOM   924  C  CG2 . ILE A 1 132 ? 5.255   2.411   -4.629  1.00 16.41  ? 170 ILE A CG2 1 
ATOM   925  C  CD1 . ILE A 1 132 ? 7.257   1.362   -7.042  1.00 12.94  ? 170 ILE A CD1 1 
ATOM   926  N  N   . ALA A 1 133 ? 7.436   4.419   -2.258  1.00 16.31  ? 171 ALA A N   1 
ATOM   927  C  CA  . ALA A 1 133 ? 7.205   4.681   -0.825  1.00 16.71  ? 171 ALA A CA  1 
ATOM   928  C  C   . ALA A 1 133 ? 6.911   6.164   -0.591  1.00 19.09  ? 171 ALA A C   1 
ATOM   929  O  O   . ALA A 1 133 ? 6.014   6.490   0.176   1.00 17.87  ? 171 ALA A O   1 
ATOM   930  C  CB  . ALA A 1 133 ? 8.418   4.244   0.004   1.00 17.05  ? 171 ALA A CB  1 
ATOM   931  N  N   . LEU A 1 134 ? 7.648   7.048   -1.264  1.00 18.44  ? 172 LEU A N   1 
ATOM   932  C  CA  . LEU A 1 134 ? 7.416   8.503   -1.162  1.00 19.38  ? 172 LEU A CA  1 
ATOM   933  C  C   . LEU A 1 134 ? 6.028   8.895   -1.710  1.00 20.29  ? 172 LEU A C   1 
ATOM   934  O  O   . LEU A 1 134 ? 5.311   9.670   -1.070  1.00 19.84  ? 172 LEU A O   1 
ATOM   935  C  CB  . LEU A 1 134 ? 8.515   9.253   -1.936  1.00 20.92  ? 172 LEU A CB  1 
ATOM   936  C  CG  . LEU A 1 134 ? 8.380   10.797  -1.962  1.00 28.78  ? 172 LEU A CG  1 
ATOM   937  C  CD1 . LEU A 1 134 ? 8.617   11.399  -0.573  1.00 30.60  ? 172 LEU A CD1 1 
ATOM   938  C  CD2 . LEU A 1 134 ? 9.370   11.409  -2.934  1.00 32.59  ? 172 LEU A CD2 1 
ATOM   939  N  N   . TRP A 1 135 ? 5.639   8.361   -2.891  1.00 16.81  ? 173 TRP A N   1 
ATOM   940  C  CA  . TRP A 1 135 ? 4.335   8.715   -3.471  1.00 17.40  ? 173 TRP A CA  1 
ATOM   941  C  C   . TRP A 1 135 ? 3.191   8.219   -2.599  1.00 18.29  ? 173 TRP A C   1 
ATOM   942  O  O   . TRP A 1 135 ? 2.155   8.875   -2.506  1.00 16.86  ? 173 TRP A O   1 
ATOM   943  C  CB  . TRP A 1 135 ? 4.183   8.166   -4.913  1.00 17.11  ? 173 TRP A CB  1 
ATOM   944  C  CG  . TRP A 1 135 ? 5.342   8.449   -5.838  1.00 18.50  ? 173 TRP A CG  1 
ATOM   945  C  CD1 . TRP A 1 135 ? 6.195   9.518   -5.796  1.00 21.61  ? 173 TRP A CD1 1 
ATOM   946  C  CD2 . TRP A 1 135 ? 5.759   7.646   -6.953  1.00 18.33  ? 173 TRP A CD2 1 
ATOM   947  N  NE1 . TRP A 1 135 ? 7.143   9.404   -6.787  1.00 21.50  ? 173 TRP A NE1 1 
ATOM   948  C  CE2 . TRP A 1 135 ? 6.908   8.259   -7.505  1.00 22.78  ? 173 TRP A CE2 1 
ATOM   949  C  CE3 . TRP A 1 135 ? 5.314   6.427   -7.498  1.00 19.00  ? 173 TRP A CE3 1 
ATOM   950  C  CZ2 . TRP A 1 135 ? 7.566   7.742   -8.632  1.00 22.38  ? 173 TRP A CZ2 1 
ATOM   951  C  CZ3 . TRP A 1 135 ? 5.978   5.900   -8.596  1.00 20.82  ? 173 TRP A CZ3 1 
ATOM   952  C  CH2 . TRP A 1 135 ? 7.106   6.541   -9.139  1.00 22.07  ? 173 TRP A CH2 1 
ATOM   953  N  N   . MET A 1 136 ? 3.357   7.024   -1.996  1.00 13.80  ? 174 MET A N   1 
ATOM   954  C  CA  . MET A 1 136 ? 2.317   6.487   -1.119  1.00 12.54  ? 174 MET A CA  1 
ATOM   955  C  C   . MET A 1 136 ? 2.201   7.352   0.123   1.00 18.22  ? 174 MET A C   1 
ATOM   956  O  O   . MET A 1 136 ? 1.088   7.666   0.544   1.00 16.93  ? 174 MET A O   1 
ATOM   957  C  CB  . MET A 1 136 ? 2.643   5.036   -0.718  1.00 13.86  ? 174 MET A CB  1 
ATOM   958  C  CG  . MET A 1 136 ? 2.505   4.063   -1.867  1.00 15.57  ? 174 MET A CG  1 
ATOM   959  S  SD  . MET A 1 136 ? 3.036   2.406   -1.416  1.00 17.10  ? 174 MET A SD  1 
ATOM   960  C  CE  . MET A 1 136 ? 1.742   1.922   -0.262  1.00 14.91  ? 174 MET A CE  1 
ATOM   961  N  N   . THR A 1 137 ? 3.352   7.713   0.724   1.00 16.34  ? 175 THR A N   1 
ATOM   962  C  CA  . THR A 1 137 ? 3.372   8.555   1.935   1.00 16.31  ? 175 THR A CA  1 
ATOM   963  C  C   . THR A 1 137 ? 2.702   9.901   1.647   1.00 19.77  ? 175 THR A C   1 
ATOM   964  O  O   . THR A 1 137 ? 1.874   10.365  2.434   1.00 18.99  ? 175 THR A O   1 
ATOM   965  C  CB  . THR A 1 137 ? 4.819   8.733   2.448   1.00 20.33  ? 175 THR A CB  1 
ATOM   966  O  OG1 . THR A 1 137 ? 5.396   7.442   2.681   1.00 18.00  ? 175 THR A OG1 1 
ATOM   967  C  CG2 . THR A 1 137 ? 4.888   9.579   3.736   1.00 21.42  ? 175 THR A CG2 1 
ATOM   968  N  N   . GLU A 1 138 ? 3.058   10.516  0.523   1.00 18.54  ? 176 GLU A N   1 
ATOM   969  C  CA  . GLU A 1 138 ? 2.504   11.821  0.143   1.00 18.31  ? 176 GLU A CA  1 
ATOM   970  C  C   . GLU A 1 138 ? 1.031   11.769  -0.090  1.00 20.52  ? 176 GLU A C   1 
ATOM   971  O  O   . GLU A 1 138 ? 0.309   12.620  0.413   1.00 19.97  ? 176 GLU A O   1 
ATOM   972  C  CB  . GLU A 1 138 ? 3.275   12.428  -1.035  1.00 19.84  ? 176 GLU A CB  1 
ATOM   973  C  CG  . GLU A 1 138 ? 4.602   12.995  -0.540  1.00 31.55  ? 176 GLU A CG  1 
ATOM   974  C  CD  . GLU A 1 138 ? 5.583   13.567  -1.546  1.00 61.97  ? 176 GLU A CD  1 
ATOM   975  O  OE1 . GLU A 1 138 ? 6.595   14.159  -1.103  1.00 57.90  ? 176 GLU A OE1 1 
ATOM   976  O  OE2 . GLU A 1 138 ? 5.368   13.393  -2.767  1.00 57.49  ? 176 GLU A OE2 1 
ATOM   977  N  N   . TYR A 1 139 ? 0.556   10.720  -0.760  1.00 18.00  ? 177 TYR A N   1 
ATOM   978  C  CA  . TYR A 1 139 ? -0.884  10.570  -0.987  1.00 17.57  ? 177 TYR A CA  1 
ATOM   979  C  C   . TYR A 1 139 ? -1.642  10.341  0.330   1.00 20.36  ? 177 TYR A C   1 
ATOM   980  O  O   . TYR A 1 139 ? -2.713  10.928  0.526   1.00 18.77  ? 177 TYR A O   1 
ATOM   981  C  CB  . TYR A 1 139 ? -1.173  9.466   -2.013  1.00 18.64  ? 177 TYR A CB  1 
ATOM   982  C  CG  . TYR A 1 139 ? -2.590  9.529   -2.538  1.00 18.67  ? 177 TYR A CG  1 
ATOM   983  C  CD1 . TYR A 1 139 ? -2.919  10.352  -3.613  1.00 20.66  ? 177 TYR A CD1 1 
ATOM   984  C  CD2 . TYR A 1 139 ? -3.619  8.840   -1.902  1.00 18.52  ? 177 TYR A CD2 1 
ATOM   985  C  CE1 . TYR A 1 139 ? -4.238  10.463  -4.059  1.00 22.16  ? 177 TYR A CE1 1 
ATOM   986  C  CE2 . TYR A 1 139 ? -4.936  8.939   -2.341  1.00 18.74  ? 177 TYR A CE2 1 
ATOM   987  C  CZ  . TYR A 1 139 ? -5.241  9.759   -3.412  1.00 24.07  ? 177 TYR A CZ  1 
ATOM   988  O  OH  . TYR A 1 139 ? -6.535  9.798   -3.849  1.00 25.06  ? 177 TYR A OH  1 
ATOM   989  N  N   . LEU A 1 140 ? -1.117  9.480   1.215   1.00 19.25  ? 178 LEU A N   1 
ATOM   990  C  CA  . LEU A 1 140 ? -1.755  9.229   2.521   1.00 20.20  ? 178 LEU A CA  1 
ATOM   991  C  C   . LEU A 1 140 ? -1.827  10.537  3.313   1.00 22.44  ? 178 LEU A C   1 
ATOM   992  O  O   . LEU A 1 140 ? -2.884  10.881  3.831   1.00 22.25  ? 178 LEU A O   1 
ATOM   993  C  CB  . LEU A 1 140 ? -0.918  8.238   3.362   1.00 20.90  ? 178 LEU A CB  1 
ATOM   994  C  CG  . LEU A 1 140 ? -1.309  6.769   3.370   1.00 26.85  ? 178 LEU A CG  1 
ATOM   995  C  CD1 . LEU A 1 140 ? -0.212  5.965   4.038   1.00 26.36  ? 178 LEU A CD1 1 
ATOM   996  C  CD2 . LEU A 1 140 ? -2.627  6.530   4.114   1.00 26.04  ? 178 LEU A CD2 1 
ATOM   997  N  N   . ASN A 1 141 ? -0.688  11.253  3.426   1.00 19.38  ? 179 ASN A N   1 
ATOM   998  C  CA  . ASN A 1 141 ? -0.638  12.517  4.188   1.00 19.12  ? 179 ASN A CA  1 
ATOM   999  C  C   . ASN A 1 141 ? -1.511  13.637  3.601   1.00 23.45  ? 179 ASN A C   1 
ATOM   1000 O  O   . ASN A 1 141 ? -2.205  14.325  4.347   1.00 23.12  ? 179 ASN A O   1 
ATOM   1001 C  CB  . ASN A 1 141 ? 0.820   12.988  4.341   1.00 20.56  ? 179 ASN A CB  1 
ATOM   1002 C  CG  . ASN A 1 141 ? 1.617   12.203  5.380   1.00 28.48  ? 179 ASN A CG  1 
ATOM   1003 O  OD1 . ASN A 1 141 ? 1.073   11.576  6.285   1.00 26.89  ? 179 ASN A OD1 1 
ATOM   1004 N  ND2 . ASN A 1 141 ? 2.924   12.217  5.264   1.00 25.07  ? 179 ASN A ND2 1 
ATOM   1005 N  N   . ARG A 1 142 ? -1.501  13.804  2.275   1.00 22.02  ? 180 ARG A N   1 
ATOM   1006 C  CA  . ARG A 1 142 ? -2.228  14.913  1.640   1.00 23.16  ? 180 ARG A CA  1 
ATOM   1007 C  C   . ARG A 1 142 ? -3.655  14.632  1.217   1.00 27.69  ? 180 ARG A C   1 
ATOM   1008 O  O   . ARG A 1 142 ? -4.460  15.565  1.170   1.00 28.51  ? 180 ARG A O   1 
ATOM   1009 C  CB  . ARG A 1 142 ? -1.425  15.470  0.459   1.00 24.06  ? 180 ARG A CB  1 
ATOM   1010 C  CG  . ARG A 1 142 ? -0.046  15.968  0.869   1.00 37.97  ? 180 ARG A CG  1 
ATOM   1011 C  CD  . ARG A 1 142 ? 0.875   16.127  -0.321  1.00 51.42  ? 180 ARG A CD  1 
ATOM   1012 N  NE  . ARG A 1 142 ? 2.158   16.720  0.060   1.00 62.17  ? 180 ARG A NE  1 
ATOM   1013 C  CZ  . ARG A 1 142 ? 3.218   16.792  -0.740  1.00 81.88  ? 180 ARG A CZ  1 
ATOM   1014 N  NH1 . ARG A 1 142 ? 3.165   16.297  -1.972  1.00 70.26  ? 180 ARG A NH1 1 
ATOM   1015 N  NH2 . ARG A 1 142 ? 4.342   17.353  -0.313  1.00 68.44  ? 180 ARG A NH2 1 
ATOM   1016 N  N   . HIS A 1 143 ? -3.981  13.379  0.863   1.00 20.99  ? 181 HIS A N   1 
ATOM   1017 C  CA  . HIS A 1 143 ? -5.317  13.096  0.335   1.00 21.08  ? 181 HIS A CA  1 
ATOM   1018 C  C   . HIS A 1 143 ? -6.180  12.116  1.138   1.00 23.94  ? 181 HIS A C   1 
ATOM   1019 O  O   . HIS A 1 143 ? -7.401  12.127  0.981   1.00 26.16  ? 181 HIS A O   1 
ATOM   1020 C  CB  . HIS A 1 143 ? -5.207  12.686  -1.146  1.00 22.52  ? 181 HIS A CB  1 
ATOM   1021 C  CG  . HIS A 1 143 ? -4.536  13.741  -1.982  1.00 27.07  ? 181 HIS A CG  1 
ATOM   1022 N  ND1 . HIS A 1 143 ? -5.173  14.938  -2.276  1.00 29.95  ? 181 HIS A ND1 1 
ATOM   1023 C  CD2 . HIS A 1 143 ? -3.291  13.769  -2.516  1.00 29.73  ? 181 HIS A CD2 1 
ATOM   1024 C  CE1 . HIS A 1 143 ? -4.308  15.643  -2.994  1.00 29.83  ? 181 HIS A CE1 1 
ATOM   1025 N  NE2 . HIS A 1 143 ? -3.165  14.982  -3.171  1.00 30.10  ? 181 HIS A NE2 1 
ATOM   1026 N  N   . LEU A 1 144 ? -5.572  11.288  1.987   1.00 16.68  ? 182 LEU A N   1 
ATOM   1027 C  CA  . LEU A 1 144 ? -6.339  10.316  2.774   1.00 17.11  ? 182 LEU A CA  1 
ATOM   1028 C  C   . LEU A 1 144 ? -6.392  10.636  4.255   1.00 21.94  ? 182 LEU A C   1 
ATOM   1029 O  O   . LEU A 1 144 ? -7.299  10.153  4.932   1.00 19.05  ? 182 LEU A O   1 
ATOM   1030 C  CB  . LEU A 1 144 ? -5.780  8.883   2.572   1.00 16.25  ? 182 LEU A CB  1 
ATOM   1031 C  CG  . LEU A 1 144 ? -5.835  8.365   1.137   1.00 19.44  ? 182 LEU A CG  1 
ATOM   1032 C  CD1 . LEU A 1 144 ? -5.103  7.019   1.005   1.00 19.60  ? 182 LEU A CD1 1 
ATOM   1033 C  CD2 . LEU A 1 144 ? -7.304  8.200   0.649   1.00 20.50  ? 182 LEU A CD2 1 
ATOM   1034 N  N   . HIS A 1 145 ? -5.424  11.419  4.760   1.00 21.81  ? 183 HIS A N   1 
ATOM   1035 C  CA  . HIS A 1 145 ? -5.331  11.723  6.186   1.00 23.26  ? 183 HIS A CA  1 
ATOM   1036 C  C   . HIS A 1 145 ? -6.539  12.384  6.805   1.00 26.64  ? 183 HIS A C   1 
ATOM   1037 O  O   . HIS A 1 145 ? -6.915  12.006  7.909   1.00 25.17  ? 183 HIS A O   1 
ATOM   1038 C  CB  . HIS A 1 145 ? -3.975  12.333  6.613   1.00 24.76  ? 183 HIS A CB  1 
ATOM   1039 C  CG  . HIS A 1 145 ? -3.488  11.831  7.952   1.00 28.19  ? 183 HIS A CG  1 
ATOM   1040 N  ND1 . HIS A 1 145 ? -2.460  12.469  8.630   1.00 30.17  ? 183 HIS A ND1 1 
ATOM   1041 C  CD2 . HIS A 1 145 ? -3.915  10.782  8.699   1.00 29.58  ? 183 HIS A CD2 1 
ATOM   1042 C  CE1 . HIS A 1 145 ? -2.301  11.796  9.763   1.00 29.60  ? 183 HIS A CE1 1 
ATOM   1043 N  NE2 . HIS A 1 145 ? -3.162  10.777  9.852   1.00 29.70  ? 183 HIS A NE2 1 
ATOM   1044 N  N   . THR A 1 146 ? -7.214  13.282  6.063   1.00 24.33  ? 184 THR A N   1 
ATOM   1045 C  CA  . THR A 1 146 ? -8.447  13.935  6.513   1.00 23.39  ? 184 THR A CA  1 
ATOM   1046 C  C   . THR A 1 146 ? -9.551  12.907  6.697   1.00 24.62  ? 184 THR A C   1 
ATOM   1047 O  O   . THR A 1 146 ? -10.169 12.875  7.772   1.00 24.76  ? 184 THR A O   1 
ATOM   1048 C  CB  . THR A 1 146 ? -8.814  15.113  5.580   1.00 33.62  ? 184 THR A CB  1 
ATOM   1049 O  OG1 . THR A 1 146 ? -7.752  16.062  5.657   1.00 37.17  ? 184 THR A OG1 1 
ATOM   1050 C  CG2 . THR A 1 146 ? -10.127 15.783  5.951   1.00 34.27  ? 184 THR A CG2 1 
ATOM   1051 N  N   . TRP A 1 147 ? -9.789  12.042  5.676   1.00 17.80  ? 185 TRP A N   1 
ATOM   1052 C  CA  . TRP A 1 147 ? -10.799 11.001  5.786   1.00 16.58  ? 185 TRP A CA  1 
ATOM   1053 C  C   . TRP A 1 147 ? -10.486 10.089  6.990   1.00 17.99  ? 185 TRP A C   1 
ATOM   1054 O  O   . TRP A 1 147 ? -11.389 9.789   7.769   1.00 18.18  ? 185 TRP A O   1 
ATOM   1055 C  CB  . TRP A 1 147 ? -10.907 10.150  4.491   1.00 15.16  ? 185 TRP A CB  1 
ATOM   1056 C  CG  . TRP A 1 147 ? -12.017 9.155   4.572   1.00 15.67  ? 185 TRP A CG  1 
ATOM   1057 C  CD1 . TRP A 1 147 ? -13.316 9.356   4.216   1.00 18.84  ? 185 TRP A CD1 1 
ATOM   1058 C  CD2 . TRP A 1 147 ? -11.960 7.844   5.157   1.00 15.58  ? 185 TRP A CD2 1 
ATOM   1059 N  NE1 . TRP A 1 147 ? -14.052 8.227   4.467   1.00 18.97  ? 185 TRP A NE1 1 
ATOM   1060 C  CE2 . TRP A 1 147 ? -13.240 7.275   5.031   1.00 19.35  ? 185 TRP A CE2 1 
ATOM   1061 C  CE3 . TRP A 1 147 ? -10.918 7.056   5.696   1.00 15.59  ? 185 TRP A CE3 1 
ATOM   1062 C  CZ2 . TRP A 1 147 ? -13.542 5.995   5.515   1.00 18.42  ? 185 TRP A CZ2 1 
ATOM   1063 C  CZ3 . TRP A 1 147 ? -11.223 5.802   6.200   1.00 16.05  ? 185 TRP A CZ3 1 
ATOM   1064 C  CH2 . TRP A 1 147 ? -12.519 5.283   6.109   1.00 16.81  ? 185 TRP A CH2 1 
ATOM   1065 N  N   . ILE A 1 148 ? -9.223  9.624   7.115   1.00 14.83  ? 186 ILE A N   1 
ATOM   1066 C  CA  . ILE A 1 148 ? -8.843  8.705   8.203   1.00 14.39  ? 186 ILE A CA  1 
ATOM   1067 C  C   . ILE A 1 148 ? -9.200  9.312   9.563   1.00 18.51  ? 186 ILE A C   1 
ATOM   1068 O  O   . ILE A 1 148 ? -9.886  8.663   10.356  1.00 17.02  ? 186 ILE A O   1 
ATOM   1069 C  CB  . ILE A 1 148 ? -7.330  8.319   8.077   1.00 15.08  ? 186 ILE A CB  1 
ATOM   1070 C  CG1 . ILE A 1 148 ? -7.129  7.322   6.879   1.00 14.29  ? 186 ILE A CG1 1 
ATOM   1071 C  CG2 . ILE A 1 148 ? -6.777  7.712   9.383   1.00 14.74  ? 186 ILE A CG2 1 
ATOM   1072 C  CD1 . ILE A 1 148 ? -5.650  7.244   6.351   1.00 16.57  ? 186 ILE A CD1 1 
ATOM   1073 N  N   . GLN A 1 149 ? -8.771  10.567  9.799   1.00 17.93  ? 187 GLN A N   1 
ATOM   1074 C  CA  . GLN A 1 149 ? -9.041  11.286  11.066  1.00 19.74  ? 187 GLN A CA  1 
ATOM   1075 C  C   . GLN A 1 149 ? -10.539 11.484  11.310  1.00 24.73  ? 187 GLN A C   1 
ATOM   1076 O  O   . GLN A 1 149 ? -11.006 11.300  12.443  1.00 24.62  ? 187 GLN A O   1 
ATOM   1077 C  CB  . GLN A 1 149 ? -8.266  12.623  11.113  1.00 22.01  ? 187 GLN A CB  1 
ATOM   1078 C  CG  . GLN A 1 149 ? -6.747  12.402  11.159  1.00 41.29  ? 187 GLN A CG  1 
ATOM   1079 C  CD  . GLN A 1 149 ? -6.021  13.316  12.114  1.00 71.04  ? 187 GLN A CD  1 
ATOM   1080 O  OE1 . GLN A 1 149 ? -5.925  14.532  11.907  1.00 69.97  ? 187 GLN A OE1 1 
ATOM   1081 N  NE2 . GLN A 1 149 ? -5.455  12.740  13.163  1.00 63.32  ? 187 GLN A NE2 1 
ATOM   1082 N  N   . ASP A 1 150 ? -11.312 11.770  10.239  1.00 21.94  ? 188 ASP A N   1 
ATOM   1083 C  CA  . ASP A 1 150 ? -12.767 11.933  10.341  1.00 22.77  ? 188 ASP A CA  1 
ATOM   1084 C  C   . ASP A 1 150 ? -13.503 10.622  10.589  1.00 26.58  ? 188 ASP A C   1 
ATOM   1085 O  O   . ASP A 1 150 ? -14.662 10.629  11.008  1.00 25.97  ? 188 ASP A O   1 
ATOM   1086 C  CB  . ASP A 1 150 ? -13.328 12.609  9.071   1.00 25.41  ? 188 ASP A CB  1 
ATOM   1087 C  CG  . ASP A 1 150 ? -12.937 14.067  8.895   1.00 38.65  ? 188 ASP A CG  1 
ATOM   1088 O  OD1 . ASP A 1 150 ? -13.105 14.595  7.770   1.00 42.74  ? 188 ASP A OD1 1 
ATOM   1089 O  OD2 . ASP A 1 150 ? -12.433 14.671  9.867   1.00 39.44  ? 188 ASP A OD2 1 
ATOM   1090 N  N   . ASN A 1 151 ? -12.833 9.490   10.346  1.00 20.84  ? 189 ASN A N   1 
ATOM   1091 C  CA  . ASN A 1 151 ? -13.450 8.188   10.471  1.00 19.18  ? 189 ASN A CA  1 
ATOM   1092 C  C   . ASN A 1 151 ? -12.894 7.352   11.614  1.00 20.11  ? 189 ASN A C   1 
ATOM   1093 O  O   . ASN A 1 151 ? -12.968 6.122   11.588  1.00 18.68  ? 189 ASN A O   1 
ATOM   1094 C  CB  . ASN A 1 151 ? -13.439 7.472   9.117   1.00 23.16  ? 189 ASN A CB  1 
ATOM   1095 C  CG  . ASN A 1 151 ? -14.458 8.079   8.192   1.00 29.75  ? 189 ASN A CG  1 
ATOM   1096 O  OD1 . ASN A 1 151 ? -15.587 7.621   8.128   1.00 23.42  ? 189 ASN A OD1 1 
ATOM   1097 N  ND2 . ASN A 1 151 ? -14.124 9.186   7.555   1.00 19.93  ? 189 ASN A ND2 1 
ATOM   1098 N  N   . GLY A 1 152 ? -12.416 8.042   12.642  1.00 17.39  ? 190 GLY A N   1 
ATOM   1099 C  CA  . GLY A 1 152 ? -11.944 7.393   13.856  1.00 16.63  ? 190 GLY A CA  1 
ATOM   1100 C  C   . GLY A 1 152 ? -10.468 7.091   13.912  1.00 18.40  ? 190 GLY A C   1 
ATOM   1101 O  O   . GLY A 1 152 ? -10.010 6.484   14.877  1.00 18.10  ? 190 GLY A O   1 
ATOM   1102 N  N   . GLY A 1 153 ? -9.737  7.461   12.868  1.00 15.82  ? 191 GLY A N   1 
ATOM   1103 C  CA  . GLY A 1 153 ? -8.288  7.253   12.804  1.00 15.47  ? 191 GLY A CA  1 
ATOM   1104 C  C   . GLY A 1 153 ? -7.896  5.806   12.607  1.00 16.34  ? 191 GLY A C   1 
ATOM   1105 O  O   . GLY A 1 153 ? -8.753  4.952   12.414  1.00 15.59  ? 191 GLY A O   1 
ATOM   1106 N  N   . TRP A 1 154 ? -6.594  5.513   12.660  1.00 15.64  ? 192 TRP A N   1 
ATOM   1107 C  CA  . TRP A 1 154 ? -6.080  4.138   12.594  1.00 16.11  ? 192 TRP A CA  1 
ATOM   1108 C  C   . TRP A 1 154 ? -6.643  3.302   13.737  1.00 17.24  ? 192 TRP A C   1 
ATOM   1109 O  O   . TRP A 1 154 ? -6.836  2.090   13.602  1.00 15.72  ? 192 TRP A O   1 
ATOM   1110 C  CB  . TRP A 1 154 ? -4.547  4.156   12.629  1.00 15.99  ? 192 TRP A CB  1 
ATOM   1111 C  CG  . TRP A 1 154 ? -3.932  4.782   11.408  1.00 18.12  ? 192 TRP A CG  1 
ATOM   1112 C  CD1 . TRP A 1 154 ? -3.131  5.885   11.366  1.00 21.47  ? 192 TRP A CD1 1 
ATOM   1113 C  CD2 . TRP A 1 154 ? -4.024  4.299   10.056  1.00 18.03  ? 192 TRP A CD2 1 
ATOM   1114 N  NE1 . TRP A 1 154 ? -2.731  6.129   10.071  1.00 21.79  ? 192 TRP A NE1 1 
ATOM   1115 C  CE2 . TRP A 1 154 ? -3.284  5.181   9.245   1.00 22.34  ? 192 TRP A CE2 1 
ATOM   1116 C  CE3 . TRP A 1 154 ? -4.642  3.181   9.459   1.00 19.46  ? 192 TRP A CE3 1 
ATOM   1117 C  CZ2 . TRP A 1 154 ? -3.090  4.951   7.875   1.00 22.24  ? 192 TRP A CZ2 1 
ATOM   1118 C  CZ3 . TRP A 1 154 ? -4.458  2.969   8.097   1.00 21.29  ? 192 TRP A CZ3 1 
ATOM   1119 C  CH2 . TRP A 1 154 ? -3.736  3.875   7.318   1.00 21.37  ? 192 TRP A CH2 1 
ATOM   1120 N  N   . ASP A 1 155 ? -6.991  3.962   14.867  1.00 13.92  ? 193 ASP A N   1 
ATOM   1121 C  CA  . ASP A 1 155 ? -7.643  3.277   15.986  1.00 12.94  ? 193 ASP A CA  1 
ATOM   1122 C  C   . ASP A 1 155 ? -8.933  2.554   15.534  1.00 16.20  ? 193 ASP A C   1 
ATOM   1123 O  O   . ASP A 1 155 ? -9.133  1.398   15.874  1.00 15.88  ? 193 ASP A O   1 
ATOM   1124 C  CB  . ASP A 1 155 ? -7.990  4.292   17.097  1.00 13.50  ? 193 ASP A CB  1 
ATOM   1125 C  CG  . ASP A 1 155 ? -8.625  3.651   18.316  1.00 16.50  ? 193 ASP A CG  1 
ATOM   1126 O  OD1 . ASP A 1 155 ? -8.018  2.704   18.878  1.00 17.86  ? 193 ASP A OD1 1 
ATOM   1127 O  OD2 . ASP A 1 155 ? -9.752  4.041   18.664  1.00 18.62  ? 193 ASP A OD2 1 
ATOM   1128 N  N   . ALA A 1 156 ? -9.764  3.218   14.723  1.00 16.07  ? 194 ALA A N   1 
ATOM   1129 C  CA  . ALA A 1 156 ? -11.035 2.641   14.254  1.00 15.10  ? 194 ALA A CA  1 
ATOM   1130 C  C   . ALA A 1 156 ? -10.777 1.477   13.307  1.00 15.99  ? 194 ALA A C   1 
ATOM   1131 O  O   . ALA A 1 156 ? -11.525 0.513   13.335  1.00 14.31  ? 194 ALA A O   1 
ATOM   1132 C  CB  . ALA A 1 156 ? -11.870 3.699   13.556  1.00 15.66  ? 194 ALA A CB  1 
ATOM   1133 N  N   . PHE A 1 157 ? -9.729  1.578   12.454  1.00 13.96  ? 195 PHE A N   1 
ATOM   1134 C  CA  . PHE A 1 157 ? -9.356  0.503   11.511  1.00 13.22  ? 195 PHE A CA  1 
ATOM   1135 C  C   . PHE A 1 157 ? -8.984  -0.752  12.318  1.00 16.29  ? 195 PHE A C   1 
ATOM   1136 O  O   . PHE A 1 157 ? -9.459  -1.834  12.018  1.00 14.35  ? 195 PHE A O   1 
ATOM   1137 C  CB  . PHE A 1 157 ? -8.176  0.973   10.632  1.00 14.50  ? 195 PHE A CB  1 
ATOM   1138 C  CG  . PHE A 1 157 ? -7.668  -0.088  9.676   1.00 16.07  ? 195 PHE A CG  1 
ATOM   1139 C  CD1 . PHE A 1 157 ? -8.435  -0.490  8.579   1.00 17.18  ? 195 PHE A CD1 1 
ATOM   1140 C  CD2 . PHE A 1 157 ? -6.420  -0.675  9.864   1.00 18.14  ? 195 PHE A CD2 1 
ATOM   1141 C  CE1 . PHE A 1 157 ? -7.963  -1.458  7.689   1.00 17.68  ? 195 PHE A CE1 1 
ATOM   1142 C  CE2 . PHE A 1 157 ? -5.951  -1.657  8.974   1.00 21.03  ? 195 PHE A CE2 1 
ATOM   1143 C  CZ  . PHE A 1 157 ? -6.738  -2.064  7.915   1.00 17.91  ? 195 PHE A CZ  1 
ATOM   1144 N  N   . VAL A 1 158 ? -8.166  -0.584  13.397  1.00 14.14  ? 196 VAL A N   1 
ATOM   1145 C  CA  . VAL A 1 158 ? -7.771  -1.686  14.275  1.00 14.09  ? 196 VAL A CA  1 
ATOM   1146 C  C   . VAL A 1 158 ? -8.991  -2.249  15.028  1.00 17.37  ? 196 VAL A C   1 
ATOM   1147 O  O   . VAL A 1 158 ? -9.145  -3.474  15.134  1.00 16.81  ? 196 VAL A O   1 
ATOM   1148 C  CB  . VAL A 1 158 ? -6.624  -1.258  15.235  1.00 18.23  ? 196 VAL A CB  1 
ATOM   1149 C  CG1 . VAL A 1 158 ? -6.372  -2.338  16.313  1.00 17.94  ? 196 VAL A CG1 1 
ATOM   1150 C  CG2 . VAL A 1 158 ? -5.345  -0.950  14.438  1.00 17.72  ? 196 VAL A CG2 1 
ATOM   1151 N  N   . GLU A 1 159 ? -9.879  -1.363  15.514  1.00 15.76  ? 197 GLU A N   1 
ATOM   1152 C  CA  . GLU A 1 159 ? -11.081 -1.846  16.206  1.00 16.50  ? 197 GLU A CA  1 
ATOM   1153 C  C   . GLU A 1 159 ? -11.956 -2.707  15.315  1.00 19.47  ? 197 GLU A C   1 
ATOM   1154 O  O   . GLU A 1 159 ? -12.502 -3.701  15.786  1.00 20.22  ? 197 GLU A O   1 
ATOM   1155 C  CB  . GLU A 1 159 ? -11.889 -0.687  16.826  1.00 18.74  ? 197 GLU A CB  1 
ATOM   1156 C  CG  . GLU A 1 159 ? -11.171 -0.056  18.015  1.00 30.75  ? 197 GLU A CG  1 
ATOM   1157 C  CD  . GLU A 1 159 ? -10.755 -1.055  19.081  1.00 48.21  ? 197 GLU A CD  1 
ATOM   1158 O  OE1 . GLU A 1 159 ? -9.530  -1.253  19.271  1.00 34.21  ? 197 GLU A OE1 1 
ATOM   1159 O  OE2 . GLU A 1 159 ? -11.654 -1.727  19.635  1.00 41.01  ? 197 GLU A OE2 1 
ATOM   1160 N  N   . LEU A 1 160 ? -12.047 -2.374  14.016  1.00 16.17  ? 198 LEU A N   1 
ATOM   1161 C  CA  . LEU A 1 160 ? -12.836 -3.188  13.081  1.00 15.57  ? 198 LEU A CA  1 
ATOM   1162 C  C   . LEU A 1 160 ? -12.143 -4.484  12.641  1.00 19.75  ? 198 LEU A C   1 
ATOM   1163 O  O   . LEU A 1 160 ? -12.794 -5.518  12.552  1.00 19.95  ? 198 LEU A O   1 
ATOM   1164 C  CB  . LEU A 1 160 ? -13.154 -2.373  11.812  1.00 15.89  ? 198 LEU A CB  1 
ATOM   1165 C  CG  . LEU A 1 160 ? -14.284 -1.335  11.888  1.00 20.18  ? 198 LEU A CG  1 
ATOM   1166 C  CD1 . LEU A 1 160 ? -14.124 -0.303  10.756  1.00 20.74  ? 198 LEU A CD1 1 
ATOM   1167 C  CD2 . LEU A 1 160 ? -15.670 -2.010  11.801  1.00 20.76  ? 198 LEU A CD2 1 
ATOM   1168 N  N   . TYR A 1 161 ? -10.856 -4.411  12.275  1.00 17.04  ? 199 TYR A N   1 
ATOM   1169 C  CA  . TYR A 1 161 ? -10.153 -5.525  11.611  1.00 15.24  ? 199 TYR A CA  1 
ATOM   1170 C  C   . TYR A 1 161 ? -9.004  -6.174  12.354  1.00 20.66  ? 199 TYR A C   1 
ATOM   1171 O  O   . TYR A 1 161 ? -8.431  -7.152  11.856  1.00 17.86  ? 199 TYR A O   1 
ATOM   1172 C  CB  . TYR A 1 161 ? -9.706  -5.043  10.204  1.00 14.77  ? 199 TYR A CB  1 
ATOM   1173 C  CG  . TYR A 1 161 ? -10.875 -4.473  9.427   1.00 15.25  ? 199 TYR A CG  1 
ATOM   1174 C  CD1 . TYR A 1 161 ? -11.975 -5.267  9.100   1.00 16.20  ? 199 TYR A CD1 1 
ATOM   1175 C  CD2 . TYR A 1 161 ? -10.913 -3.126  9.075   1.00 15.88  ? 199 TYR A CD2 1 
ATOM   1176 C  CE1 . TYR A 1 161 ? -13.079 -4.738  8.442   1.00 14.95  ? 199 TYR A CE1 1 
ATOM   1177 C  CE2 . TYR A 1 161 ? -12.005 -2.588  8.401   1.00 16.45  ? 199 TYR A CE2 1 
ATOM   1178 C  CZ  . TYR A 1 161 ? -13.087 -3.398  8.088   1.00 18.89  ? 199 TYR A CZ  1 
ATOM   1179 O  OH  . TYR A 1 161 ? -14.190 -2.858  7.481   1.00 17.57  ? 199 TYR A OH  1 
ATOM   1180 N  N   . GLY A 1 162 ? -8.670  -5.629  13.517  1.00 19.36  ? 200 GLY A N   1 
ATOM   1181 C  CA  . GLY A 1 162 ? -7.532  -6.113  14.296  1.00 21.73  ? 200 GLY A CA  1 
ATOM   1182 C  C   . GLY A 1 162 ? -7.802  -7.328  15.156  1.00 31.32  ? 200 GLY A C   1 
ATOM   1183 O  O   . GLY A 1 162 ? -8.933  -7.808  15.204  1.00 30.57  ? 200 GLY A O   1 
ATOM   1184 N  N   . PRO A 1 163 ? -6.756  -7.852  15.846  1.00 33.41  ? 201 PRO A N   1 
ATOM   1185 C  CA  . PRO A 1 163 ? -6.955  -9.030  16.717  1.00 40.01  ? 201 PRO A CA  1 
ATOM   1186 C  C   . PRO A 1 163 ? -7.587  -8.661  18.055  1.00 75.36  ? 201 PRO A C   1 
ATOM   1187 O  O   . PRO A 1 163 ? -8.789  -8.435  18.140  1.00 49.07  ? 201 PRO A O   1 
ATOM   1188 C  CB  . PRO A 1 163 ? -5.528  -9.564  16.913  1.00 41.19  ? 201 PRO A CB  1 
ATOM   1189 C  CG  . PRO A 1 163 ? -4.656  -8.354  16.828  1.00 43.71  ? 201 PRO A CG  1 
ATOM   1190 C  CD  . PRO A 1 163 ? -5.349  -7.393  15.863  1.00 38.07  ? 201 PRO A CD  1 
HETATM 1191 C  C1  . 1XV B 2 .   ? -6.483  -3.533  -8.360  1.00 21.07  ? 301 1XV A C1  1 
HETATM 1192 C  C2  . 1XV B 2 .   ? -6.159  -2.072  -6.480  1.00 20.69  ? 301 1XV A C2  1 
HETATM 1193 C  C3  . 1XV B 2 .   ? -13.327 -1.945  -0.958  1.00 16.14  ? 301 1XV A C3  1 
HETATM 1194 C  C4  . 1XV B 2 .   ? -14.082 -4.167  -1.473  1.00 14.66  ? 301 1XV A C4  1 
HETATM 1195 CL CL4 . 1XV B 2 .   ? -3.722  -5.176  -6.035  1.00 28.09  ? 301 1XV A CL4 1 
HETATM 1196 C  C5  . 1XV B 2 .   ? -12.630 -1.904  -2.158  1.00 16.84  ? 301 1XV A C5  1 
HETATM 1197 C  C6  . 1XV B 2 .   ? -13.373 -4.110  -2.661  1.00 13.57  ? 301 1XV A C6  1 
HETATM 1198 C  C7  . 1XV B 2 .   ? -14.027 -5.770  4.476   1.00 14.90  ? 301 1XV A C7  1 
HETATM 1199 C  C8  . 1XV B 2 .   ? -14.707 -4.706  3.907   1.00 16.95  ? 301 1XV A C8  1 
HETATM 1200 C  C9  . 1XV B 2 .   ? -5.539  -4.401  -7.854  1.00 22.03  ? 301 1XV A C9  1 
HETATM 1201 C  C10 . 1XV B 2 .   ? -5.229  -2.948  -5.965  1.00 20.77  ? 301 1XV A C10 1 
HETATM 1202 C  C11 . 1XV B 2 .   ? -12.848 -3.269  4.380   1.00 17.35  ? 301 1XV A C11 1 
HETATM 1203 C  C12 . 1XV B 2 .   ? -6.804  -2.374  -7.669  1.00 22.15  ? 301 1XV A C12 1 
HETATM 1204 C  C13 . 1XV B 2 .   ? -14.049 -3.075  -0.629  1.00 14.33  ? 301 1XV A C13 1 
HETATM 1205 C  C14 . 1XV B 2 .   ? -12.638 -2.985  -3.028  1.00 15.37  ? 301 1XV A C14 1 
HETATM 1206 C  C15 . 1XV B 2 .   ? -12.742 -5.615  4.985   1.00 15.58  ? 301 1XV A C15 1 
HETATM 1207 C  C16 . 1XV B 2 .   ? -12.180 -4.344  4.924   1.00 16.80  ? 301 1XV A C16 1 
HETATM 1208 C  C17 . 1XV B 2 .   ? -14.102 -3.466  3.846   1.00 17.39  ? 301 1XV A C17 1 
HETATM 1209 C  C18 . 1XV B 2 .   ? -4.916  -4.098  -6.658  1.00 23.57  ? 301 1XV A C18 1 
HETATM 1210 C  C19 . 1XV B 2 .   ? -7.775  -1.441  -8.246  1.00 23.32  ? 301 1XV A C19 1 
HETATM 1211 C  C20 . 1XV B 2 .   ? -9.097  -1.688  -8.403  1.00 25.51  ? 301 1XV A C20 1 
HETATM 1212 C  C21 . 1XV B 2 .   ? -14.764 -3.157  0.665   1.00 15.88  ? 301 1XV A C21 1 
HETATM 1213 C  C22 . 1XV B 2 .   ? -7.142  -0.155  -8.684  1.00 23.35  ? 301 1XV A C22 1 
HETATM 1214 C  C23 . 1XV B 2 .   ? -9.965  -0.669  -9.081  1.00 28.38  ? 301 1XV A C23 1 
HETATM 1215 C  C24 . 1XV B 2 .   ? -13.493 -8.218  6.733   1.00 16.15  ? 301 1XV A C24 1 
HETATM 1216 C  C25 . 1XV B 2 .   ? -11.353 -8.996  5.754   1.00 19.82  ? 301 1XV A C25 1 
HETATM 1217 C  C26 . 1XV B 2 .   ? -11.521 -1.643  -4.788  1.00 18.78  ? 301 1XV A C26 1 
HETATM 1218 C  C27 . 1XV B 2 .   ? -12.260 -3.995  -5.231  1.00 18.15  ? 301 1XV A C27 1 
HETATM 1219 C  C28 . 1XV B 2 .   ? -10.369 -1.832  -5.764  1.00 19.48  ? 301 1XV A C28 1 
HETATM 1220 C  C29 . 1XV B 2 .   ? -11.171 -4.147  -6.296  1.00 21.63  ? 301 1XV A C29 1 
HETATM 1221 C  C30 . 1XV B 2 .   ? -8.087  0.715   -9.499  1.00 26.29  ? 301 1XV A C30 1 
HETATM 1222 C  C31 . 1XV B 2 .   ? -13.929 -9.674  6.800   1.00 20.64  ? 301 1XV A C31 1 
HETATM 1223 C  C32 . 1XV B 2 .   ? -11.819 -10.425 6.028   1.00 20.54  ? 301 1XV A C32 1 
HETATM 1224 C  C33 . 1XV B 2 .   ? -12.532 -8.032  5.572   1.00 18.63  ? 301 1XV A C33 1 
HETATM 1225 C  C34 . 1XV B 2 .   ? -9.803  -2.938  -7.969  1.00 25.55  ? 301 1XV A C34 1 
HETATM 1226 N  N35 . 1XV B 2 .   ? -11.892 -2.962  -4.260  1.00 15.43  ? 301 1XV A N35 1 
HETATM 1227 N  N36 . 1XV B 2 .   ? -10.782 -2.802  -6.830  1.00 22.04  ? 301 1XV A N36 1 
HETATM 1228 N  N37 . 1XV B 2 .   ? -11.999 -6.666  5.575   1.00 15.67  ? 301 1XV A N37 1 
HETATM 1229 N  N38 . 1XV B 2 .   ? -14.485 -2.078  1.513   1.00 15.55  ? 301 1XV A N38 1 
HETATM 1230 N  N39 . 1XV B 2 .   ? -10.852 -4.038  5.438   1.00 20.97  ? 301 1XV A N39 1 
HETATM 1231 O  O40 . 1XV B 2 .   ? -10.442 -2.886  5.306   1.00 21.57  ? 301 1XV A O40 1 
HETATM 1232 O  O41 . 1XV B 2 .   ? -15.468 -4.094  1.002   1.00 16.16  ? 301 1XV A O41 1 
HETATM 1233 O  O42 . 1XV B 2 .   ? -10.201 -4.924  5.979   1.00 27.59  ? 301 1XV A O42 1 
HETATM 1234 O  O43 . 1XV B 2 .   ? -14.429 -0.844  3.740   1.00 13.83  ? 301 1XV A O43 1 
HETATM 1235 O  O44 . 1XV B 2 .   ? -16.367 -2.325  3.230   1.00 16.34  ? 301 1XV A O44 1 
HETATM 1236 O  O45 . 1XV B 2 .   ? -9.415  0.654   -8.978  1.00 29.84  ? 301 1XV A O45 1 
HETATM 1237 O  O46 . 1XV B 2 .   ? -12.792 -10.481 7.091   1.00 22.39  ? 301 1XV A O46 1 
HETATM 1238 S  S47 . 1XV B 2 .   ? -14.936 -2.065  3.137   1.00 15.85  ? 301 1XV A S47 1 
HETATM 1239 O  O   . HOH C 3 .   ? -14.263 3.963   10.636  1.00 19.29  ? 401 HOH A O   1 
HETATM 1240 O  O   . HOH C 3 .   ? 2.248   -1.105  7.919   1.00 15.43  ? 402 HOH A O   1 
HETATM 1241 O  O   . HOH C 3 .   ? -5.221  8.234   13.283  1.00 19.67  ? 403 HOH A O   1 
HETATM 1242 O  O   . HOH C 3 .   ? 5.005   8.879   -15.812 1.00 16.10  ? 404 HOH A O   1 
HETATM 1243 O  O   . HOH C 3 .   ? 0.587   -6.292  -2.916  1.00 18.58  ? 405 HOH A O   1 
HETATM 1244 O  O   . HOH C 3 .   ? 2.207   -3.746  7.631   1.00 20.67  ? 406 HOH A O   1 
HETATM 1245 O  O   . HOH C 3 .   ? -13.614 5.227   -4.872  1.00 21.37  ? 407 HOH A O   1 
HETATM 1246 O  O   . HOH C 3 .   ? -0.403  -7.642  3.039   1.00 19.49  ? 408 HOH A O   1 
HETATM 1247 O  O   . HOH C 3 .   ? 1.598   10.947  -4.227  1.00 24.38  ? 409 HOH A O   1 
HETATM 1248 O  O   . HOH C 3 .   ? 1.493   -3.881  14.232  1.00 21.05  ? 410 HOH A O   1 
HETATM 1249 O  O   . HOH C 3 .   ? 4.291   -10.040 -1.571  1.00 19.31  ? 411 HOH A O   1 
HETATM 1250 O  O   . HOH C 3 .   ? -1.152  7.448   -16.808 1.00 18.94  ? 412 HOH A O   1 
HETATM 1251 O  O   . HOH C 3 .   ? -14.962 2.515   5.837   1.00 22.20  ? 413 HOH A O   1 
HETATM 1252 O  O   . HOH C 3 .   ? -0.861  -9.693  -1.179  1.00 24.14  ? 414 HOH A O   1 
HETATM 1253 O  O   . HOH C 3 .   ? 6.917   -5.249  7.972   1.00 23.56  ? 415 HOH A O   1 
HETATM 1254 O  O   . HOH C 3 .   ? -1.340  10.307  -13.837 1.00 28.55  ? 416 HOH A O   1 
HETATM 1255 O  O   . HOH C 3 .   ? -15.533 -7.124  12.779  1.00 35.35  ? 417 HOH A O   1 
HETATM 1256 O  O   . HOH C 3 .   ? -9.695  10.088  -6.983  1.00 26.77  ? 418 HOH A O   1 
HETATM 1257 O  O   . HOH C 3 .   ? -15.048 -0.430  6.513   1.00 27.29  ? 419 HOH A O   1 
HETATM 1258 O  O   . HOH C 3 .   ? -7.377  7.661   -13.430 1.00 26.77  ? 420 HOH A O   1 
HETATM 1259 O  O   . HOH C 3 .   ? -0.048  12.902  -3.470  1.00 26.21  ? 421 HOH A O   1 
HETATM 1260 O  O   . HOH C 3 .   ? 5.818   6.725   13.656  1.00 26.23  ? 422 HOH A O   1 
HETATM 1261 O  O   . HOH C 3 .   ? -10.854 -9.637  -8.445  1.00 26.57  ? 423 HOH A O   1 
HETATM 1262 O  O   . HOH C 3 .   ? 2.581   11.447  8.789   1.00 31.11  ? 424 HOH A O   1 
HETATM 1263 O  O   . HOH C 3 .   ? -5.094  -12.367 6.198   1.00 26.93  ? 425 HOH A O   1 
HETATM 1264 O  O   . HOH C 3 .   ? 8.490   7.128   -12.259 1.00 28.35  ? 426 HOH A O   1 
HETATM 1265 O  O   . HOH C 3 .   ? 2.595   -7.842  -3.790  1.00 28.00  ? 427 HOH A O   1 
HETATM 1266 O  O   . HOH C 3 .   ? 15.007  -1.059  -2.561  1.00 47.74  ? 428 HOH A O   1 
HETATM 1267 O  O   . HOH C 3 .   ? -9.077  12.696  3.003   1.00 29.76  ? 429 HOH A O   1 
HETATM 1268 O  O   . HOH C 3 .   ? -17.440 6.043   0.116   1.00 48.75  ? 430 HOH A O   1 
HETATM 1269 O  O   . HOH C 3 .   ? -6.831  -4.955  -11.868 1.00 35.27  ? 431 HOH A O   1 
HETATM 1270 O  O   . HOH C 3 .   ? -7.046  10.382  14.165  1.00 30.67  ? 432 HOH A O   1 
HETATM 1271 O  O   . HOH C 3 .   ? 16.814  -6.566  2.907   1.00 26.06  ? 433 HOH A O   1 
HETATM 1272 O  O   . HOH C 3 .   ? -6.039  2.464   21.067  1.00 30.40  ? 434 HOH A O   1 
HETATM 1273 O  O   . HOH C 3 .   ? -3.719  10.408  -8.385  1.00 29.27  ? 435 HOH A O   1 
HETATM 1274 O  O   . HOH C 3 .   ? -18.202 0.850   4.019   1.00 53.86  ? 436 HOH A O   1 
HETATM 1275 O  O   . HOH C 3 .   ? -13.153 -2.056  -8.272  1.00 29.31  ? 437 HOH A O   1 
HETATM 1276 O  O   . HOH C 3 .   ? 11.271  6.876   0.087   1.00 29.78  ? 438 HOH A O   1 
HETATM 1277 O  O   . HOH C 3 .   ? -1.958  -12.704 6.600   1.00 39.52  ? 439 HOH A O   1 
HETATM 1278 O  O   . HOH C 3 .   ? 9.745   -15.106 -4.744  1.00 28.65  ? 440 HOH A O   1 
HETATM 1279 O  O   . HOH C 3 .   ? 4.171   13.839  3.015   1.00 40.69  ? 441 HOH A O   1 
HETATM 1280 O  O   . HOH C 3 .   ? 14.924  -5.805  -3.000  1.00 39.13  ? 442 HOH A O   1 
HETATM 1281 O  O   . HOH C 3 .   ? -6.748  -7.562  9.511   1.00 25.73  ? 443 HOH A O   1 
HETATM 1282 O  O   . HOH C 3 .   ? -15.750 11.292  5.938   1.00 35.48  ? 444 HOH A O   1 
HETATM 1283 O  O   . HOH C 3 .   ? -8.296  -8.989  8.023   1.00 33.90  ? 445 HOH A O   1 
HETATM 1284 O  O   . HOH C 3 .   ? -11.086 -12.734 -7.899  1.00 33.06  ? 446 HOH A O   1 
HETATM 1285 O  O   . HOH C 3 .   ? -12.657 1.849   -6.118  1.00 31.70  ? 447 HOH A O   1 
HETATM 1286 O  O   . HOH C 3 .   ? 6.453   -11.716 -8.863  1.00 39.92  ? 448 HOH A O   1 
HETATM 1287 O  O   . HOH C 3 .   ? 2.511   10.167  -8.580  1.00 41.23  ? 449 HOH A O   1 
HETATM 1288 O  O   . HOH C 3 .   ? -17.408 4.232   -1.761  1.00 45.30  ? 450 HOH A O   1 
HETATM 1289 O  O   . HOH C 3 .   ? 3.597   -5.443  -16.202 1.00 39.54  ? 451 HOH A O   1 
HETATM 1290 O  O   . HOH C 3 .   ? 9.510   -14.343 -7.269  1.00 37.34  ? 452 HOH A O   1 
HETATM 1291 O  O   . HOH C 3 .   ? -15.532 4.221   8.219   1.00 33.97  ? 453 HOH A O   1 
HETATM 1292 O  O   . HOH C 3 .   ? 11.555  -1.631  1.813   1.00 54.02  ? 454 HOH A O   1 
HETATM 1293 O  O   . HOH C 3 .   ? 5.676   -3.993  -14.446 1.00 37.01  ? 455 HOH A O   1 
HETATM 1294 O  O   . HOH C 3 .   ? 2.555   -8.712  -7.830  1.00 31.40  ? 456 HOH A O   1 
HETATM 1295 O  O   . HOH C 3 .   ? -3.765  -13.260 -5.247  1.00 44.13  ? 457 HOH A O   1 
HETATM 1296 O  O   . HOH C 3 .   ? -7.246  -0.025  18.619  1.00 32.19  ? 458 HOH A O   1 
HETATM 1297 O  O   . HOH C 3 .   ? -7.355  10.946  -5.909  1.00 34.46  ? 459 HOH A O   1 
HETATM 1298 O  O   . HOH C 3 .   ? 4.365   2.381   16.721  1.00 31.03  ? 460 HOH A O   1 
HETATM 1299 O  O   . HOH C 3 .   ? 17.277  -3.454  -9.315  1.00 39.32  ? 461 HOH A O   1 
HETATM 1300 O  O   . HOH C 3 .   ? 11.316  -1.414  -16.924 1.00 43.74  ? 462 HOH A O   1 
HETATM 1301 O  O   . HOH C 3 .   ? -10.482 -8.947  9.890   1.00 45.00  ? 463 HOH A O   1 
HETATM 1302 O  O   . HOH C 3 .   ? 17.603  0.256   -3.867  1.00 56.66  ? 464 HOH A O   1 
HETATM 1303 O  O   . HOH C 3 .   ? -0.478  -12.364 0.311   1.00 38.61  ? 465 HOH A O   1 
HETATM 1304 O  O   . HOH C 3 .   ? -13.566 13.229  5.592   1.00 38.78  ? 466 HOH A O   1 
HETATM 1305 O  O   . HOH C 3 .   ? -2.846  -0.127  -14.927 1.00 40.53  ? 467 HOH A O   1 
HETATM 1306 O  O   . HOH C 3 .   ? -14.197 1.167   14.423  1.00 32.18  ? 468 HOH A O   1 
HETATM 1307 O  O   . HOH C 3 .   ? 5.282   1.223   -20.064 1.00 43.61  ? 469 HOH A O   1 
HETATM 1308 O  O   . HOH C 3 .   ? -6.472  14.608  3.369   1.00 41.30  ? 470 HOH A O   1 
HETATM 1309 O  O   . HOH C 3 .   ? -0.451  -11.902 -13.221 1.00 44.01  ? 471 HOH A O   1 
HETATM 1310 O  O   . HOH C 3 .   ? -8.825  10.500  -2.035  1.00 46.04  ? 472 HOH A O   1 
HETATM 1311 O  O   . HOH C 3 .   ? -6.800  -12.604 10.877  1.00 54.32  ? 473 HOH A O   1 
HETATM 1312 O  O   . HOH C 3 .   ? 14.953  -10.386 -9.601  1.00 63.92  ? 474 HOH A O   1 
HETATM 1313 O  O   . HOH C 3 .   ? -10.037 8.182   -12.958 1.00 54.05  ? 475 HOH A O   1 
HETATM 1314 O  O   . HOH C 3 .   ? -17.903 9.658   -8.183  1.00 65.72  ? 476 HOH A O   1 
HETATM 1315 O  O   . HOH C 3 .   ? 4.339   -4.881  8.513   1.00 34.68  ? 477 HOH A O   1 
HETATM 1316 O  O   . HOH C 3 .   ? -5.206  -3.359  -14.128 1.00 57.86  ? 478 HOH A O   1 
HETATM 1317 O  O   . HOH C 3 .   ? -15.059 2.734   -6.850  1.00 48.31  ? 479 HOH A O   1 
HETATM 1318 O  O   . HOH C 3 .   ? -10.560 -14.765 1.274   1.00 60.15  ? 480 HOH A O   1 
HETATM 1319 O  O   . HOH C 3 .   ? 4.034   -7.211  -8.766  1.00 34.59  ? 481 HOH A O   1 
HETATM 1320 O  O   . HOH C 3 .   ? 8.396   10.287  2.769   1.00 42.74  ? 482 HOH A O   1 
HETATM 1321 O  O   . HOH C 3 .   ? -9.891  -5.284  17.303  1.00 49.73  ? 483 HOH A O   1 
HETATM 1322 O  O   . HOH C 3 .   ? -13.569 -6.506  -8.775  1.00 44.89  ? 484 HOH A O   1 
HETATM 1323 O  O   . HOH C 3 .   ? 16.361  4.520   -4.421  1.00 47.61  ? 485 HOH A O   1 
HETATM 1324 O  O   . HOH C 3 .   ? -13.414 10.825  13.692  1.00 38.89  ? 486 HOH A O   1 
HETATM 1325 O  O   . HOH C 3 .   ? -14.969 9.779   0.864   1.00 39.40  ? 487 HOH A O   1 
HETATM 1326 O  O   . HOH C 3 .   ? 11.540  -16.501 13.125  1.00 63.55  ? 488 HOH A O   1 
HETATM 1327 O  O   . HOH C 3 .   ? 5.213   -16.279 -2.287  1.00 68.51  ? 489 HOH A O   1 
HETATM 1328 O  O   . HOH C 3 .   ? 3.201   -14.217 4.629   1.00 41.11  ? 490 HOH A O   1 
HETATM 1329 O  O   . HOH C 3 .   ? -17.014 9.416   3.395   1.00 59.92  ? 491 HOH A O   1 
HETATM 1330 O  O   . HOH C 3 .   ? 2.485   -12.439 -8.698  1.00 82.06  ? 492 HOH A O   1 
HETATM 1331 O  O   . HOH C 3 .   ? -11.097 12.093  -8.272  1.00 52.91  ? 493 HOH A O   1 
HETATM 1332 O  O   . HOH C 3 .   ? -7.629  15.744  -0.868  1.00 40.60  ? 494 HOH A O   1 
HETATM 1333 O  O   . HOH C 3 .   ? 9.107   11.126  7.630   1.00 43.86  ? 495 HOH A O   1 
HETATM 1334 O  O   . HOH C 3 .   ? 5.861   1.008   18.839  1.00 45.59  ? 496 HOH A O   1 
HETATM 1335 O  O   . HOH C 3 .   ? -1.030  -15.069 2.250   1.00 63.96  ? 497 HOH A O   1 
HETATM 1336 O  O   . HOH C 3 .   ? -16.294 9.433   13.108  1.00 56.12  ? 498 HOH A O   1 
HETATM 1337 O  O   . HOH C 3 .   ? 14.744  -3.851  -16.906 1.00 56.08  ? 499 HOH A O   1 
HETATM 1338 O  O   . HOH C 3 .   ? -12.659 1.210   -11.124 1.00 42.57  ? 500 HOH A O   1 
HETATM 1339 O  O   . HOH C 3 .   ? -13.096 2.687   18.520  1.00 62.24  ? 501 HOH A O   1 
HETATM 1340 O  O   . HOH C 3 .   ? 0.872   12.124  11.038  1.00 40.42  ? 502 HOH A O   1 
HETATM 1341 O  O   . HOH C 3 .   ? 1.630   15.341  7.119   1.00 53.79  ? 503 HOH A O   1 
HETATM 1342 O  O   . HOH C 3 .   ? 7.308   -12.865 5.354   1.00 56.68  ? 504 HOH A O   1 
HETATM 1343 O  O   . HOH C 3 .   ? 7.041   -7.910  10.993  1.00 50.65  ? 505 HOH A O   1 
HETATM 1344 O  O   . HOH C 3 .   ? 0.445   -0.543  -19.943 1.00 49.83  ? 506 HOH A O   1 
HETATM 1345 O  O   . HOH C 3 .   ? -1.381  14.682  6.991   1.00 36.21  ? 507 HOH A O   1 
HETATM 1346 O  O   . HOH C 3 .   ? -8.460  -11.575 7.712   1.00 51.29  ? 508 HOH A O   1 
HETATM 1347 O  O   . HOH C 3 .   ? 11.826  -0.371  5.816   1.00 52.57  ? 509 HOH A O   1 
HETATM 1348 O  O   . HOH C 3 .   ? -0.815  16.977  -4.230  1.00 58.23  ? 510 HOH A O   1 
HETATM 1349 O  O   . HOH C 3 .   ? -15.727 12.933  12.457  1.00 51.75  ? 511 HOH A O   1 
HETATM 1350 O  O   . HOH C 3 .   ? -1.835  13.391  -5.825  1.00 44.99  ? 512 HOH A O   1 
HETATM 1351 O  O   . HOH C 3 .   ? 14.701  7.145   2.276   1.00 62.74  ? 513 HOH A O   1 
HETATM 1352 O  O   . HOH C 3 .   ? -6.759  -14.609 -12.651 1.00 47.06  ? 514 HOH A O   1 
HETATM 1353 O  O   . HOH C 3 .   ? 5.826   4.549   16.186  1.00 52.15  ? 515 HOH A O   1 
HETATM 1354 O  O   . HOH C 3 .   ? -8.429  -12.547 17.592  1.00 61.55  ? 516 HOH A O   1 
HETATM 1355 O  O   . HOH C 3 .   ? -18.279 -9.169  -3.114  1.00 51.24  ? 517 HOH A O   1 
HETATM 1356 O  O   . HOH C 3 .   ? -16.892 -10.672 -0.898  1.00 36.65  ? 518 HOH A O   1 
HETATM 1357 O  O   . HOH C 3 .   ? 6.176   -16.046 1.709   1.00 40.93  ? 519 HOH A O   1 
HETATM 1358 O  O   . HOH C 3 .   ? 6.990   -14.326 -8.115  1.00 65.68  ? 520 HOH A O   1 
HETATM 1359 O  O   . HOH C 3 .   ? 6.371   -8.698  -19.627 1.00 59.38  ? 521 HOH A O   1 
HETATM 1360 O  O   . HOH C 3 .   ? -13.724 12.102  -8.162  1.00 57.25  ? 522 HOH A O   1 
HETATM 1361 O  O   . HOH C 3 .   ? 0.816   -8.177  -20.380 1.00 60.08  ? 523 HOH A O   1 
HETATM 1362 O  O   . HOH C 3 .   ? -14.736 0.106   -7.279  1.00 57.48  ? 524 HOH A O   1 
HETATM 1363 O  O   . HOH C 3 .   ? 4.616   -8.985  -14.795 1.00 72.67  ? 525 HOH A O   1 
HETATM 1364 O  O   . HOH C 3 .   ? 8.653   -3.741  19.930  1.00 68.68  ? 526 HOH A O   1 
HETATM 1365 O  O   . HOH C 3 .   ? -16.181 -3.385  16.100  1.00 53.15  ? 527 HOH A O   1 
HETATM 1366 O  O   . HOH C 3 .   ? -19.968 7.803   -6.232  1.00 60.87  ? 528 HOH A O   1 
HETATM 1367 O  O   . HOH C 3 .   ? -3.868  -13.330 -7.979  1.00 43.10  ? 529 HOH A O   1 
HETATM 1368 O  O   . HOH C 3 .   ? 16.059  -5.837  -8.817  1.00 40.83  ? 530 HOH A O   1 
HETATM 1369 O  O   . HOH C 3 .   ? 18.865  0.255   -11.285 1.00 59.01  ? 531 HOH A O   1 
HETATM 1370 O  O   . HOH C 3 .   ? 3.521   -14.249 -1.658  1.00 53.21  ? 532 HOH A O   1 
HETATM 1371 O  O   . HOH C 3 .   ? 8.985   7.723   2.257   1.00 55.47  ? 533 HOH A O   1 
HETATM 1372 O  O   . HOH C 3 .   ? -3.605  2.147   -18.847 1.00 62.65  ? 534 HOH A O   1 
HETATM 1373 O  O   . HOH C 3 .   ? 17.810  -2.865  -3.680  1.00 53.28  ? 535 HOH A O   1 
HETATM 1374 O  O   . HOH C 3 .   ? 1.038   -11.559 8.672   1.00 52.66  ? 536 HOH A O   1 
HETATM 1375 O  O   . HOH C 3 .   ? 3.680   -15.977 -6.355  1.00 61.44  ? 537 HOH A O   1 
HETATM 1376 O  O   . HOH C 3 .   ? -2.456  -12.983 -15.152 1.00 54.69  ? 538 HOH A O   1 
HETATM 1377 O  O   . HOH C 3 .   ? -4.167  -8.275  21.235  1.00 73.70  ? 539 HOH A O   1 
HETATM 1378 O  O   . HOH C 3 .   ? -7.281  17.702  8.168   1.00 62.81  ? 540 HOH A O   1 
HETATM 1379 O  O   . HOH C 3 .   ? -9.984  -11.395 14.539  1.00 68.80  ? 541 HOH A O   1 
HETATM 1380 O  O   . HOH C 3 .   ? -15.659 2.524   12.603  1.00 24.55  ? 542 HOH A O   1 
HETATM 1381 O  O   . HOH C 3 .   ? 0.605   10.191  -6.937  1.00 30.16  ? 543 HOH A O   1 
HETATM 1382 O  O   . HOH C 3 .   ? -15.391 -9.611  -7.985  1.00 55.53  ? 544 HOH A O   1 
HETATM 1383 O  O   . HOH C 3 .   ? 7.250   -15.947 -4.073  1.00 45.64  ? 545 HOH A O   1 
HETATM 1384 O  O   . HOH C 3 .   ? 5.095   -4.897  13.015  1.00 46.19  ? 546 HOH A O   1 
HETATM 1385 O  O   . HOH C 3 .   ? -13.580 -11.342 -8.755  1.00 57.29  ? 547 HOH A O   1 
HETATM 1386 O  O   . HOH C 3 .   ? -4.732  9.461   -16.126 1.00 48.86  ? 548 HOH A O   1 
HETATM 1387 O  O   . HOH C 3 .   ? -19.135 0.884   6.491   1.00 48.45  ? 549 HOH A O   1 
HETATM 1388 O  O   . HOH C 3 .   ? -6.099  10.333  -14.013 1.00 47.67  ? 550 HOH A O   1 
HETATM 1389 O  O   . HOH C 3 .   ? -12.402 -12.824 3.063   1.00 39.16  ? 551 HOH A O   1 
HETATM 1390 O  O   . HOH C 3 .   ? -4.664  13.875  -6.022  1.00 49.76  ? 552 HOH A O   1 
HETATM 1391 O  O   . HOH C 3 .   ? -18.835 3.006   -9.680  1.00 67.72  ? 553 HOH A O   1 
HETATM 1392 O  O   . HOH C 3 .   ? -7.982  5.335   -15.320 1.00 42.42  ? 554 HOH A O   1 
HETATM 1393 O  O   . HOH C 3 .   ? 10.592  14.085  1.281   1.00 49.72  ? 555 HOH A O   1 
HETATM 1394 O  O   . HOH C 3 .   ? -16.838 7.028   12.014  1.00 53.29  ? 556 HOH A O   1 
HETATM 1395 O  O   . HOH C 3 .   ? 17.404  15.615  12.816  1.00 66.95  ? 557 HOH A O   1 
HETATM 1396 O  O   . HOH C 3 .   ? 2.464   16.757  11.576  1.00 75.99  ? 558 HOH A O   1 
HETATM 1397 O  O   . HOH C 3 .   ? 10.504  -10.454 12.127  1.00 53.16  ? 559 HOH A O   1 
HETATM 1398 O  O   . HOH C 3 .   ? 17.047  -5.520  -4.618  1.00 45.61  ? 560 HOH A O   1 
HETATM 1399 O  O   . HOH C 3 .   ? 17.548  -3.806  -0.031  1.00 53.78  ? 561 HOH A O   1 
HETATM 1400 O  O   . HOH C 3 .   ? -19.283 3.178   -4.030  1.00 78.69  ? 562 HOH A O   1 
HETATM 1401 O  O   . HOH C 3 .   ? 10.037  14.282  12.086  1.00 47.86  ? 563 HOH A O   1 
HETATM 1402 O  O   . HOH C 3 .   ? -7.282  -9.665  12.545  1.00 58.53  ? 564 HOH A O   1 
HETATM 1403 O  O   . HOH C 3 .   ? 4.629   -0.034  -22.318 1.00 45.12  ? 565 HOH A O   1 
HETATM 1404 O  O   . HOH C 3 .   ? 19.146  21.201  0.127   1.00 53.36  ? 566 HOH A O   1 
HETATM 1405 O  O   . HOH C 3 .   ? 14.905  5.912   -8.384  1.00 46.27  ? 567 HOH A O   1 
HETATM 1406 O  O   . HOH C 3 .   ? 17.457  9.488   0.617   1.00 64.85  ? 568 HOH A O   1 
HETATM 1407 O  O   . HOH C 3 .   ? -17.962 9.666   10.244  1.00 63.01  ? 569 HOH A O   1 
HETATM 1408 O  O   . HOH C 3 .   ? 27.510  11.952  7.887   1.00 57.31  ? 570 HOH A O   1 
HETATM 1409 O  O   . HOH C 3 .   ? 5.728   18.629  13.232  1.00 60.36  ? 571 HOH A O   1 
HETATM 1410 O  O   . HOH C 3 .   ? 20.453  20.798  2.421   1.00 47.70  ? 572 HOH A O   1 
HETATM 1411 O  O   . HOH C 3 .   ? 11.086  3.357   10.799  1.00 58.22  ? 573 HOH A O   1 
HETATM 1412 O  O   . HOH C 3 .   ? 14.420  5.112   -10.950 1.00 52.04  ? 574 HOH A O   1 
HETATM 1413 O  O   . HOH C 3 .   ? -6.865  -20.132 10.536  1.00 62.26  ? 575 HOH A O   1 
HETATM 1414 O  O   . HOH C 3 .   ? -8.217  13.240  15.189  1.00 52.20  ? 576 HOH A O   1 
HETATM 1415 O  O   . HOH C 3 .   ? 12.186  -15.981 6.786   1.00 22.72  ? 577 HOH A O   1 
HETATM 1416 O  O   . HOH C 3 .   ? -18.161 -3.570  1.801   1.00 26.08  ? 578 HOH A O   1 
HETATM 1417 O  O   . HOH C 3 .   ? 14.571  -10.419 10.631  1.00 28.30  ? 579 HOH A O   1 
HETATM 1418 O  O   . HOH C 3 .   ? -4.864  14.929  8.732   1.00 60.84  ? 580 HOH A O   1 
HETATM 1419 O  O   . HOH C 3 .   ? -15.787 -0.713  15.517  1.00 44.70  ? 581 HOH A O   1 
HETATM 1420 O  O   . HOH C 3 .   ? -16.812 5.608   3.553   1.00 46.27  ? 582 HOH A O   1 
HETATM 1421 O  O   . HOH C 3 .   ? 13.737  0.394   0.479   1.00 63.31  ? 583 HOH A O   1 
HETATM 1422 O  O   . HOH C 3 .   ? 9.448   -0.083  14.672  1.00 63.55  ? 584 HOH A O   1 
HETATM 1423 O  O   . HOH C 3 .   ? 10.000  5.063   8.972   1.00 61.77  ? 585 HOH A O   1 
HETATM 1424 O  O   . HOH C 3 .   ? 6.263   -1.792  15.281  1.00 61.49  ? 586 HOH A O   1 
HETATM 1425 O  O   . HOH C 3 .   ? 10.319  -1.573  7.769   1.00 47.14  ? 587 HOH A O   1 
HETATM 1426 O  O   . HOH C 3 .   ? 6.323   1.504   21.473  1.00 63.02  ? 588 HOH A O   1 
HETATM 1427 O  O   . HOH C 3 .   ? -6.931  -12.242 -13.955 1.00 56.78  ? 589 HOH A O   1 
HETATM 1428 O  O   . HOH C 3 .   ? -17.031 0.872   8.167   1.00 54.37  ? 590 HOH A O   1 
HETATM 1429 O  O   . HOH C 3 .   ? 5.923   -15.174 4.424   1.00 54.30  ? 591 HOH A O   1 
HETATM 1430 O  O   . HOH C 3 .   ? -18.957 -3.516  17.498  1.00 60.01  ? 592 HOH A O   1 
HETATM 1431 O  O   . HOH C 3 .   ? 10.502  12.307  15.144  1.00 64.31  ? 593 HOH A O   1 
HETATM 1432 O  O   . HOH C 3 .   ? -4.330  2.434   -15.705 1.00 55.59  ? 594 HOH A O   1 
HETATM 1433 O  O   . HOH C 3 .   ? -1.197  -3.726  21.615  1.00 57.12  ? 595 HOH A O   1 
HETATM 1434 O  O   . HOH C 3 .   ? 9.149   -4.366  9.780   1.00 48.93  ? 596 HOH A O   1 
HETATM 1435 O  O   . HOH C 3 .   ? 16.410  11.181  -4.508  1.00 53.79  ? 597 HOH A O   1 
HETATM 1436 O  O   . HOH C 3 .   ? -4.808  -16.324 -4.322  1.00 60.30  ? 598 HOH A O   1 
HETATM 1437 O  O   . HOH C 3 .   ? 14.404  7.511   -0.790  1.00 56.57  ? 599 HOH A O   1 
HETATM 1438 O  O   . HOH C 3 .   ? 8.740   -4.140  12.436  1.00 74.83  ? 600 HOH A O   1 
HETATM 1439 O  O   . HOH C 3 .   ? -1.938  16.031  -6.501  1.00 64.60  ? 601 HOH A O   1 
HETATM 1440 O  O   . HOH C 3 .   ? 15.122  11.104  -1.996  1.00 68.71  ? 602 HOH A O   1 
HETATM 1441 O  O   . HOH C 3 .   ? 32.777  17.886  11.994  1.00 54.71  ? 603 HOH A O   1 
HETATM 1442 O  O   . HOH C 3 .   ? -10.580 14.593  15.290  1.00 52.79  ? 604 HOH A O   1 
HETATM 1443 O  O   . HOH C 3 .   ? 10.440  0.684   9.472   1.00 61.02  ? 605 HOH A O   1 
HETATM 1444 O  O   . HOH C 3 .   ? -12.905 -9.236  -11.770 1.00 51.38  ? 606 HOH A O   1 
HETATM 1445 O  O   . HOH C 3 .   ? 14.664  20.694  10.341  1.00 67.05  ? 607 HOH A O   1 
HETATM 1446 O  O   . HOH C 3 .   ? 18.092  -1.985  -14.869 1.00 64.66  ? 608 HOH A O   1 
HETATM 1447 O  O   . HOH C 3 .   ? 31.715  7.716   5.110   1.00 60.16  ? 609 HOH A O   1 
HETATM 1448 O  O   . HOH C 3 .   ? 5.292   15.214  15.623  1.00 51.15  ? 610 HOH A O   1 
HETATM 1449 O  O   . HOH C 3 .   ? 4.183   13.260  13.531  1.00 77.47  ? 611 HOH A O   1 
HETATM 1450 O  O   . HOH C 3 .   ? 7.616   -7.863  7.821   1.00 47.64  ? 612 HOH A O   1 
HETATM 1451 O  O   . HOH C 3 .   ? -2.956  -12.821 -0.597  1.00 44.24  ? 613 HOH A O   1 
HETATM 1452 O  O   . HOH C 3 .   ? 3.938   12.548  -4.759  1.00 40.22  ? 614 HOH A O   1 
HETATM 1453 O  O   . HOH C 3 .   ? -9.792  10.667  14.776  1.00 27.93  ? 615 HOH A O   1 
HETATM 1454 O  O   . HOH C 3 .   ? -13.077 2.071   -8.631  1.00 63.56  ? 616 HOH A O   1 
HETATM 1455 O  O   . HOH C 3 .   ? -14.397 -8.510  10.928  1.00 44.74  ? 617 HOH A O   1 
HETATM 1456 O  O   . HOH C 3 .   ? 5.781   10.860  15.041  1.00 54.58  ? 618 HOH A O   1 
HETATM 1457 O  O   . HOH C 3 .   ? 7.520   13.414  14.601  1.00 55.68  ? 619 HOH A O   1 
HETATM 1458 O  O   . HOH C 3 .   ? 8.221   10.940  14.428  1.00 63.45  ? 620 HOH A O   1 
HETATM 1459 O  O   . HOH C 3 .   ? 13.085  8.888   -2.736  1.00 57.72  ? 621 HOH A O   1 
HETATM 1460 O  O   . HOH C 3 .   ? 12.095  9.431   -0.162  1.00 54.42  ? 622 HOH A O   1 
HETATM 1461 O  O   . HOH C 3 .   ? 1.848   14.759  -6.364  1.00 68.21  ? 623 HOH A O   1 
HETATM 1462 O  O   . HOH C 3 .   ? -17.430 10.383  -0.783  1.00 47.20  ? 624 HOH A O   1 
HETATM 1463 O  O   . HOH C 3 .   ? 15.778  8.223   -7.345  1.00 73.47  ? 625 HOH A O   1 
HETATM 1464 O  O   . HOH C 3 .   ? 4.127   -10.891 -12.260 1.00 54.64  ? 626 HOH A O   1 
HETATM 1465 O  O   . HOH C 3 .   ? -3.842  12.364  -10.678 1.00 59.40  ? 627 HOH A O   1 
HETATM 1466 O  O   . HOH C 3 .   ? -3.297  -15.249 -2.095  1.00 73.73  ? 628 HOH A O   1 
HETATM 1467 O  O   . HOH C 3 .   ? -6.238  6.994   -18.202 1.00 63.20  ? 629 HOH A O   1 
HETATM 1468 O  O   . HOH C 3 .   ? -6.847  -16.794 6.904   1.00 66.86  ? 630 HOH A O   1 
HETATM 1469 O  O   . HOH C 3 .   ? 5.769   -14.416 -12.755 1.00 65.54  ? 631 HOH A O   1 
# 
